data_7MXO
#
_entry.id   7MXO
#
_cell.length_a   1.00
_cell.length_b   1.00
_cell.length_c   1.00
_cell.angle_alpha   90.00
_cell.angle_beta   90.00
_cell.angle_gamma   90.00
#
_symmetry.space_group_name_H-M   'P 1'
#
loop_
_entity.id
_entity.type
_entity.pdbx_description
1 polymer 'Solute carrier family 12 member 2'
2 non-polymer 'CHLORIDE ION'
3 non-polymer 'POTASSIUM ION'
#
_entity_poly.entity_id   1
_entity_poly.type   'polypeptide(L)'
_entity_poly.pdbx_seq_one_letter_code
;KFGWIKGVLVRCMLNIWGVMLFIRLSWIVGQAGIGLSVLVIMMATVVTTITGLSTSAIATNGFVRGGGAYYLISRSLGPE
FGGAIGLIFAFANAVAVAMYVVGFAETVVELLKEHSILMIDEINDIRIIGAITVVILLGISVAGMEWEAKAQIVLLVILL
LAIGDFVIGTFIPLESKKPKGFFGYKSEIFNENFGPDFREEETFFSVFAIFFPAATGILAGANISGDLADPQSAIPKGTL
LAILITTLVYVGIAVSVGSCVVRDATGNVNDTIVTELTNCTSAACKLNFDFSSCESSPCSYGLMNNFQVMSMVSGFTPLI
SAGIFSATLSSALASLVSAPKIFQALCKDNIYPAFQMFAKGYGKNNEPLRGYILTFLIALGFILIAELNVIAPIISNFFL
ASYALINFSVFHASLAKSPGWRPAFKYYNMWISLLGAILCCIVMFVINWWAALLTYVIVLGLYIYVTYKKPDVNWGSSTQ
ALTYLNALQHSIRLSGVEDHVKNFRPQCLVMTGAPNSRPALLHLVHDFTKNVGLMICGHVHMGPRRQAMKEMSIDQAKYQ
RWLIKNKMKAFYAPVHADDLREGAQYLMQAAGLGRMKPNTLVLGFKKDWLQADMRDVDMYINLFHDAFDIQYGVVVIRLK
EGLDISHLQGQEELLSSQEKSPGTKDVVVSVEYSKKSDLDTSKPLSEKPITHKVEEEDGKTATQPLLKKESKGPIVPLNV
ADQKLLEASTQFQQKQGKNTIDVWWLFDDGGLTLLIPYLLTTKKKWKDCKIRVFIGGKINRIDHDRRAMATLLSKFRIDF
SDIMVLGDINTKPKKENIIAFEEIIEPYRLHEDDKEQDIADKMKEDEPWRITDNELELYKTKTYRQIRLNELLKEHSSTA
NIIVMSLPVARKGAVSSALYMAWLEALSKDLPPILLVRGNHQS
;
_entity_poly.pdbx_strand_id   A,B
#
# COMPACT_ATOMS: atom_id res chain seq x y z
N LYS A 1 -37.23 10.93 12.71
CA LYS A 1 -38.57 10.65 13.19
C LYS A 1 -38.57 10.12 14.63
N PHE A 2 -37.40 10.06 15.26
CA PHE A 2 -37.27 9.46 16.58
C PHE A 2 -36.64 10.39 17.61
N GLY A 3 -35.54 11.06 17.27
CA GLY A 3 -34.89 11.95 18.22
C GLY A 3 -33.88 11.23 19.08
N TRP A 4 -33.25 11.99 19.98
CA TRP A 4 -32.16 11.43 20.77
C TRP A 4 -32.64 10.26 21.61
N ILE A 5 -33.70 10.48 22.39
CA ILE A 5 -34.07 9.53 23.42
C ILE A 5 -34.62 8.25 22.81
N LYS A 6 -35.75 8.34 22.13
CA LYS A 6 -36.40 7.15 21.61
C LYS A 6 -35.68 6.55 20.41
N GLY A 7 -34.68 7.22 19.87
CA GLY A 7 -34.02 6.75 18.68
C GLY A 7 -32.70 6.06 18.94
N VAL A 8 -31.92 6.57 19.89
CA VAL A 8 -30.60 6.05 20.20
C VAL A 8 -30.51 5.63 21.66
N LEU A 9 -30.91 6.49 22.59
CA LEU A 9 -30.73 6.18 24.00
C LEU A 9 -31.46 4.90 24.38
N VAL A 10 -32.74 4.81 24.05
CA VAL A 10 -33.51 3.64 24.45
C VAL A 10 -32.94 2.39 23.81
N ARG A 11 -32.68 2.43 22.51
CA ARG A 11 -32.20 1.25 21.81
C ARG A 11 -30.82 0.85 22.30
N CYS A 12 -29.91 1.80 22.45
CA CYS A 12 -28.56 1.47 22.89
C CYS A 12 -28.57 0.92 24.31
N MET A 13 -29.32 1.54 25.23
CA MET A 13 -29.34 1.05 26.60
C MET A 13 -30.00 -0.32 26.71
N LEU A 14 -31.11 -0.55 26.00
CA LEU A 14 -31.75 -1.85 26.11
C LEU A 14 -30.98 -2.93 25.36
N ASN A 15 -30.13 -2.56 24.41
CA ASN A 15 -29.22 -3.53 23.83
C ASN A 15 -28.06 -3.83 24.76
N ILE A 16 -27.53 -2.81 25.44
CA ILE A 16 -26.35 -3.02 26.28
C ILE A 16 -26.68 -3.88 27.48
N TRP A 17 -27.74 -3.54 28.21
CA TRP A 17 -28.17 -4.32 29.37
C TRP A 17 -28.75 -5.64 28.87
N GLY A 18 -27.96 -6.70 28.93
CA GLY A 18 -28.36 -7.96 28.35
C GLY A 18 -28.48 -9.10 29.34
N VAL A 19 -27.58 -10.07 29.21
CA VAL A 19 -27.73 -11.32 29.94
C VAL A 19 -26.93 -11.33 31.23
N MET A 20 -25.80 -10.64 31.27
CA MET A 20 -24.86 -10.75 32.38
C MET A 20 -25.07 -9.70 33.46
N LEU A 21 -26.02 -8.79 33.29
CA LEU A 21 -26.34 -7.88 34.39
C LEU A 21 -26.92 -8.65 35.57
N PHE A 22 -27.80 -9.62 35.30
CA PHE A 22 -28.57 -10.27 36.34
C PHE A 22 -28.19 -11.73 36.57
N ILE A 23 -27.18 -12.25 35.88
CA ILE A 23 -26.82 -13.66 35.95
C ILE A 23 -25.37 -13.86 36.38
N ARG A 24 -24.43 -13.20 35.69
CA ARG A 24 -23.02 -13.45 35.95
C ARG A 24 -22.34 -12.34 36.74
N LEU A 25 -22.96 -11.17 36.91
CA LEU A 25 -22.22 -10.09 37.54
C LEU A 25 -22.01 -10.36 39.03
N SER A 26 -22.99 -10.98 39.68
CA SER A 26 -22.79 -11.41 41.06
C SER A 26 -21.61 -12.36 41.15
N TRP A 27 -21.59 -13.38 40.29
CA TRP A 27 -20.49 -14.33 40.29
C TRP A 27 -19.17 -13.66 39.92
N ILE A 28 -19.22 -12.61 39.09
CA ILE A 28 -17.98 -11.92 38.73
C ILE A 28 -17.42 -11.18 39.93
N VAL A 29 -18.25 -10.44 40.65
CA VAL A 29 -17.76 -9.79 41.86
C VAL A 29 -17.40 -10.82 42.91
N GLY A 30 -17.89 -12.05 42.79
CA GLY A 30 -17.43 -13.10 43.67
C GLY A 30 -16.02 -13.55 43.34
N GLN A 31 -15.78 -13.92 42.08
CA GLN A 31 -14.48 -14.45 41.69
C GLN A 31 -13.39 -13.42 41.93
N ALA A 32 -13.58 -12.21 41.41
CA ALA A 32 -12.68 -11.11 41.71
C ALA A 32 -13.15 -10.43 42.98
N GLY A 33 -12.44 -9.37 43.38
CA GLY A 33 -12.88 -8.54 44.48
C GLY A 33 -13.73 -7.40 43.97
N ILE A 34 -14.13 -6.53 44.90
CA ILE A 34 -14.81 -5.31 44.49
C ILE A 34 -13.88 -4.47 43.63
N GLY A 35 -12.63 -4.30 44.07
CA GLY A 35 -11.70 -3.47 43.33
C GLY A 35 -11.42 -4.01 41.95
N LEU A 36 -11.13 -5.31 41.86
CA LEU A 36 -10.77 -5.87 40.56
C LEU A 36 -11.98 -5.95 39.62
N SER A 37 -13.16 -6.25 40.15
CA SER A 37 -14.34 -6.25 39.30
C SER A 37 -14.65 -4.85 38.79
N VAL A 38 -14.46 -3.83 39.63
CA VAL A 38 -14.62 -2.46 39.18
C VAL A 38 -13.57 -2.11 38.14
N LEU A 39 -12.36 -2.61 38.30
CA LEU A 39 -11.33 -2.39 37.28
C LEU A 39 -11.72 -3.05 35.96
N VAL A 40 -12.30 -4.25 36.03
CA VAL A 40 -12.78 -4.93 34.82
C VAL A 40 -13.83 -4.07 34.13
N ILE A 41 -14.79 -3.57 34.90
CA ILE A 41 -15.84 -2.74 34.32
C ILE A 41 -15.25 -1.50 33.68
N MET A 42 -14.29 -0.87 34.35
CA MET A 42 -13.71 0.35 33.79
C MET A 42 -12.91 0.06 32.52
N MET A 43 -12.22 -1.08 32.46
CA MET A 43 -11.48 -1.42 31.24
C MET A 43 -12.42 -1.64 30.07
N ALA A 44 -13.49 -2.40 30.30
CA ALA A 44 -14.48 -2.60 29.24
C ALA A 44 -15.08 -1.27 28.82
N THR A 45 -15.34 -0.38 29.78
CA THR A 45 -15.88 0.93 29.44
C THR A 45 -14.89 1.75 28.63
N VAL A 46 -13.60 1.66 28.93
CA VAL A 46 -12.61 2.39 28.15
C VAL A 46 -12.62 1.92 26.71
N VAL A 47 -12.59 0.60 26.51
CA VAL A 47 -12.61 0.08 25.15
C VAL A 47 -13.86 0.54 24.41
N THR A 48 -15.02 0.38 25.06
CA THR A 48 -16.26 0.70 24.38
C THR A 48 -16.42 2.20 24.15
N THR A 49 -15.90 3.05 25.04
CA THR A 49 -16.05 4.48 24.83
C THR A 49 -15.12 4.99 23.73
N ILE A 50 -13.92 4.42 23.62
CA ILE A 50 -13.07 4.78 22.48
C ILE A 50 -13.75 4.36 21.18
N THR A 51 -14.32 3.15 21.15
CA THR A 51 -15.04 2.75 19.95
C THR A 51 -16.25 3.64 19.71
N GLY A 52 -16.88 4.13 20.78
CA GLY A 52 -18.01 5.03 20.60
C GLY A 52 -17.60 6.35 19.98
N LEU A 53 -16.47 6.89 20.41
CA LEU A 53 -15.96 8.11 19.78
C LEU A 53 -15.66 7.88 18.31
N SER A 54 -15.03 6.75 17.98
CA SER A 54 -14.71 6.50 16.57
C SER A 54 -15.98 6.29 15.74
N THR A 55 -16.97 5.58 16.27
CA THR A 55 -18.23 5.42 15.56
C THR A 55 -18.91 6.76 15.36
N SER A 56 -18.87 7.62 16.37
CA SER A 56 -19.43 8.96 16.20
C SER A 56 -18.71 9.72 15.11
N ALA A 57 -17.37 9.63 15.08
CA ALA A 57 -16.62 10.33 14.05
C ALA A 57 -17.01 9.83 12.66
N ILE A 58 -17.22 8.52 12.52
CA ILE A 58 -17.70 7.99 11.24
C ILE A 58 -19.08 8.57 10.93
N ALA A 59 -19.97 8.60 11.91
CA ALA A 59 -21.36 8.93 11.65
C ALA A 59 -21.61 10.42 11.43
N THR A 60 -20.64 11.28 11.70
CA THR A 60 -20.83 12.72 11.56
C THR A 60 -20.45 13.24 10.18
N ASN A 61 -20.07 12.37 9.25
CA ASN A 61 -19.77 12.81 7.90
C ASN A 61 -21.09 13.05 7.14
N GLY A 62 -20.96 13.51 5.90
CA GLY A 62 -22.13 13.90 5.13
C GLY A 62 -22.96 12.74 4.62
N PHE A 63 -22.37 11.55 4.51
CA PHE A 63 -23.07 10.39 3.96
C PHE A 63 -24.16 9.97 4.93
N VAL A 64 -25.40 10.36 4.62
CA VAL A 64 -26.53 10.15 5.51
C VAL A 64 -27.74 9.55 4.80
N ARG A 65 -27.64 9.24 3.51
CA ARG A 65 -28.81 8.87 2.73
C ARG A 65 -29.27 7.44 3.04
N GLY A 66 -28.40 6.46 2.80
CA GLY A 66 -28.84 5.07 2.82
C GLY A 66 -29.43 4.63 4.15
N GLY A 67 -28.82 5.04 5.26
CA GLY A 67 -29.32 4.68 6.56
C GLY A 67 -29.13 3.23 6.92
N GLY A 68 -27.88 2.84 7.16
CA GLY A 68 -27.57 1.50 7.65
C GLY A 68 -26.18 1.49 8.23
N ALA A 69 -25.98 0.60 9.20
CA ALA A 69 -24.66 0.52 9.84
C ALA A 69 -23.59 0.16 8.82
N TYR A 70 -23.68 -1.06 8.26
CA TYR A 70 -22.70 -1.45 7.26
C TYR A 70 -22.65 -0.45 6.12
N TYR A 71 -23.81 0.07 5.72
CA TYR A 71 -23.83 1.15 4.75
C TYR A 71 -22.93 2.29 5.20
N LEU A 72 -23.07 2.70 6.46
CA LEU A 72 -22.32 3.85 6.96
C LEU A 72 -20.82 3.58 6.89
N ILE A 73 -20.37 2.46 7.46
CA ILE A 73 -18.94 2.17 7.46
C ILE A 73 -18.42 2.06 6.03
N SER A 74 -19.17 1.38 5.16
CA SER A 74 -18.70 1.14 3.80
C SER A 74 -18.59 2.44 3.02
N ARG A 75 -19.58 3.33 3.13
CA ARG A 75 -19.56 4.55 2.34
C ARG A 75 -18.56 5.57 2.89
N SER A 76 -18.44 5.68 4.22
CA SER A 76 -17.50 6.64 4.77
C SER A 76 -16.05 6.19 4.58
N LEU A 77 -15.79 4.89 4.65
CA LEU A 77 -14.46 4.32 4.56
C LEU A 77 -14.35 3.44 3.31
N GLY A 78 -13.23 2.74 3.19
CA GLY A 78 -12.98 1.94 2.02
C GLY A 78 -13.96 0.79 1.89
N PRO A 79 -14.26 0.36 0.66
CA PRO A 79 -15.11 -0.83 0.50
C PRO A 79 -14.51 -2.09 1.10
N GLU A 80 -13.18 -2.23 1.09
CA GLU A 80 -12.56 -3.42 1.66
C GLU A 80 -12.76 -3.48 3.18
N PHE A 81 -12.47 -2.38 3.86
CA PHE A 81 -12.73 -2.32 5.30
C PHE A 81 -14.21 -2.49 5.59
N GLY A 82 -15.06 -1.86 4.77
CA GLY A 82 -16.49 -2.02 4.96
C GLY A 82 -16.91 -3.47 4.91
N GLY A 83 -16.42 -4.20 3.90
CA GLY A 83 -16.79 -5.60 3.76
C GLY A 83 -16.28 -6.45 4.92
N ALA A 84 -15.01 -6.24 5.31
CA ALA A 84 -14.45 -7.03 6.40
C ALA A 84 -15.24 -6.80 7.69
N ILE A 85 -15.47 -5.54 8.05
CA ILE A 85 -16.19 -5.22 9.27
C ILE A 85 -17.61 -5.75 9.19
N GLY A 86 -18.26 -5.62 8.03
CA GLY A 86 -19.62 -6.10 7.91
C GLY A 86 -19.73 -7.59 8.16
N LEU A 87 -18.84 -8.36 7.53
CA LEU A 87 -18.89 -9.81 7.72
C LEU A 87 -18.61 -10.19 9.17
N ILE A 88 -17.56 -9.61 9.76
CA ILE A 88 -17.19 -10.00 11.12
C ILE A 88 -18.30 -9.64 12.09
N PHE A 89 -18.88 -8.44 11.94
CA PHE A 89 -19.95 -8.02 12.82
C PHE A 89 -21.20 -8.86 12.65
N ALA A 90 -21.52 -9.25 11.40
CA ALA A 90 -22.66 -10.11 11.19
C ALA A 90 -22.48 -11.43 11.93
N PHE A 91 -21.29 -12.03 11.83
CA PHE A 91 -21.06 -13.28 12.55
C PHE A 91 -21.14 -13.05 14.06
N ALA A 92 -20.57 -11.96 14.55
CA ALA A 92 -20.59 -11.71 15.98
C ALA A 92 -22.03 -11.62 16.49
N ASN A 93 -22.90 -10.93 15.76
CA ASN A 93 -24.30 -10.85 16.17
C ASN A 93 -24.97 -12.21 16.11
N ALA A 94 -24.65 -13.01 15.09
CA ALA A 94 -25.24 -14.34 14.99
C ALA A 94 -24.89 -15.18 16.21
N VAL A 95 -23.68 -15.04 16.73
CA VAL A 95 -23.31 -15.78 17.94
C VAL A 95 -23.95 -15.17 19.18
N ALA A 96 -24.06 -13.84 19.22
CA ALA A 96 -24.66 -13.20 20.38
C ALA A 96 -26.10 -13.63 20.57
N VAL A 97 -26.82 -13.91 19.48
CA VAL A 97 -28.17 -14.45 19.60
C VAL A 97 -28.14 -15.74 20.41
N ALA A 98 -27.18 -16.60 20.10
CA ALA A 98 -27.07 -17.86 20.84
C ALA A 98 -26.78 -17.60 22.31
N MET A 99 -25.90 -16.64 22.60
CA MET A 99 -25.59 -16.35 24.00
C MET A 99 -26.83 -15.94 24.77
N TYR A 100 -27.57 -14.95 24.25
CA TYR A 100 -28.72 -14.45 25.00
C TYR A 100 -29.78 -15.53 25.14
N VAL A 101 -30.00 -16.33 24.10
CA VAL A 101 -30.97 -17.41 24.21
C VAL A 101 -30.53 -18.43 25.26
N VAL A 102 -29.22 -18.70 25.35
CA VAL A 102 -28.75 -19.64 26.36
C VAL A 102 -29.02 -19.09 27.75
N GLY A 103 -28.80 -17.78 27.93
CA GLY A 103 -29.11 -17.19 29.23
C GLY A 103 -30.58 -17.30 29.58
N PHE A 104 -31.45 -17.02 28.62
CA PHE A 104 -32.88 -17.21 28.83
C PHE A 104 -33.21 -18.65 29.20
N ALA A 105 -32.62 -19.61 28.49
CA ALA A 105 -32.88 -21.01 28.78
C ALA A 105 -32.41 -21.38 30.17
N GLU A 106 -31.24 -20.90 30.57
CA GLU A 106 -30.71 -21.23 31.89
C GLU A 106 -31.62 -20.69 32.98
N THR A 107 -32.06 -19.43 32.84
CA THR A 107 -32.95 -18.86 33.84
C THR A 107 -34.26 -19.62 33.92
N VAL A 108 -34.87 -19.93 32.78
CA VAL A 108 -36.17 -20.58 32.81
C VAL A 108 -36.06 -22.01 33.34
N VAL A 109 -34.98 -22.72 33.00
CA VAL A 109 -34.82 -24.08 33.51
C VAL A 109 -34.57 -24.06 35.00
N GLU A 110 -33.82 -23.07 35.49
CA GLU A 110 -33.68 -22.92 36.94
C GLU A 110 -35.02 -22.69 37.59
N LEU A 111 -35.85 -21.82 37.00
CA LEU A 111 -37.18 -21.58 37.56
C LEU A 111 -37.98 -22.87 37.62
N LEU A 112 -38.00 -23.63 36.53
CA LEU A 112 -38.76 -24.88 36.50
C LEU A 112 -38.22 -25.86 37.53
N LYS A 113 -36.90 -25.97 37.65
CA LYS A 113 -36.31 -26.82 38.67
C LYS A 113 -36.76 -26.40 40.05
N GLU A 114 -37.00 -25.11 40.27
CA GLU A 114 -37.58 -24.68 41.53
C GLU A 114 -38.92 -25.36 41.79
N HIS A 115 -39.65 -25.68 40.74
CA HIS A 115 -40.91 -26.42 40.83
C HIS A 115 -40.64 -27.89 40.58
N SER A 116 -41.72 -28.68 40.62
CA SER A 116 -41.59 -30.13 40.42
C SER A 116 -41.18 -30.46 38.99
N ILE A 117 -41.65 -29.69 38.00
CA ILE A 117 -41.39 -30.04 36.62
C ILE A 117 -39.90 -30.11 36.37
N LEU A 118 -39.49 -31.10 35.57
CA LEU A 118 -38.09 -31.32 35.25
C LEU A 118 -38.00 -32.23 34.05
N MET A 119 -37.28 -31.79 33.03
CA MET A 119 -37.10 -32.58 31.82
C MET A 119 -35.99 -33.60 32.14
N ILE A 120 -35.38 -34.25 31.13
CA ILE A 120 -34.33 -35.23 31.42
C ILE A 120 -33.27 -34.62 32.32
N ASP A 121 -32.78 -33.44 31.96
CA ASP A 121 -31.63 -32.86 32.65
C ASP A 121 -31.61 -31.37 32.44
N GLU A 122 -30.84 -30.69 33.29
CA GLU A 122 -30.65 -29.25 33.15
C GLU A 122 -30.02 -28.91 31.80
N ILE A 123 -28.95 -29.63 31.43
CA ILE A 123 -28.26 -29.33 30.18
C ILE A 123 -29.16 -29.63 28.99
N ASN A 124 -29.79 -30.80 28.99
CA ASN A 124 -30.65 -31.17 27.86
C ASN A 124 -31.88 -30.28 27.82
N ASP A 125 -32.41 -29.89 28.98
CA ASP A 125 -33.56 -29.00 29.00
C ASP A 125 -33.18 -27.63 28.46
N ILE A 126 -31.98 -27.15 28.78
CA ILE A 126 -31.50 -25.91 28.18
C ILE A 126 -31.40 -26.06 26.68
N ARG A 127 -30.89 -27.20 26.22
CA ARG A 127 -30.81 -27.47 24.79
C ARG A 127 -32.18 -27.31 24.12
N ILE A 128 -33.18 -28.02 24.64
CA ILE A 128 -34.49 -27.99 24.00
C ILE A 128 -35.10 -26.60 24.07
N ILE A 129 -35.04 -25.95 25.25
CA ILE A 129 -35.68 -24.65 25.38
C ILE A 129 -34.99 -23.62 24.49
N GLY A 130 -33.68 -23.70 24.36
CA GLY A 130 -32.99 -22.86 23.42
C GLY A 130 -33.47 -23.07 22.00
N ALA A 131 -33.67 -24.33 21.61
CA ALA A 131 -34.16 -24.58 20.25
C ALA A 131 -35.52 -23.94 20.02
N ILE A 132 -36.50 -24.22 20.89
CA ILE A 132 -37.82 -23.64 20.69
C ILE A 132 -37.78 -22.12 20.75
N THR A 133 -37.05 -21.55 21.70
CA THR A 133 -37.09 -20.10 21.82
C THR A 133 -36.40 -19.42 20.65
N VAL A 134 -35.32 -20.01 20.09
CA VAL A 134 -34.67 -19.37 18.96
C VAL A 134 -35.55 -19.47 17.72
N VAL A 135 -36.28 -20.59 17.54
CA VAL A 135 -37.17 -20.64 16.39
C VAL A 135 -38.32 -19.63 16.57
N ILE A 136 -38.81 -19.47 17.80
CA ILE A 136 -39.86 -18.49 18.04
C ILE A 136 -39.36 -17.08 17.78
N LEU A 137 -38.12 -16.79 18.19
CA LEU A 137 -37.54 -15.47 17.91
C LEU A 137 -37.39 -15.25 16.41
N LEU A 138 -36.98 -16.29 15.69
CA LEU A 138 -36.91 -16.17 14.23
C LEU A 138 -38.27 -15.84 13.65
N GLY A 139 -39.32 -16.53 14.11
CA GLY A 139 -40.64 -16.25 13.61
C GLY A 139 -41.08 -14.82 13.88
N ILE A 140 -40.92 -14.37 15.13
CA ILE A 140 -41.36 -13.03 15.49
C ILE A 140 -40.49 -11.95 14.87
N SER A 141 -39.28 -12.29 14.43
CA SER A 141 -38.43 -11.30 13.78
C SER A 141 -39.09 -10.73 12.54
N VAL A 142 -39.70 -11.60 11.74
CA VAL A 142 -40.38 -11.15 10.52
C VAL A 142 -41.86 -10.89 10.78
N ALA A 143 -42.52 -11.75 11.57
CA ALA A 143 -43.96 -11.58 11.78
C ALA A 143 -44.25 -10.35 12.62
N GLY A 144 -43.53 -10.17 13.72
CA GLY A 144 -43.80 -9.07 14.63
C GLY A 144 -42.89 -7.88 14.44
N MET A 145 -42.59 -7.56 13.17
CA MET A 145 -41.71 -6.43 12.89
C MET A 145 -42.43 -5.09 13.09
N GLU A 146 -43.76 -5.06 12.91
CA GLU A 146 -44.46 -3.78 12.88
C GLU A 146 -44.61 -3.16 14.26
N TRP A 147 -44.89 -3.98 15.29
CA TRP A 147 -45.24 -3.45 16.61
C TRP A 147 -44.11 -3.57 17.62
N GLU A 148 -42.89 -3.86 17.19
CA GLU A 148 -41.80 -3.97 18.15
C GLU A 148 -41.50 -2.63 18.80
N ALA A 149 -41.56 -1.54 18.03
CA ALA A 149 -41.20 -0.23 18.55
C ALA A 149 -42.09 0.17 19.72
N LYS A 150 -43.33 -0.33 19.75
CA LYS A 150 -44.20 -0.05 20.89
C LYS A 150 -43.74 -0.79 22.14
N ALA A 151 -43.44 -2.08 22.00
CA ALA A 151 -42.93 -2.85 23.14
C ALA A 151 -41.54 -2.41 23.56
N GLN A 152 -40.88 -1.59 22.75
CA GLN A 152 -39.57 -1.06 23.09
C GLN A 152 -39.55 -0.49 24.50
N ILE A 153 -40.35 0.56 24.72
CA ILE A 153 -40.35 1.23 26.02
C ILE A 153 -40.94 0.34 27.10
N VAL A 154 -41.87 -0.56 26.75
CA VAL A 154 -42.41 -1.48 27.75
C VAL A 154 -41.28 -2.31 28.34
N LEU A 155 -40.45 -2.92 27.48
CA LEU A 155 -39.34 -3.71 27.97
C LEU A 155 -38.35 -2.86 28.75
N LEU A 156 -38.06 -1.65 28.26
CA LEU A 156 -37.10 -0.82 28.98
C LEU A 156 -37.60 -0.49 30.39
N VAL A 157 -38.88 -0.12 30.52
CA VAL A 157 -39.38 0.24 31.85
C VAL A 157 -39.42 -0.98 32.75
N ILE A 158 -39.74 -2.15 32.20
CA ILE A 158 -39.72 -3.36 33.02
C ILE A 158 -38.32 -3.60 33.55
N LEU A 159 -37.30 -3.43 32.71
CA LEU A 159 -35.92 -3.63 33.16
C LEU A 159 -35.56 -2.62 34.24
N LEU A 160 -35.94 -1.35 34.06
CA LEU A 160 -35.65 -0.35 35.08
C LEU A 160 -36.33 -0.72 36.39
N LEU A 161 -37.58 -1.17 36.33
CA LEU A 161 -38.28 -1.56 37.55
C LEU A 161 -37.62 -2.75 38.21
N ALA A 162 -37.08 -3.68 37.42
CA ALA A 162 -36.37 -4.81 38.02
C ALA A 162 -35.14 -4.34 38.78
N ILE A 163 -34.36 -3.45 38.20
CA ILE A 163 -33.19 -2.94 38.91
C ILE A 163 -33.62 -2.21 40.18
N GLY A 164 -34.70 -1.43 40.08
CA GLY A 164 -35.19 -0.74 41.26
C GLY A 164 -35.60 -1.71 42.36
N ASP A 165 -36.30 -2.78 41.97
CA ASP A 165 -36.71 -3.79 42.94
C ASP A 165 -35.49 -4.39 43.63
N PHE A 166 -34.45 -4.71 42.86
CA PHE A 166 -33.25 -5.27 43.46
C PHE A 166 -32.66 -4.31 44.48
N VAL A 167 -32.47 -3.04 44.10
CA VAL A 167 -31.78 -2.13 44.98
C VAL A 167 -32.61 -1.84 46.23
N ILE A 168 -33.93 -1.75 46.09
CA ILE A 168 -34.77 -1.57 47.27
C ILE A 168 -34.70 -2.79 48.17
N GLY A 169 -34.77 -3.99 47.61
CA GLY A 169 -34.66 -5.19 48.42
C GLY A 169 -33.34 -5.26 49.16
N THR A 170 -32.28 -4.67 48.59
CA THR A 170 -31.00 -4.66 49.27
C THR A 170 -31.06 -3.98 50.63
N PHE A 171 -31.99 -3.04 50.82
CA PHE A 171 -32.01 -2.21 52.01
C PHE A 171 -32.88 -2.76 53.13
N ILE A 172 -33.46 -3.93 52.96
CA ILE A 172 -34.32 -4.51 54.00
C ILE A 172 -33.87 -5.94 54.28
N PRO A 173 -32.85 -6.15 55.12
CA PRO A 173 -32.45 -7.52 55.46
C PRO A 173 -33.58 -8.27 56.15
N LEU A 174 -33.69 -9.55 55.84
CA LEU A 174 -34.68 -10.43 56.44
C LEU A 174 -33.97 -11.63 57.05
N GLU A 175 -34.51 -12.10 58.18
CA GLU A 175 -33.90 -13.22 58.87
C GLU A 175 -33.89 -14.48 58.01
N SER A 176 -35.00 -14.76 57.33
CA SER A 176 -35.12 -16.02 56.60
C SER A 176 -34.07 -16.14 55.49
N LYS A 177 -33.58 -15.01 54.97
CA LYS A 177 -32.58 -15.03 53.93
C LYS A 177 -31.15 -15.07 54.46
N LYS A 178 -30.94 -14.63 55.70
CA LYS A 178 -29.58 -14.61 56.25
C LYS A 178 -28.88 -15.96 56.17
N PRO A 179 -29.54 -17.10 56.39
CA PRO A 179 -28.85 -18.37 56.16
C PRO A 179 -28.28 -18.49 54.76
N LYS A 180 -28.96 -17.94 53.76
CA LYS A 180 -28.45 -17.98 52.39
C LYS A 180 -27.31 -17.03 52.15
N GLY A 181 -26.70 -16.44 53.19
CA GLY A 181 -25.53 -15.61 53.02
C GLY A 181 -25.82 -14.15 52.72
N PHE A 182 -27.06 -13.73 52.78
CA PHE A 182 -27.45 -12.36 52.43
C PHE A 182 -27.66 -11.56 53.72
N PHE A 183 -26.65 -10.77 54.08
CA PHE A 183 -26.77 -9.79 55.13
C PHE A 183 -27.19 -8.46 54.51
N GLY A 184 -27.08 -7.37 55.25
CA GLY A 184 -27.28 -6.05 54.66
C GLY A 184 -26.15 -5.10 54.95
N TYR A 185 -25.40 -4.73 53.92
CA TYR A 185 -24.42 -3.65 53.97
C TYR A 185 -23.59 -3.70 55.27
N LYS A 186 -22.86 -4.79 55.43
CA LYS A 186 -22.06 -5.02 56.63
C LYS A 186 -20.59 -4.77 56.31
N SER A 187 -19.92 -4.02 57.18
CA SER A 187 -18.56 -3.57 56.89
C SER A 187 -17.59 -4.73 56.76
N GLU A 188 -17.71 -5.73 57.63
CA GLU A 188 -16.80 -6.87 57.54
C GLU A 188 -16.94 -7.58 56.21
N ILE A 189 -18.16 -7.68 55.68
CA ILE A 189 -18.36 -8.29 54.37
C ILE A 189 -17.60 -7.50 53.32
N PHE A 190 -17.68 -6.16 53.39
CA PHE A 190 -16.97 -5.34 52.41
C PHE A 190 -15.47 -5.53 52.51
N ASN A 191 -14.93 -5.53 53.72
CA ASN A 191 -13.49 -5.70 53.88
C ASN A 191 -13.04 -7.06 53.37
N GLU A 192 -13.83 -8.10 53.64
CA GLU A 192 -13.50 -9.43 53.13
C GLU A 192 -13.53 -9.46 51.61
N ASN A 193 -14.54 -8.84 51.00
CA ASN A 193 -14.78 -8.98 49.57
C ASN A 193 -13.96 -8.04 48.70
N PHE A 194 -13.14 -7.17 49.29
CA PHE A 194 -12.35 -6.27 48.48
C PHE A 194 -11.16 -6.97 47.83
N GLY A 195 -10.78 -8.14 48.32
CA GLY A 195 -9.64 -8.85 47.79
C GLY A 195 -10.04 -9.97 46.85
N PRO A 196 -9.20 -10.30 45.87
CA PRO A 196 -9.54 -11.38 44.95
C PRO A 196 -9.60 -12.74 45.64
N ASP A 197 -10.46 -13.60 45.12
CA ASP A 197 -10.50 -14.99 45.53
C ASP A 197 -10.95 -15.81 44.31
N PHE A 198 -9.98 -16.25 43.52
CA PHE A 198 -10.27 -17.01 42.30
C PHE A 198 -10.32 -18.49 42.66
N ARG A 199 -11.54 -18.99 42.88
CA ARG A 199 -11.69 -20.37 43.35
C ARG A 199 -11.26 -21.36 42.28
N GLU A 200 -11.96 -21.36 41.15
CA GLU A 200 -11.64 -22.28 40.07
C GLU A 200 -10.28 -21.87 39.48
N GLU A 201 -9.81 -22.58 38.46
CA GLU A 201 -8.57 -22.16 37.81
C GLU A 201 -8.72 -20.83 37.08
N GLU A 202 -9.92 -20.29 36.96
CA GLU A 202 -10.13 -19.05 36.22
C GLU A 202 -9.33 -17.91 36.83
N THR A 203 -8.80 -17.05 35.97
CA THR A 203 -7.96 -15.93 36.36
C THR A 203 -8.65 -14.62 35.99
N PHE A 204 -7.93 -13.51 36.20
CA PHE A 204 -8.53 -12.20 36.03
C PHE A 204 -9.08 -12.02 34.62
N PHE A 205 -8.31 -12.44 33.60
CA PHE A 205 -8.78 -12.23 32.24
C PHE A 205 -9.83 -13.23 31.82
N SER A 206 -9.95 -14.37 32.52
CA SER A 206 -11.10 -15.24 32.26
C SER A 206 -12.39 -14.54 32.65
N VAL A 207 -12.44 -13.94 33.84
CA VAL A 207 -13.65 -13.24 34.26
C VAL A 207 -13.86 -12.00 33.40
N PHE A 208 -12.79 -11.32 33.00
CA PHE A 208 -12.96 -10.18 32.09
C PHE A 208 -13.57 -10.63 30.77
N ALA A 209 -13.07 -11.72 30.20
CA ALA A 209 -13.59 -12.20 28.93
C ALA A 209 -15.05 -12.59 29.06
N ILE A 210 -15.41 -13.25 30.16
CA ILE A 210 -16.81 -13.60 30.37
C ILE A 210 -17.65 -12.33 30.49
N PHE A 211 -17.17 -11.34 31.22
CA PHE A 211 -17.98 -10.15 31.49
C PHE A 211 -18.17 -9.29 30.24
N PHE A 212 -17.17 -9.21 29.37
CA PHE A 212 -17.15 -8.19 28.34
C PHE A 212 -18.45 -8.07 27.56
N PRO A 213 -19.10 -9.14 27.11
CA PRO A 213 -20.33 -8.97 26.34
C PRO A 213 -21.45 -8.27 27.11
N ALA A 214 -21.21 -7.92 28.37
CA ALA A 214 -22.14 -7.02 29.06
C ALA A 214 -21.98 -5.58 28.60
N ALA A 215 -20.84 -5.26 27.98
CA ALA A 215 -20.54 -3.89 27.59
C ALA A 215 -20.66 -3.64 26.08
N THR A 216 -21.13 -4.62 25.32
CA THR A 216 -21.19 -4.52 23.87
C THR A 216 -22.64 -4.44 23.42
N GLY A 217 -22.88 -3.68 22.36
CA GLY A 217 -24.21 -3.47 21.85
C GLY A 217 -24.44 -2.03 21.45
N ILE A 218 -23.41 -1.19 21.57
CA ILE A 218 -23.56 0.23 21.29
C ILE A 218 -23.87 0.47 19.82
N LEU A 219 -23.20 -0.24 18.92
CA LEU A 219 -23.39 0.02 17.49
C LEU A 219 -24.81 -0.30 17.07
N ALA A 220 -25.31 -1.48 17.41
CA ALA A 220 -26.59 -1.95 16.91
C ALA A 220 -27.76 -1.17 17.46
N GLY A 221 -27.55 -0.30 18.45
CA GLY A 221 -28.67 0.47 18.97
C GLY A 221 -29.20 1.47 17.97
N ALA A 222 -28.32 2.28 17.40
CA ALA A 222 -28.71 3.42 16.59
C ALA A 222 -28.08 3.43 15.21
N ASN A 223 -26.82 3.01 15.09
CA ASN A 223 -26.16 3.05 13.80
C ASN A 223 -26.87 2.17 12.78
N ILE A 224 -27.35 0.99 13.20
CA ILE A 224 -28.05 0.12 12.25
C ILE A 224 -29.39 0.73 11.86
N SER A 225 -30.04 1.45 12.76
CA SER A 225 -31.36 1.99 12.46
C SER A 225 -31.32 2.93 11.26
N GLY A 226 -30.40 3.89 11.29
CA GLY A 226 -30.17 4.74 10.14
C GLY A 226 -31.27 5.74 9.87
N ASP A 227 -32.50 5.27 9.73
CA ASP A 227 -33.64 6.13 9.41
C ASP A 227 -34.13 6.83 10.68
N LEU A 228 -33.30 7.74 11.18
CA LEU A 228 -33.68 8.66 12.24
C LEU A 228 -33.24 10.05 11.85
N ALA A 229 -34.12 11.03 12.02
CA ALA A 229 -33.85 12.38 11.57
C ALA A 229 -32.69 12.99 12.33
N ASP A 230 -31.82 13.70 11.62
CA ASP A 230 -30.66 14.36 12.22
C ASP A 230 -29.74 13.35 12.86
N PRO A 231 -29.36 12.28 12.16
CA PRO A 231 -28.49 11.27 12.79
C PRO A 231 -27.13 11.81 13.18
N GLN A 232 -26.59 12.76 12.41
CA GLN A 232 -25.26 13.28 12.70
C GLN A 232 -25.16 13.84 14.10
N SER A 233 -26.27 14.32 14.65
CA SER A 233 -26.32 14.83 16.01
C SER A 233 -26.82 13.80 17.02
N ALA A 234 -27.73 12.92 16.61
CA ALA A 234 -28.29 11.96 17.55
C ALA A 234 -27.29 10.88 17.92
N ILE A 235 -26.56 10.34 16.94
CA ILE A 235 -25.75 9.16 17.18
C ILE A 235 -24.66 9.41 18.23
N PRO A 236 -23.84 10.44 18.11
CA PRO A 236 -22.77 10.63 19.11
C PRO A 236 -23.31 10.79 20.53
N LYS A 237 -24.21 11.76 20.70
CA LYS A 237 -24.74 12.04 22.03
C LYS A 237 -25.46 10.83 22.60
N GLY A 238 -26.31 10.20 21.79
CA GLY A 238 -27.07 9.06 22.27
C GLY A 238 -26.17 7.91 22.72
N THR A 239 -25.22 7.53 21.88
CA THR A 239 -24.37 6.39 22.25
C THR A 239 -23.46 6.71 23.42
N LEU A 240 -22.87 7.91 23.44
CA LEU A 240 -21.96 8.26 24.53
C LEU A 240 -22.69 8.58 25.82
N LEU A 241 -24.02 8.72 25.79
CA LEU A 241 -24.78 8.75 27.03
C LEU A 241 -25.21 7.36 27.47
N ALA A 242 -25.54 6.50 26.51
CA ALA A 242 -25.89 5.12 26.87
C ALA A 242 -24.72 4.45 27.56
N ILE A 243 -23.50 4.64 27.05
CA ILE A 243 -22.33 4.04 27.68
C ILE A 243 -22.24 4.50 29.14
N LEU A 244 -22.39 5.81 29.37
CA LEU A 244 -22.22 6.33 30.71
C LEU A 244 -23.26 5.78 31.66
N ILE A 245 -24.53 5.81 31.25
CA ILE A 245 -25.59 5.34 32.14
C ILE A 245 -25.38 3.87 32.48
N THR A 246 -25.13 3.04 31.46
CA THR A 246 -25.01 1.61 31.72
C THR A 246 -23.80 1.31 32.58
N THR A 247 -22.66 1.97 32.34
CA THR A 247 -21.49 1.70 33.16
C THR A 247 -21.73 2.11 34.60
N LEU A 248 -22.41 3.24 34.82
CA LEU A 248 -22.69 3.64 36.20
C LEU A 248 -23.56 2.60 36.89
N VAL A 249 -24.57 2.08 36.20
CA VAL A 249 -25.41 1.06 36.81
C VAL A 249 -24.60 -0.20 37.10
N TYR A 250 -23.66 -0.56 36.21
CA TYR A 250 -22.87 -1.76 36.43
C TYR A 250 -21.99 -1.61 37.67
N VAL A 251 -21.31 -0.47 37.81
CA VAL A 251 -20.48 -0.27 38.99
C VAL A 251 -21.34 -0.28 40.25
N GLY A 252 -22.48 0.40 40.20
CA GLY A 252 -23.35 0.43 41.38
C GLY A 252 -23.79 -0.96 41.79
N ILE A 253 -24.23 -1.76 40.83
CA ILE A 253 -24.70 -3.11 41.14
C ILE A 253 -23.56 -3.99 41.65
N ALA A 254 -22.38 -3.89 41.03
CA ALA A 254 -21.26 -4.70 41.48
C ALA A 254 -20.90 -4.38 42.93
N VAL A 255 -20.75 -3.09 43.25
CA VAL A 255 -20.38 -2.74 44.61
C VAL A 255 -21.52 -3.05 45.59
N SER A 256 -22.77 -3.02 45.13
CA SER A 256 -23.88 -3.26 46.04
C SER A 256 -24.03 -4.74 46.37
N VAL A 257 -23.83 -5.61 45.38
CA VAL A 257 -23.99 -7.04 45.65
C VAL A 257 -22.71 -7.65 46.20
N GLY A 258 -21.57 -7.00 46.01
CA GLY A 258 -20.35 -7.48 46.63
C GLY A 258 -20.17 -7.08 48.07
N SER A 259 -20.97 -6.11 48.54
CA SER A 259 -20.93 -5.65 49.92
C SER A 259 -22.19 -6.04 50.68
N CYS A 260 -22.90 -7.07 50.21
CA CYS A 260 -24.16 -7.45 50.79
C CYS A 260 -24.38 -8.95 50.87
N VAL A 261 -23.46 -9.78 50.36
CA VAL A 261 -23.61 -11.22 50.37
C VAL A 261 -22.24 -11.85 50.50
N VAL A 262 -22.17 -12.99 51.19
CA VAL A 262 -20.92 -13.66 51.47
C VAL A 262 -20.58 -14.61 50.32
N ARG A 263 -19.29 -14.97 50.21
CA ARG A 263 -18.82 -15.70 49.05
C ARG A 263 -19.53 -17.04 48.90
N ASP A 264 -19.67 -17.78 50.00
CA ASP A 264 -20.33 -19.08 49.98
C ASP A 264 -21.11 -19.29 51.26
N ALA A 265 -22.32 -19.84 51.12
CA ALA A 265 -23.26 -19.97 52.22
C ALA A 265 -23.94 -21.33 52.15
N THR A 266 -24.87 -21.55 53.08
CA THR A 266 -25.66 -22.78 53.13
C THR A 266 -27.07 -22.44 53.58
N GLY A 267 -28.06 -23.04 52.93
CA GLY A 267 -29.44 -22.77 53.26
C GLY A 267 -29.92 -23.50 54.50
N ASN A 268 -29.17 -23.39 55.58
CA ASN A 268 -29.51 -24.02 56.85
C ASN A 268 -29.31 -23.02 57.96
N VAL A 269 -30.28 -22.95 58.88
CA VAL A 269 -30.30 -21.93 59.92
C VAL A 269 -29.68 -22.45 61.22
N ASN A 270 -28.92 -23.53 61.16
CA ASN A 270 -28.38 -24.16 62.35
C ASN A 270 -26.94 -23.73 62.61
N ASP A 271 -26.50 -23.97 63.84
CA ASP A 271 -25.09 -23.81 64.26
C ASP A 271 -24.62 -22.37 64.03
N THR A 272 -25.21 -21.47 64.80
CA THR A 272 -24.71 -20.10 64.89
C THR A 272 -23.50 -20.06 65.80
N ILE A 273 -22.52 -19.22 65.43
CA ILE A 273 -21.26 -19.17 66.17
C ILE A 273 -21.36 -18.32 67.43
N VAL A 274 -22.40 -17.49 67.56
CA VAL A 274 -22.51 -16.65 68.76
C VAL A 274 -22.56 -17.51 70.02
N THR A 275 -23.09 -18.72 69.92
CA THR A 275 -23.11 -19.61 71.07
C THR A 275 -21.70 -20.07 71.43
N GLU A 276 -20.93 -20.53 70.44
CA GLU A 276 -19.57 -21.03 70.66
C GLU A 276 -18.63 -20.32 69.70
N LEU A 277 -17.62 -19.67 70.24
CA LEU A 277 -16.68 -18.84 69.48
C LEU A 277 -15.32 -19.51 69.49
N THR A 278 -14.91 -20.08 68.36
CA THR A 278 -13.58 -20.68 68.27
C THR A 278 -12.53 -19.63 67.93
N ASN A 279 -12.64 -19.02 66.75
CA ASN A 279 -11.70 -18.01 66.29
C ASN A 279 -12.42 -16.77 65.79
N CYS A 280 -13.58 -16.96 65.16
CA CYS A 280 -14.33 -15.87 64.53
C CYS A 280 -13.49 -15.18 63.47
N THR A 281 -12.64 -15.95 62.78
CA THR A 281 -11.78 -15.38 61.75
C THR A 281 -12.55 -15.00 60.49
N SER A 282 -13.60 -15.74 60.17
CA SER A 282 -14.31 -15.53 58.91
C SER A 282 -14.96 -14.15 58.88
N ALA A 283 -15.10 -13.60 57.67
CA ALA A 283 -15.75 -12.32 57.50
C ALA A 283 -17.21 -12.36 57.93
N ALA A 284 -17.80 -13.55 58.02
CA ALA A 284 -19.16 -13.72 58.53
C ALA A 284 -19.19 -13.97 60.04
N CYS A 285 -18.20 -13.45 60.77
CA CYS A 285 -18.13 -13.66 62.21
C CYS A 285 -19.38 -13.15 62.92
N LYS A 286 -20.12 -12.23 62.31
CA LYS A 286 -21.32 -11.70 62.95
C LYS A 286 -22.29 -12.82 63.30
N LEU A 287 -22.62 -13.68 62.33
CA LEU A 287 -23.50 -14.82 62.56
C LEU A 287 -22.77 -16.13 62.35
N ASN A 288 -22.18 -16.36 61.19
CA ASN A 288 -21.47 -17.59 60.87
C ASN A 288 -22.39 -18.81 61.04
N PHE A 289 -23.42 -18.84 60.21
CA PHE A 289 -24.37 -19.94 60.25
C PHE A 289 -23.74 -21.21 59.71
N ASP A 290 -22.69 -21.71 60.38
CA ASP A 290 -22.04 -22.95 59.99
C ASP A 290 -21.45 -22.88 58.57
N PHE A 291 -21.00 -21.69 58.15
CA PHE A 291 -20.37 -21.58 56.84
C PHE A 291 -18.93 -22.07 56.84
N SER A 292 -18.33 -22.29 58.02
CA SER A 292 -16.98 -22.85 58.07
C SER A 292 -16.94 -24.24 57.46
N SER A 293 -18.01 -25.02 57.66
CA SER A 293 -18.10 -26.33 57.02
C SER A 293 -18.20 -26.21 55.51
N CYS A 294 -18.48 -25.02 54.99
CA CYS A 294 -18.59 -24.84 53.55
C CYS A 294 -17.23 -24.61 52.88
N GLU A 295 -16.18 -24.39 53.67
CA GLU A 295 -14.84 -24.26 53.08
C GLU A 295 -14.36 -25.59 52.53
N SER A 296 -14.61 -26.68 53.26
CA SER A 296 -14.14 -27.99 52.81
C SER A 296 -14.86 -28.44 51.56
N SER A 297 -16.18 -28.23 51.48
CA SER A 297 -17.00 -28.71 50.38
C SER A 297 -17.82 -27.57 49.81
N PRO A 298 -18.12 -27.59 48.52
CA PRO A 298 -18.97 -26.56 47.94
C PRO A 298 -20.40 -26.68 48.45
N CYS A 299 -21.12 -25.57 48.37
CA CYS A 299 -22.48 -25.47 48.90
C CYS A 299 -23.42 -24.92 47.84
N SER A 300 -24.68 -25.31 47.94
CA SER A 300 -25.67 -24.97 46.93
C SER A 300 -26.06 -23.49 46.93
N TYR A 301 -25.63 -22.72 47.93
CA TYR A 301 -26.01 -21.32 48.04
C TYR A 301 -24.78 -20.49 48.39
N GLY A 302 -24.86 -19.20 48.09
CA GLY A 302 -23.77 -18.29 48.32
C GLY A 302 -23.60 -17.32 47.17
N LEU A 303 -22.55 -16.52 47.20
CA LEU A 303 -22.31 -15.58 46.11
C LEU A 303 -21.53 -16.24 44.98
N MET A 304 -20.67 -17.21 45.30
CA MET A 304 -19.90 -17.94 44.29
C MET A 304 -20.69 -19.08 43.66
N ASN A 305 -21.45 -19.82 44.46
CA ASN A 305 -22.07 -21.05 43.97
C ASN A 305 -23.39 -20.79 43.27
N ASN A 306 -24.16 -19.81 43.72
CA ASN A 306 -25.49 -19.54 43.19
C ASN A 306 -25.40 -18.43 42.15
N PHE A 307 -25.97 -18.68 40.98
CA PHE A 307 -25.95 -17.73 39.87
C PHE A 307 -27.23 -16.92 39.77
N GLN A 308 -28.04 -16.90 40.82
CA GLN A 308 -29.24 -16.07 40.86
C GLN A 308 -29.35 -15.37 42.20
N VAL A 309 -28.24 -14.76 42.63
CA VAL A 309 -28.27 -13.95 43.84
C VAL A 309 -29.17 -12.73 43.64
N MET A 310 -29.13 -12.14 42.45
CA MET A 310 -29.95 -10.96 42.20
C MET A 310 -31.43 -11.26 42.38
N SER A 311 -31.83 -12.51 42.18
CA SER A 311 -33.21 -12.90 42.41
C SER A 311 -33.50 -13.26 43.85
N MET A 312 -32.48 -13.34 44.70
CA MET A 312 -32.67 -13.65 46.11
C MET A 312 -32.73 -12.38 46.95
N VAL A 313 -31.69 -11.55 46.88
CA VAL A 313 -31.65 -10.32 47.67
C VAL A 313 -32.81 -9.40 47.32
N SER A 314 -33.31 -9.49 46.09
CA SER A 314 -34.36 -8.58 45.68
C SER A 314 -35.68 -8.92 46.38
N GLY A 315 -36.57 -7.92 46.44
CA GLY A 315 -37.79 -8.02 47.21
C GLY A 315 -38.83 -8.97 46.67
N PHE A 316 -39.31 -8.72 45.45
CA PHE A 316 -40.36 -9.51 44.82
C PHE A 316 -39.75 -10.25 43.64
N THR A 317 -39.44 -11.53 43.84
CA THR A 317 -38.65 -12.27 42.85
C THR A 317 -39.30 -12.30 41.46
N PRO A 318 -40.61 -12.51 41.30
CA PRO A 318 -41.18 -12.55 39.96
C PRO A 318 -40.86 -11.32 39.13
N LEU A 319 -40.79 -10.14 39.75
CA LEU A 319 -40.44 -8.95 38.98
C LEU A 319 -39.04 -9.08 38.39
N ILE A 320 -38.09 -9.63 39.15
CA ILE A 320 -36.73 -9.77 38.65
C ILE A 320 -36.66 -10.85 37.59
N SER A 321 -37.46 -11.92 37.74
CA SER A 321 -37.54 -12.90 36.68
C SER A 321 -38.05 -12.27 35.38
N ALA A 322 -39.09 -11.45 35.48
CA ALA A 322 -39.60 -10.76 34.29
C ALA A 322 -38.55 -9.82 33.72
N GLY A 323 -37.79 -9.14 34.59
CA GLY A 323 -36.74 -8.28 34.09
C GLY A 323 -35.69 -9.04 33.31
N ILE A 324 -35.27 -10.19 33.82
CA ILE A 324 -34.27 -10.99 33.12
C ILE A 324 -34.81 -11.45 31.77
N PHE A 325 -36.05 -11.94 31.75
CA PHE A 325 -36.66 -12.34 30.48
C PHE A 325 -36.65 -11.18 29.50
N SER A 326 -37.06 -10.00 29.97
CA SER A 326 -37.15 -8.84 29.08
C SER A 326 -35.80 -8.48 28.51
N ALA A 327 -34.79 -8.32 29.37
CA ALA A 327 -33.48 -7.89 28.90
C ALA A 327 -32.90 -8.90 27.91
N THR A 328 -32.93 -10.19 28.26
CA THR A 328 -32.35 -11.20 27.40
C THR A 328 -33.07 -11.27 26.06
N LEU A 329 -34.40 -11.31 26.08
CA LEU A 329 -35.14 -11.40 24.82
C LEU A 329 -34.92 -10.17 23.96
N SER A 330 -34.93 -8.97 24.56
CA SER A 330 -34.76 -7.77 23.76
C SER A 330 -33.40 -7.75 23.08
N SER A 331 -32.35 -8.07 23.83
CA SER A 331 -31.02 -8.08 23.22
C SER A 331 -30.91 -9.16 22.14
N ALA A 332 -31.48 -10.34 22.41
CA ALA A 332 -31.44 -11.41 21.42
C ALA A 332 -32.14 -11.01 20.15
N LEU A 333 -33.32 -10.40 20.27
CA LEU A 333 -34.06 -9.97 19.08
C LEU A 333 -33.31 -8.89 18.32
N ALA A 334 -32.69 -7.95 19.04
CA ALA A 334 -31.93 -6.91 18.36
C ALA A 334 -30.81 -7.53 17.53
N SER A 335 -30.06 -8.45 18.12
CA SER A 335 -28.97 -9.08 17.38
C SER A 335 -29.50 -9.90 16.21
N LEU A 336 -30.60 -10.63 16.41
CA LEU A 336 -31.13 -11.51 15.38
C LEU A 336 -31.76 -10.75 14.23
N VAL A 337 -32.19 -9.51 14.45
CA VAL A 337 -32.67 -8.69 13.33
C VAL A 337 -31.57 -7.85 12.72
N SER A 338 -30.49 -7.58 13.46
CA SER A 338 -29.38 -6.83 12.90
C SER A 338 -28.51 -7.70 12.00
N ALA A 339 -28.31 -8.97 12.34
CA ALA A 339 -27.40 -9.80 11.55
C ALA A 339 -27.88 -10.03 10.13
N PRO A 340 -29.10 -10.52 9.88
CA PRO A 340 -29.50 -10.82 8.51
C PRO A 340 -29.49 -9.59 7.62
N LYS A 341 -29.83 -8.43 8.17
CA LYS A 341 -29.80 -7.20 7.37
C LYS A 341 -28.39 -6.90 6.89
N ILE A 342 -27.40 -7.05 7.77
CA ILE A 342 -26.02 -6.83 7.35
C ILE A 342 -25.63 -7.84 6.28
N PHE A 343 -26.00 -9.11 6.47
CA PHE A 343 -25.66 -10.12 5.47
C PHE A 343 -26.26 -9.75 4.11
N GLN A 344 -27.54 -9.39 4.10
CA GLN A 344 -28.22 -9.08 2.85
C GLN A 344 -27.62 -7.86 2.17
N ALA A 345 -27.35 -6.80 2.94
CA ALA A 345 -26.77 -5.60 2.35
C ALA A 345 -25.39 -5.89 1.78
N LEU A 346 -24.57 -6.65 2.51
CA LEU A 346 -23.26 -7.01 2.01
C LEU A 346 -23.35 -7.78 0.70
N CYS A 347 -24.26 -8.76 0.65
CA CYS A 347 -24.37 -9.56 -0.57
C CYS A 347 -24.90 -8.74 -1.74
N LYS A 348 -25.85 -7.83 -1.48
CA LYS A 348 -26.31 -6.94 -2.53
C LYS A 348 -25.18 -6.09 -3.06
N ASP A 349 -24.33 -5.56 -2.17
CA ASP A 349 -23.20 -4.77 -2.63
C ASP A 349 -22.21 -5.60 -3.43
N ASN A 350 -22.29 -6.93 -3.35
CA ASN A 350 -21.50 -7.82 -4.19
C ASN A 350 -20.01 -7.71 -3.89
N ILE A 351 -19.68 -7.56 -2.60
CA ILE A 351 -18.27 -7.53 -2.22
C ILE A 351 -17.66 -8.92 -2.35
N TYR A 352 -18.37 -9.95 -1.90
CA TYR A 352 -17.88 -11.33 -1.94
C TYR A 352 -18.77 -12.14 -2.87
N PRO A 353 -18.36 -12.42 -4.11
CA PRO A 353 -19.28 -13.07 -5.05
C PRO A 353 -19.70 -14.46 -4.64
N ALA A 354 -18.93 -15.13 -3.78
CA ALA A 354 -19.28 -16.48 -3.37
C ALA A 354 -20.65 -16.50 -2.70
N PHE A 355 -20.95 -15.48 -1.90
CA PHE A 355 -22.24 -15.38 -1.22
C PHE A 355 -23.25 -14.79 -2.22
N GLN A 356 -23.73 -15.66 -3.11
CA GLN A 356 -24.69 -15.26 -4.13
C GLN A 356 -26.12 -15.66 -3.79
N MET A 357 -26.31 -16.76 -3.07
CA MET A 357 -27.66 -17.22 -2.76
C MET A 357 -28.40 -16.19 -1.91
N PHE A 358 -27.69 -15.49 -1.05
CA PHE A 358 -28.30 -14.59 -0.08
C PHE A 358 -28.80 -13.30 -0.70
N ALA A 359 -28.29 -12.92 -1.88
CA ALA A 359 -28.71 -11.68 -2.51
C ALA A 359 -30.18 -11.70 -2.92
N LYS A 360 -30.81 -12.88 -2.96
CA LYS A 360 -32.20 -12.96 -3.34
C LYS A 360 -33.08 -12.22 -2.35
N GLY A 361 -34.14 -11.60 -2.85
CA GLY A 361 -35.08 -10.87 -2.02
C GLY A 361 -36.32 -11.68 -1.70
N ASN A 366 -38.58 -9.58 -1.10
CA ASN A 366 -37.51 -8.60 -0.96
C ASN A 366 -36.62 -8.94 0.22
N GLU A 367 -37.21 -9.53 1.26
CA GLU A 367 -36.43 -9.93 2.42
C GLU A 367 -35.43 -11.03 2.05
N PRO A 368 -34.27 -11.07 2.71
CA PRO A 368 -33.28 -12.10 2.36
C PRO A 368 -33.78 -13.50 2.65
N LEU A 369 -33.99 -14.29 1.58
CA LEU A 369 -34.56 -15.62 1.73
C LEU A 369 -33.60 -16.58 2.43
N ARG A 370 -32.29 -16.41 2.23
CA ARG A 370 -31.30 -17.30 2.78
C ARG A 370 -30.55 -16.74 3.98
N GLY A 371 -30.42 -15.41 4.09
CA GLY A 371 -29.68 -14.85 5.20
C GLY A 371 -30.28 -15.19 6.54
N TYR A 372 -31.60 -15.06 6.66
CA TYR A 372 -32.28 -15.47 7.88
C TYR A 372 -31.99 -16.94 8.18
N ILE A 373 -32.00 -17.78 7.16
CA ILE A 373 -31.72 -19.20 7.38
C ILE A 373 -30.30 -19.38 7.88
N LEU A 374 -29.34 -18.66 7.30
CA LEU A 374 -27.95 -18.81 7.73
C LEU A 374 -27.78 -18.41 9.19
N THR A 375 -28.33 -17.25 9.58
CA THR A 375 -28.19 -16.84 10.97
C THR A 375 -28.92 -17.80 11.90
N PHE A 376 -30.07 -18.31 11.46
CA PHE A 376 -30.80 -19.26 12.30
C PHE A 376 -29.98 -20.51 12.53
N LEU A 377 -29.34 -21.03 11.47
CA LEU A 377 -28.51 -22.22 11.64
C LEU A 377 -27.30 -21.93 12.51
N ILE A 378 -26.67 -20.77 12.36
CA ILE A 378 -25.51 -20.48 13.22
C ILE A 378 -25.94 -20.42 14.68
N ALA A 379 -27.04 -19.72 14.95
CA ALA A 379 -27.52 -19.62 16.33
C ALA A 379 -27.92 -21.00 16.87
N LEU A 380 -28.64 -21.79 16.08
CA LEU A 380 -29.07 -23.10 16.53
C LEU A 380 -27.89 -24.03 16.77
N GLY A 381 -26.87 -23.96 15.92
CA GLY A 381 -25.68 -24.76 16.14
C GLY A 381 -24.96 -24.35 17.41
N PHE A 382 -24.88 -23.05 17.68
CA PHE A 382 -24.09 -22.62 18.82
C PHE A 382 -24.82 -22.84 20.13
N ILE A 383 -26.13 -22.61 20.19
CA ILE A 383 -26.84 -22.76 21.46
C ILE A 383 -26.78 -24.17 21.99
N LEU A 384 -26.37 -25.14 21.18
CA LEU A 384 -26.30 -26.51 21.66
C LEU A 384 -25.23 -26.68 22.73
N ILE A 385 -24.33 -25.73 22.90
CA ILE A 385 -23.39 -25.71 24.02
C ILE A 385 -24.12 -25.02 25.17
N ALA A 386 -24.66 -25.81 26.09
CA ALA A 386 -25.52 -25.24 27.12
C ALA A 386 -24.77 -24.23 27.97
N GLU A 387 -23.54 -24.55 28.36
CA GLU A 387 -22.79 -23.67 29.26
C GLU A 387 -22.65 -22.29 28.64
N LEU A 388 -22.83 -21.25 29.46
CA LEU A 388 -22.69 -19.88 28.98
C LEU A 388 -21.28 -19.35 29.20
N ASN A 389 -20.58 -19.82 30.23
CA ASN A 389 -19.20 -19.41 30.44
C ASN A 389 -18.30 -19.86 29.31
N VAL A 390 -18.73 -20.83 28.50
CA VAL A 390 -17.96 -21.28 27.35
C VAL A 390 -18.46 -20.68 26.04
N ILE A 391 -19.63 -20.04 26.05
CA ILE A 391 -20.08 -19.28 24.90
C ILE A 391 -19.61 -17.84 24.97
N ALA A 392 -19.60 -17.25 26.16
CA ALA A 392 -19.24 -15.84 26.29
C ALA A 392 -17.86 -15.51 25.73
N PRO A 393 -16.82 -16.31 25.95
CA PRO A 393 -15.50 -15.90 25.45
C PRO A 393 -15.45 -15.70 23.94
N ILE A 394 -16.19 -16.47 23.16
CA ILE A 394 -16.06 -16.35 21.71
C ILE A 394 -16.83 -15.14 21.20
N ILE A 395 -17.98 -14.82 21.79
CA ILE A 395 -18.62 -13.54 21.45
C ILE A 395 -17.73 -12.38 21.85
N SER A 396 -17.10 -12.47 23.02
CA SER A 396 -16.15 -11.43 23.39
C SER A 396 -15.06 -11.30 22.35
N ASN A 397 -14.54 -12.43 21.87
CA ASN A 397 -13.51 -12.41 20.85
C ASN A 397 -13.98 -11.68 19.60
N PHE A 398 -15.15 -12.04 19.09
CA PHE A 398 -15.59 -11.47 17.82
C PHE A 398 -15.92 -9.99 17.95
N PHE A 399 -16.55 -9.59 19.06
CA PHE A 399 -16.85 -8.18 19.23
C PHE A 399 -15.57 -7.37 19.41
N LEU A 400 -14.59 -7.91 20.12
CA LEU A 400 -13.30 -7.23 20.20
C LEU A 400 -12.67 -7.08 18.83
N ALA A 401 -12.79 -8.11 17.99
CA ALA A 401 -12.27 -8.01 16.63
C ALA A 401 -12.94 -6.89 15.86
N SER A 402 -14.28 -6.82 15.94
CA SER A 402 -14.99 -5.77 15.20
C SER A 402 -14.60 -4.38 15.70
N TYR A 403 -14.50 -4.20 17.01
CA TYR A 403 -14.17 -2.89 17.53
C TYR A 403 -12.74 -2.49 17.16
N ALA A 404 -11.81 -3.43 17.22
CA ALA A 404 -10.44 -3.15 16.79
C ALA A 404 -10.43 -2.76 15.32
N LEU A 405 -11.21 -3.45 14.51
CA LEU A 405 -11.26 -3.12 13.09
C LEU A 405 -11.78 -1.71 12.86
N ILE A 406 -12.86 -1.34 13.56
CA ILE A 406 -13.41 0.00 13.38
C ILE A 406 -12.38 1.05 13.76
N ASN A 407 -11.77 0.89 14.94
CA ASN A 407 -10.80 1.89 15.40
C ASN A 407 -9.63 2.01 14.43
N PHE A 408 -9.09 0.88 13.97
CA PHE A 408 -7.96 0.95 13.06
C PHE A 408 -8.36 1.52 11.71
N SER A 409 -9.56 1.20 11.23
CA SER A 409 -10.00 1.74 9.96
C SER A 409 -10.07 3.26 10.03
N VAL A 410 -10.64 3.79 11.10
CA VAL A 410 -10.73 5.24 11.24
C VAL A 410 -9.34 5.85 11.32
N PHE A 411 -8.44 5.24 12.11
CA PHE A 411 -7.10 5.77 12.22
C PHE A 411 -6.39 5.79 10.88
N HIS A 412 -6.50 4.69 10.12
CA HIS A 412 -5.84 4.62 8.82
C HIS A 412 -6.41 5.65 7.85
N ALA A 413 -7.73 5.79 7.82
CA ALA A 413 -8.32 6.78 6.93
C ALA A 413 -7.90 8.18 7.33
N SER A 414 -7.68 8.43 8.63
CA SER A 414 -7.16 9.72 9.04
C SER A 414 -5.71 9.88 8.61
N LEU A 415 -4.93 8.80 8.61
CA LEU A 415 -3.54 8.89 8.16
C LEU A 415 -3.45 9.05 6.65
N ALA A 416 -4.32 8.41 5.91
CA ALA A 416 -4.39 8.52 4.45
C ALA A 416 -5.61 9.35 4.10
N LYS A 417 -5.43 10.66 4.07
CA LYS A 417 -6.54 11.59 3.86
C LYS A 417 -7.05 11.60 2.44
N SER A 418 -6.56 10.72 1.57
CA SER A 418 -6.90 10.81 0.14
C SER A 418 -8.39 10.86 -0.15
N PRO A 419 -9.25 10.07 0.50
CA PRO A 419 -10.70 10.22 0.25
C PRO A 419 -11.20 11.53 0.82
N GLY A 420 -12.51 11.77 0.78
CA GLY A 420 -13.04 12.95 1.42
C GLY A 420 -12.71 12.95 2.90
N TRP A 421 -13.36 12.06 3.64
CA TRP A 421 -13.05 11.78 5.05
C TRP A 421 -12.83 13.07 5.84
N ARG A 422 -13.93 13.80 6.01
CA ARG A 422 -13.97 14.94 6.92
C ARG A 422 -14.77 14.57 8.15
N PRO A 423 -14.14 14.39 9.34
CA PRO A 423 -14.91 13.93 10.50
C PRO A 423 -15.98 14.92 10.96
N ALA A 424 -15.57 16.15 11.27
CA ALA A 424 -16.43 17.23 11.76
C ALA A 424 -16.86 17.05 13.21
N PHE A 425 -16.41 16.00 13.89
CA PHE A 425 -16.76 15.73 15.27
C PHE A 425 -15.55 15.97 16.16
N LYS A 426 -15.71 16.83 17.17
CA LYS A 426 -14.63 17.04 18.12
C LYS A 426 -14.41 15.77 18.94
N TYR A 427 -13.20 15.65 19.48
CA TYR A 427 -12.77 14.42 20.16
C TYR A 427 -12.59 13.27 19.18
N TYR A 428 -12.08 13.58 17.99
CA TYR A 428 -11.84 12.60 16.94
C TYR A 428 -10.43 12.05 16.94
N ASN A 429 -9.58 12.51 17.87
CA ASN A 429 -8.14 12.33 17.79
C ASN A 429 -7.76 10.93 17.34
N MET A 430 -7.04 10.85 16.22
CA MET A 430 -6.71 9.55 15.64
C MET A 430 -5.76 8.77 16.53
N TRP A 431 -4.96 9.46 17.35
CA TRP A 431 -4.07 8.74 18.26
C TRP A 431 -4.87 7.98 19.31
N ILE A 432 -5.96 8.56 19.79
CA ILE A 432 -6.82 7.85 20.73
C ILE A 432 -7.41 6.61 20.08
N SER A 433 -7.87 6.75 18.83
CA SER A 433 -8.43 5.60 18.12
C SER A 433 -7.39 4.50 17.93
N LEU A 434 -6.17 4.89 17.58
CA LEU A 434 -5.10 3.89 17.44
C LEU A 434 -4.85 3.18 18.77
N LEU A 435 -4.82 3.95 19.86
CA LEU A 435 -4.61 3.34 21.17
C LEU A 435 -5.71 2.34 21.48
N GLY A 436 -6.96 2.69 21.15
CA GLY A 436 -8.05 1.76 21.36
C GLY A 436 -7.89 0.49 20.54
N ALA A 437 -7.48 0.63 19.28
CA ALA A 437 -7.28 -0.55 18.44
C ALA A 437 -6.20 -1.47 19.01
N ILE A 438 -5.08 -0.89 19.43
CA ILE A 438 -4.01 -1.70 20.00
C ILE A 438 -4.48 -2.38 21.27
N LEU A 439 -5.22 -1.66 22.13
CA LEU A 439 -5.69 -2.25 23.37
C LEU A 439 -6.61 -3.42 23.09
N CYS A 440 -7.53 -3.26 22.14
CA CYS A 440 -8.40 -4.38 21.79
C CYS A 440 -7.58 -5.56 21.29
N CYS A 441 -6.60 -5.31 20.43
CA CYS A 441 -5.82 -6.41 19.87
C CYS A 441 -5.08 -7.19 20.95
N ILE A 442 -4.34 -6.50 21.82
CA ILE A 442 -3.55 -7.21 22.81
C ILE A 442 -4.47 -7.88 23.83
N VAL A 443 -5.55 -7.22 24.24
CA VAL A 443 -6.44 -7.83 25.21
C VAL A 443 -7.11 -9.06 24.61
N MET A 444 -7.34 -9.06 23.30
CA MET A 444 -7.97 -10.23 22.70
C MET A 444 -6.97 -11.35 22.50
N PHE A 445 -5.67 -11.04 22.35
CA PHE A 445 -4.67 -12.11 22.38
C PHE A 445 -4.53 -12.68 23.78
N VAL A 446 -4.64 -11.87 24.82
CA VAL A 446 -4.50 -12.39 26.18
C VAL A 446 -5.53 -13.46 26.47
N ILE A 447 -6.63 -13.50 25.73
CA ILE A 447 -7.68 -14.51 25.88
C ILE A 447 -7.64 -15.37 24.62
N ASN A 448 -7.38 -16.66 24.76
CA ASN A 448 -7.36 -17.58 23.62
C ASN A 448 -6.49 -17.03 22.50
N TRP A 449 -5.17 -17.02 22.76
CA TRP A 449 -4.25 -16.50 21.77
C TRP A 449 -4.44 -17.17 20.42
N TRP A 450 -4.78 -18.46 20.40
CA TRP A 450 -4.95 -19.14 19.12
C TRP A 450 -6.25 -18.75 18.44
N ALA A 451 -7.33 -18.56 19.20
CA ALA A 451 -8.58 -18.11 18.59
C ALA A 451 -8.40 -16.73 17.97
N ALA A 452 -7.72 -15.84 18.67
CA ALA A 452 -7.49 -14.50 18.14
C ALA A 452 -6.55 -14.52 16.94
N LEU A 453 -5.54 -15.39 16.98
CA LEU A 453 -4.67 -15.55 15.82
C LEU A 453 -5.46 -16.01 14.61
N LEU A 454 -6.36 -16.97 14.79
CA LEU A 454 -7.20 -17.42 13.68
C LEU A 454 -8.09 -16.29 13.19
N THR A 455 -8.66 -15.50 14.11
CA THR A 455 -9.54 -14.42 13.70
C THR A 455 -8.79 -13.39 12.85
N TYR A 456 -7.58 -13.02 13.27
CA TYR A 456 -6.82 -12.07 12.46
C TYR A 456 -6.33 -12.67 11.15
N VAL A 457 -5.98 -13.96 11.12
CA VAL A 457 -5.60 -14.56 9.84
C VAL A 457 -6.77 -14.44 8.87
N ILE A 458 -7.97 -14.77 9.32
CA ILE A 458 -9.14 -14.69 8.43
C ILE A 458 -9.41 -13.25 8.04
N VAL A 459 -9.29 -12.31 8.98
CA VAL A 459 -9.60 -10.92 8.69
C VAL A 459 -8.64 -10.37 7.64
N LEU A 460 -7.34 -10.64 7.81
CA LEU A 460 -6.36 -10.17 6.84
C LEU A 460 -6.58 -10.83 5.49
N GLY A 461 -6.93 -12.12 5.48
CA GLY A 461 -7.23 -12.77 4.22
C GLY A 461 -8.37 -12.09 3.48
N LEU A 462 -9.46 -11.81 4.20
CA LEU A 462 -10.60 -11.14 3.58
C LEU A 462 -10.18 -9.78 3.04
N TYR A 463 -9.44 -9.02 3.83
CA TYR A 463 -9.05 -7.67 3.41
C TYR A 463 -8.20 -7.73 2.15
N ILE A 464 -7.18 -8.59 2.15
CA ILE A 464 -6.27 -8.66 1.01
C ILE A 464 -7.01 -9.14 -0.24
N TYR A 465 -7.90 -10.12 -0.09
CA TYR A 465 -8.65 -10.59 -1.24
C TYR A 465 -9.52 -9.48 -1.81
N VAL A 466 -10.19 -8.72 -0.95
CA VAL A 466 -11.12 -7.71 -1.47
C VAL A 466 -10.35 -6.57 -2.12
N THR A 467 -9.22 -6.16 -1.55
CA THR A 467 -8.60 -4.92 -2.03
C THR A 467 -7.72 -5.14 -3.26
N TYR A 468 -6.79 -6.10 -3.24
CA TYR A 468 -5.86 -6.28 -4.35
C TYR A 468 -6.40 -7.19 -5.45
N LYS A 469 -6.98 -8.33 -5.09
CA LYS A 469 -7.44 -9.26 -6.12
C LYS A 469 -8.54 -8.64 -6.97
N LYS A 470 -9.50 -7.97 -6.35
CA LYS A 470 -10.63 -7.43 -7.11
C LYS A 470 -10.15 -6.30 -8.02
N PRO A 471 -10.45 -6.36 -9.33
CA PRO A 471 -10.04 -5.23 -10.20
C PRO A 471 -10.62 -3.90 -9.78
N ASP A 472 -11.88 -3.89 -9.32
CA ASP A 472 -12.52 -2.67 -8.86
C ASP A 472 -13.85 -3.03 -8.21
N VAL A 473 -14.13 -2.40 -7.08
CA VAL A 473 -15.41 -2.57 -6.40
C VAL A 473 -15.92 -1.19 -5.96
N ASN A 474 -16.75 -0.58 -6.80
CA ASN A 474 -17.33 0.73 -6.52
C ASN A 474 -18.81 0.74 -6.90
N TRP A 475 -19.51 -0.35 -6.58
CA TRP A 475 -20.93 -0.44 -6.92
C TRP A 475 -21.73 0.64 -6.21
N GLY A 476 -21.45 0.87 -4.93
CA GLY A 476 -22.17 1.88 -4.17
C GLY A 476 -21.56 3.26 -4.31
N SER A 477 -20.27 3.38 -4.00
CA SER A 477 -19.56 4.65 -4.03
C SER A 477 -18.70 4.72 -5.27
N SER A 478 -18.61 5.91 -5.86
CA SER A 478 -17.83 6.16 -7.06
C SER A 478 -16.98 7.42 -6.90
N THR A 479 -16.29 7.52 -5.76
CA THR A 479 -15.43 8.67 -5.52
C THR A 479 -14.32 8.74 -6.55
N GLN A 480 -13.67 7.61 -6.82
CA GLN A 480 -12.57 7.51 -7.78
C GLN A 480 -11.57 8.65 -7.64
N ALA A 481 -11.35 9.10 -6.40
CA ALA A 481 -10.40 10.18 -6.12
C ALA A 481 -9.06 9.68 -5.64
N LEU A 482 -9.01 8.50 -5.01
CA LEU A 482 -7.74 7.95 -4.57
C LEU A 482 -6.81 7.70 -5.75
N THR A 483 -7.36 7.19 -6.85
CA THR A 483 -6.55 6.92 -8.04
C THR A 483 -5.90 8.20 -8.55
N TYR A 484 -6.69 9.27 -8.66
CA TYR A 484 -6.16 10.53 -9.18
C TYR A 484 -5.01 11.04 -8.31
N LEU A 485 -5.23 11.08 -6.99
CA LEU A 485 -4.22 11.63 -6.11
C LEU A 485 -2.96 10.77 -6.10
N ASN A 486 -3.12 9.44 -6.10
CA ASN A 486 -1.95 8.58 -6.12
C ASN A 486 -1.17 8.75 -7.41
N ALA A 487 -1.88 8.85 -8.54
CA ALA A 487 -1.20 9.08 -9.81
C ALA A 487 -0.43 10.40 -9.79
N LEU A 488 -1.05 11.45 -9.26
CA LEU A 488 -0.39 12.74 -9.18
C LEU A 488 0.85 12.67 -8.31
N GLN A 489 0.74 11.99 -7.16
CA GLN A 489 1.88 11.85 -6.26
C GLN A 489 3.01 11.10 -6.93
N HIS A 490 2.70 10.01 -7.63
CA HIS A 490 3.74 9.26 -8.33
C HIS A 490 4.37 10.09 -9.43
N SER A 491 3.56 10.88 -10.15
CA SER A 491 4.10 11.71 -11.20
C SER A 491 5.10 12.72 -10.64
N ILE A 492 4.75 13.37 -9.53
CA ILE A 492 5.68 14.33 -8.94
C ILE A 492 6.91 13.63 -8.41
N ARG A 493 6.74 12.44 -7.82
CA ARG A 493 7.90 11.71 -7.33
C ARG A 493 8.86 11.40 -8.48
N LEU A 494 8.32 10.97 -9.62
CA LEU A 494 9.15 10.69 -10.78
C LEU A 494 9.84 11.95 -11.29
N SER A 495 9.11 13.06 -11.35
CA SER A 495 9.64 14.28 -11.94
C SER A 495 10.50 15.09 -10.97
N GLY A 496 10.57 14.71 -9.70
CA GLY A 496 11.27 15.50 -8.71
C GLY A 496 12.77 15.33 -8.72
N VAL A 497 13.23 14.08 -8.54
CA VAL A 497 14.66 13.84 -8.42
C VAL A 497 15.32 13.99 -9.78
N GLU A 498 16.42 14.75 -9.82
CA GLU A 498 17.20 14.94 -11.04
C GLU A 498 18.26 13.85 -11.10
N ASP A 499 18.15 12.97 -12.10
CA ASP A 499 19.11 11.90 -12.32
C ASP A 499 19.99 12.27 -13.50
N HIS A 500 21.31 12.30 -13.28
CA HIS A 500 22.23 12.57 -14.37
C HIS A 500 22.15 11.46 -15.42
N VAL A 501 21.98 10.21 -14.98
CA VAL A 501 21.81 9.11 -15.91
C VAL A 501 20.61 9.38 -16.80
N LYS A 502 20.75 9.06 -18.09
CA LYS A 502 19.69 9.35 -19.05
C LYS A 502 18.41 8.60 -18.71
N ASN A 503 18.53 7.34 -18.30
CA ASN A 503 17.37 6.48 -18.04
C ASN A 503 16.52 6.37 -19.31
N PHE A 504 17.18 6.06 -20.41
CA PHE A 504 16.56 6.17 -21.73
C PHE A 504 15.53 5.07 -21.97
N ARG A 505 14.38 5.17 -21.31
CA ARG A 505 13.28 4.30 -21.67
C ARG A 505 12.81 4.63 -23.08
N PRO A 506 12.25 3.66 -23.80
CA PRO A 506 11.65 3.96 -25.10
C PRO A 506 10.27 4.57 -24.92
N GLN A 507 10.17 5.88 -25.17
CA GLN A 507 8.92 6.62 -25.08
C GLN A 507 8.50 7.00 -26.49
N CYS A 508 7.42 6.39 -26.97
CA CYS A 508 7.04 6.46 -28.37
C CYS A 508 5.75 7.26 -28.55
N LEU A 509 5.76 8.12 -29.56
CA LEU A 509 4.56 8.78 -30.06
C LEU A 509 4.30 8.21 -31.46
N VAL A 510 3.12 7.63 -31.66
CA VAL A 510 2.76 7.02 -32.94
C VAL A 510 1.62 7.83 -33.55
N MET A 511 1.80 8.23 -34.80
CA MET A 511 0.82 9.01 -35.54
C MET A 511 0.32 8.15 -36.70
N THR A 512 -0.70 7.33 -36.42
CA THR A 512 -1.27 6.49 -37.46
C THR A 512 -1.90 7.33 -38.57
N GLY A 513 -2.54 8.44 -38.20
CA GLY A 513 -3.19 9.30 -39.18
C GLY A 513 -4.53 8.82 -39.67
N ALA A 514 -5.04 7.73 -39.12
CA ALA A 514 -6.33 7.15 -39.49
C ALA A 514 -7.14 6.93 -38.23
N PRO A 515 -8.48 6.91 -38.35
CA PRO A 515 -9.32 6.77 -37.14
C PRO A 515 -9.03 5.48 -36.38
N ASN A 516 -9.27 4.34 -37.04
CA ASN A 516 -8.92 3.04 -36.46
C ASN A 516 -8.43 2.07 -37.53
N SER A 517 -8.01 2.57 -38.69
CA SER A 517 -7.82 1.72 -39.85
C SER A 517 -6.63 0.78 -39.72
N ARG A 518 -5.71 1.03 -38.78
CA ARG A 518 -4.40 0.38 -38.79
C ARG A 518 -4.10 -0.17 -37.40
N PRO A 519 -4.71 -1.32 -37.01
CA PRO A 519 -4.52 -1.84 -35.65
C PRO A 519 -3.18 -2.54 -35.39
N ALA A 520 -2.68 -3.30 -36.37
CA ALA A 520 -1.52 -4.15 -36.10
C ALA A 520 -0.26 -3.31 -35.92
N LEU A 521 -0.23 -2.11 -36.50
CA LEU A 521 0.84 -1.18 -36.18
C LEU A 521 0.82 -0.84 -34.69
N LEU A 522 -0.36 -0.58 -34.15
CA LEU A 522 -0.48 -0.32 -32.72
C LEU A 522 -0.01 -1.52 -31.92
N HIS A 523 -0.39 -2.73 -32.34
CA HIS A 523 0.02 -3.92 -31.61
C HIS A 523 1.54 -4.07 -31.61
N LEU A 524 2.17 -3.88 -32.76
CA LEU A 524 3.62 -4.04 -32.82
C LEU A 524 4.31 -2.96 -31.99
N VAL A 525 3.84 -1.73 -32.07
CA VAL A 525 4.44 -0.66 -31.27
C VAL A 525 4.28 -0.96 -29.79
N HIS A 526 3.14 -1.55 -29.41
CA HIS A 526 2.91 -1.89 -28.01
C HIS A 526 3.77 -3.06 -27.55
N ASP A 527 4.14 -3.96 -28.47
CA ASP A 527 4.89 -5.14 -28.06
C ASP A 527 6.17 -4.77 -27.32
N PHE A 528 6.94 -3.82 -27.85
CA PHE A 528 8.19 -3.43 -27.22
C PHE A 528 8.02 -2.24 -26.28
N THR A 529 6.82 -1.72 -26.12
CA THR A 529 6.48 -0.78 -25.04
C THR A 529 5.23 -1.32 -24.37
N LYS A 530 5.41 -2.27 -23.47
CA LYS A 530 4.33 -2.85 -22.68
C LYS A 530 4.47 -2.57 -21.20
N ASN A 531 5.69 -2.67 -20.68
CA ASN A 531 6.01 -2.22 -19.33
C ASN A 531 7.27 -1.40 -19.25
N VAL A 532 8.15 -1.44 -20.25
CA VAL A 532 9.40 -0.70 -20.18
C VAL A 532 9.16 0.79 -20.31
N GLY A 533 8.27 1.20 -21.22
CA GLY A 533 8.13 2.61 -21.55
C GLY A 533 6.72 3.10 -21.77
N LEU A 534 6.59 4.21 -22.49
CA LEU A 534 5.34 4.92 -22.68
C LEU A 534 4.96 4.93 -24.16
N MET A 535 3.66 4.88 -24.44
CA MET A 535 3.14 4.92 -25.80
C MET A 535 1.98 5.88 -25.86
N ILE A 536 2.07 6.86 -26.77
CA ILE A 536 1.00 7.84 -26.97
C ILE A 536 0.58 7.78 -28.43
N CYS A 537 -0.70 7.52 -28.67
CA CYS A 537 -1.22 7.50 -30.02
C CYS A 537 -1.38 8.92 -30.55
N GLY A 538 -1.76 9.02 -31.82
CA GLY A 538 -1.94 10.31 -32.46
C GLY A 538 -3.21 10.34 -33.28
N HIS A 539 -3.75 11.54 -33.43
CA HIS A 539 -4.95 11.75 -34.22
C HIS A 539 -5.13 13.25 -34.44
N VAL A 540 -5.34 13.65 -35.69
CA VAL A 540 -5.44 15.06 -36.06
C VAL A 540 -6.83 15.31 -36.62
N HIS A 541 -7.43 16.42 -36.20
CA HIS A 541 -8.80 16.77 -36.54
C HIS A 541 -8.80 17.78 -37.68
N MET A 542 -9.42 17.41 -38.80
CA MET A 542 -9.59 18.30 -39.94
C MET A 542 -10.99 18.90 -39.92
N GLY A 543 -11.06 20.23 -40.01
CA GLY A 543 -12.33 20.90 -40.16
C GLY A 543 -12.52 22.06 -39.20
N PRO A 544 -13.72 22.64 -39.21
CA PRO A 544 -14.01 23.76 -38.32
C PRO A 544 -13.90 23.36 -36.85
N ARG A 545 -13.53 24.35 -36.02
CA ARG A 545 -13.30 24.09 -34.60
C ARG A 545 -14.60 23.84 -33.85
N ARG A 546 -15.70 24.50 -34.24
CA ARG A 546 -16.90 24.51 -33.42
C ARG A 546 -17.44 23.09 -33.21
N GLN A 547 -17.32 22.23 -34.22
CA GLN A 547 -17.74 20.85 -34.10
C GLN A 547 -16.61 19.92 -33.68
N ALA A 548 -15.42 20.46 -33.41
CA ALA A 548 -14.26 19.62 -33.16
C ALA A 548 -14.36 18.93 -31.80
N MET A 549 -14.77 19.67 -30.77
CA MET A 549 -14.69 19.13 -29.42
C MET A 549 -15.56 17.89 -29.25
N LYS A 550 -16.82 17.96 -29.71
CA LYS A 550 -17.74 16.84 -29.50
C LYS A 550 -17.30 15.61 -30.30
N GLU A 551 -16.99 15.80 -31.58
CA GLU A 551 -16.57 14.69 -32.42
C GLU A 551 -15.31 14.05 -31.87
N MET A 552 -14.34 14.86 -31.45
CA MET A 552 -13.08 14.30 -30.98
C MET A 552 -13.25 13.63 -29.62
N SER A 553 -14.15 14.16 -28.77
CA SER A 553 -14.44 13.47 -27.52
C SER A 553 -15.06 12.10 -27.76
N ILE A 554 -16.00 12.03 -28.72
CA ILE A 554 -16.62 10.74 -29.03
C ILE A 554 -15.58 9.78 -29.61
N ASP A 555 -14.70 10.29 -30.47
CA ASP A 555 -13.64 9.47 -31.04
C ASP A 555 -12.72 8.95 -29.94
N GLN A 556 -12.37 9.81 -28.99
CA GLN A 556 -11.55 9.39 -27.86
C GLN A 556 -12.25 8.30 -27.07
N ALA A 557 -13.54 8.46 -26.80
CA ALA A 557 -14.26 7.46 -26.02
C ALA A 557 -14.25 6.11 -26.72
N LYS A 558 -14.59 6.09 -28.01
CA LYS A 558 -14.64 4.82 -28.72
C LYS A 558 -13.27 4.17 -28.82
N TYR A 559 -12.23 4.96 -29.11
CA TYR A 559 -10.91 4.36 -29.24
C TYR A 559 -10.35 3.92 -27.89
N GLN A 560 -10.70 4.62 -26.81
CA GLN A 560 -10.25 4.18 -25.49
C GLN A 560 -10.92 2.89 -25.08
N ARG A 561 -12.23 2.76 -25.32
CA ARG A 561 -12.89 1.50 -24.99
C ARG A 561 -12.39 0.37 -25.88
N TRP A 562 -12.04 0.69 -27.13
CA TRP A 562 -11.44 -0.32 -28.00
C TRP A 562 -10.08 -0.77 -27.46
N LEU A 563 -9.24 0.19 -27.04
CA LEU A 563 -7.93 -0.16 -26.50
C LEU A 563 -8.07 -0.98 -25.23
N ILE A 564 -9.06 -0.65 -24.39
CA ILE A 564 -9.33 -1.45 -23.20
C ILE A 564 -9.73 -2.85 -23.60
N LYS A 565 -10.60 -2.98 -24.62
CA LYS A 565 -10.96 -4.29 -25.12
C LYS A 565 -9.77 -4.97 -25.80
N ASN A 566 -8.91 -4.19 -26.46
CA ASN A 566 -7.73 -4.74 -27.11
C ASN A 566 -6.59 -5.02 -26.14
N LYS A 567 -6.80 -4.79 -24.84
CA LYS A 567 -5.75 -5.03 -23.84
C LYS A 567 -4.50 -4.23 -24.17
N MET A 568 -4.71 -2.97 -24.56
CA MET A 568 -3.62 -2.08 -24.96
C MET A 568 -3.36 -1.08 -23.83
N LYS A 569 -2.08 -0.89 -23.50
CA LYS A 569 -1.66 0.10 -22.51
C LYS A 569 -1.07 1.29 -23.27
N ALA A 570 -1.94 2.22 -23.66
CA ALA A 570 -1.54 3.37 -24.45
C ALA A 570 -2.51 4.51 -24.18
N PHE A 571 -2.07 5.73 -24.51
CA PHE A 571 -2.84 6.94 -24.25
C PHE A 571 -3.25 7.56 -25.57
N TYR A 572 -4.52 7.91 -25.69
CA TYR A 572 -5.04 8.59 -26.87
C TYR A 572 -4.89 10.09 -26.70
N ALA A 573 -4.24 10.72 -27.68
CA ALA A 573 -3.86 12.13 -27.61
C ALA A 573 -4.36 12.84 -28.87
N PRO A 574 -5.64 13.23 -28.91
CA PRO A 574 -6.15 13.94 -30.08
C PRO A 574 -5.63 15.38 -30.13
N VAL A 575 -5.64 15.94 -31.33
CA VAL A 575 -5.21 17.32 -31.54
C VAL A 575 -6.00 17.88 -32.71
N HIS A 576 -6.23 19.19 -32.68
CA HIS A 576 -6.87 19.90 -33.78
C HIS A 576 -5.84 20.78 -34.47
N ALA A 577 -5.79 20.70 -35.80
CA ALA A 577 -4.84 21.51 -36.56
C ALA A 577 -5.32 21.56 -38.01
N ASP A 578 -4.73 22.49 -38.76
CA ASP A 578 -5.09 22.64 -40.17
C ASP A 578 -4.61 21.45 -40.99
N ASP A 579 -3.36 21.01 -40.77
CA ASP A 579 -2.77 19.92 -41.53
C ASP A 579 -2.01 19.00 -40.59
N LEU A 580 -1.58 17.87 -41.13
CA LEU A 580 -0.97 16.85 -40.28
C LEU A 580 0.31 17.34 -39.62
N ARG A 581 1.12 18.11 -40.34
CA ARG A 581 2.38 18.57 -39.76
C ARG A 581 2.15 19.44 -38.53
N GLU A 582 1.12 20.29 -38.58
CA GLU A 582 0.83 21.14 -37.44
C GLU A 582 0.48 20.30 -36.21
N GLY A 583 -0.38 19.31 -36.38
CA GLY A 583 -0.74 18.46 -35.26
C GLY A 583 0.45 17.68 -34.74
N ALA A 584 1.30 17.20 -35.64
CA ALA A 584 2.49 16.48 -35.21
C ALA A 584 3.40 17.38 -34.37
N GLN A 585 3.57 18.64 -34.80
CA GLN A 585 4.39 19.56 -34.03
C GLN A 585 3.74 19.85 -32.67
N TYR A 586 2.43 20.05 -32.65
CA TYR A 586 1.74 20.29 -31.37
C TYR A 586 2.01 19.14 -30.41
N LEU A 587 1.90 17.91 -30.90
CA LEU A 587 2.09 16.76 -30.01
C LEU A 587 3.54 16.62 -29.59
N MET A 588 4.49 16.79 -30.51
CA MET A 588 5.88 16.59 -30.15
C MET A 588 6.35 17.62 -29.14
N GLN A 589 6.08 18.91 -29.38
CA GLN A 589 6.71 19.94 -28.56
C GLN A 589 6.05 20.07 -27.20
N ALA A 590 4.73 19.92 -27.12
CA ALA A 590 4.02 20.23 -25.89
C ALA A 590 3.17 19.06 -25.40
N ALA A 591 3.74 17.85 -25.39
CA ALA A 591 3.09 16.69 -24.80
C ALA A 591 4.06 16.03 -23.83
N GLY A 592 3.54 15.55 -22.71
CA GLY A 592 4.36 14.95 -21.68
C GLY A 592 4.21 15.64 -20.34
N LEU A 593 3.78 14.90 -19.33
CA LEU A 593 3.52 15.43 -17.99
C LEU A 593 4.73 15.11 -17.11
N GLY A 594 5.68 16.03 -17.08
CA GLY A 594 6.89 15.84 -16.29
C GLY A 594 7.96 15.10 -17.09
N ARG A 595 8.38 13.94 -16.58
CA ARG A 595 9.35 13.11 -17.27
C ARG A 595 8.70 12.08 -18.19
N MET A 596 7.37 11.98 -18.19
CA MET A 596 6.67 11.04 -19.06
C MET A 596 6.35 11.67 -20.40
N LYS A 597 7.38 12.17 -21.09
CA LYS A 597 7.20 12.83 -22.37
C LYS A 597 7.81 11.99 -23.50
N PRO A 598 7.18 11.95 -24.67
CA PRO A 598 7.78 11.19 -25.78
C PRO A 598 9.16 11.73 -26.14
N ASN A 599 10.07 10.80 -26.44
CA ASN A 599 11.39 11.13 -26.96
C ASN A 599 11.69 10.40 -28.27
N THR A 600 10.72 9.72 -28.86
CA THR A 600 10.87 9.10 -30.16
C THR A 600 9.55 9.20 -30.90
N LEU A 601 9.63 9.12 -32.23
CA LEU A 601 8.46 9.24 -33.09
C LEU A 601 8.29 7.98 -33.90
N VAL A 602 7.04 7.51 -34.01
CA VAL A 602 6.69 6.34 -34.80
C VAL A 602 5.72 6.78 -35.89
N LEU A 603 6.01 6.42 -37.13
CA LEU A 603 5.24 6.87 -38.28
C LEU A 603 4.80 5.68 -39.11
N GLY A 604 3.60 5.76 -39.65
CA GLY A 604 3.09 4.71 -40.52
C GLY A 604 3.48 4.95 -41.96
N PHE A 605 3.93 3.89 -42.61
CA PHE A 605 4.40 4.00 -44.00
C PHE A 605 3.26 4.41 -44.92
N LYS A 606 3.59 5.26 -45.88
CA LYS A 606 2.60 5.72 -46.87
C LYS A 606 2.51 4.67 -47.96
N LYS A 607 1.46 3.84 -47.90
CA LYS A 607 1.32 2.75 -48.85
C LYS A 607 1.17 3.27 -50.28
N ASP A 608 0.36 4.31 -50.47
CA ASP A 608 -0.01 4.79 -51.80
C ASP A 608 0.60 6.15 -52.09
N TRP A 609 1.86 6.34 -51.69
CA TRP A 609 2.53 7.62 -51.95
C TRP A 609 2.62 7.89 -53.45
N LEU A 610 2.84 6.84 -54.24
CA LEU A 610 2.85 7.00 -55.69
C LEU A 610 1.51 7.53 -56.19
N GLN A 611 0.41 6.93 -55.75
CA GLN A 611 -0.91 7.34 -56.20
C GLN A 611 -1.36 8.61 -55.50
N ALA A 612 -1.03 8.77 -54.23
CA ALA A 612 -1.49 9.92 -53.46
C ALA A 612 -0.86 11.20 -53.99
N ASP A 613 -1.54 12.31 -53.74
CA ASP A 613 -1.05 13.61 -54.19
C ASP A 613 0.33 13.89 -53.60
N MET A 614 1.21 14.47 -54.41
CA MET A 614 2.57 14.73 -53.96
C MET A 614 2.62 15.70 -52.80
N ARG A 615 1.60 16.55 -52.61
CA ARG A 615 1.61 17.46 -51.47
C ARG A 615 1.66 16.69 -50.16
N ASP A 616 0.92 15.59 -50.08
CA ASP A 616 0.95 14.76 -48.87
C ASP A 616 2.35 14.21 -48.63
N VAL A 617 3.02 13.76 -49.69
CA VAL A 617 4.37 13.23 -49.54
C VAL A 617 5.32 14.31 -49.06
N ASP A 618 5.23 15.51 -49.64
CA ASP A 618 6.09 16.60 -49.20
C ASP A 618 5.84 16.92 -47.74
N MET A 619 4.56 16.95 -47.34
CA MET A 619 4.24 17.17 -45.93
C MET A 619 4.84 16.08 -45.05
N TYR A 620 4.80 14.84 -45.50
CA TYR A 620 5.30 13.73 -44.69
C TYR A 620 6.82 13.83 -44.51
N ILE A 621 7.52 14.20 -45.59
CA ILE A 621 8.96 14.42 -45.49
C ILE A 621 9.26 15.59 -44.56
N ASN A 622 8.45 16.65 -44.64
CA ASN A 622 8.59 17.75 -43.70
C ASN A 622 8.39 17.25 -42.27
N LEU A 623 7.52 16.27 -42.09
CA LEU A 623 7.28 15.73 -40.75
C LEU A 623 8.51 14.97 -40.24
N PHE A 624 9.13 14.14 -41.09
CA PHE A 624 10.44 13.60 -40.72
C PHE A 624 11.40 14.70 -40.30
N HIS A 625 11.51 15.75 -41.11
CA HIS A 625 12.49 16.78 -40.81
C HIS A 625 12.18 17.48 -39.49
N ASP A 626 10.90 17.74 -39.23
CA ASP A 626 10.51 18.36 -37.96
C ASP A 626 10.88 17.45 -36.79
N ALA A 627 10.64 16.15 -36.92
CA ALA A 627 11.01 15.22 -35.86
C ALA A 627 12.51 15.24 -35.65
N PHE A 628 13.29 15.29 -36.74
CA PHE A 628 14.74 15.31 -36.62
C PHE A 628 15.22 16.55 -35.91
N ASP A 629 14.61 17.70 -36.20
CA ASP A 629 15.06 18.95 -35.57
C ASP A 629 14.93 18.87 -34.05
N ILE A 630 13.82 18.33 -33.57
CA ILE A 630 13.59 18.22 -32.13
C ILE A 630 14.50 17.19 -31.48
N GLN A 631 15.23 16.41 -32.27
CA GLN A 631 16.12 15.37 -31.75
C GLN A 631 15.33 14.28 -31.02
N TYR A 632 14.45 13.63 -31.79
CA TYR A 632 13.73 12.44 -31.35
C TYR A 632 14.13 11.27 -32.23
N GLY A 633 14.09 10.07 -31.65
CA GLY A 633 14.27 8.87 -32.45
C GLY A 633 13.12 8.69 -33.42
N VAL A 634 13.44 8.15 -34.60
CA VAL A 634 12.47 7.96 -35.68
C VAL A 634 12.40 6.47 -35.99
N VAL A 635 11.17 5.94 -36.00
CA VAL A 635 10.92 4.53 -36.30
C VAL A 635 9.84 4.48 -37.37
N VAL A 636 10.18 3.91 -38.52
CA VAL A 636 9.24 3.72 -39.64
C VAL A 636 8.91 2.24 -39.73
N ILE A 637 7.63 1.91 -39.74
CA ILE A 637 7.15 0.54 -39.67
C ILE A 637 6.23 0.28 -40.85
N ARG A 638 6.43 -0.85 -41.53
CA ARG A 638 5.52 -1.29 -42.58
C ARG A 638 5.40 -2.80 -42.53
N LEU A 639 4.25 -3.32 -42.97
CA LEU A 639 4.11 -4.75 -43.15
C LEU A 639 3.72 -5.05 -44.59
N GLN A 734 0.61 -11.07 -40.12
CA GLN A 734 0.82 -11.06 -38.68
C GLN A 734 1.52 -12.34 -38.24
N LYS A 735 2.81 -12.24 -37.96
CA LYS A 735 3.63 -13.37 -37.54
C LYS A 735 4.13 -13.14 -36.12
N GLN A 736 4.11 -14.20 -35.31
CA GLN A 736 4.51 -14.13 -33.92
C GLN A 736 5.66 -15.06 -33.56
N GLY A 737 5.63 -16.31 -34.02
CA GLY A 737 6.67 -17.26 -33.66
C GLY A 737 7.01 -18.23 -34.77
N LYS A 738 6.65 -17.89 -36.01
CA LYS A 738 6.85 -18.84 -37.11
C LYS A 738 8.32 -18.93 -37.52
N ASN A 739 9.03 -17.80 -37.56
CA ASN A 739 10.40 -17.76 -38.03
C ASN A 739 11.20 -16.79 -37.18
N THR A 740 12.52 -16.85 -37.33
CA THR A 740 13.43 -16.07 -36.50
C THR A 740 13.36 -14.59 -36.86
N ILE A 741 14.06 -13.79 -36.06
CA ILE A 741 14.12 -12.33 -36.23
C ILE A 741 15.53 -11.97 -36.68
N ASP A 742 15.63 -11.11 -37.69
CA ASP A 742 16.90 -10.67 -38.25
C ASP A 742 17.01 -9.16 -38.16
N VAL A 743 18.17 -8.67 -37.77
CA VAL A 743 18.47 -7.25 -37.67
C VAL A 743 19.76 -6.98 -38.41
N TRP A 744 19.78 -5.92 -39.22
CA TRP A 744 20.94 -5.56 -40.04
C TRP A 744 21.23 -4.07 -39.87
N TRP A 745 22.02 -3.73 -38.85
CA TRP A 745 22.37 -2.35 -38.56
C TRP A 745 23.80 -2.08 -39.03
N LEU A 746 24.03 -0.86 -39.51
CA LEU A 746 25.36 -0.44 -39.94
C LEU A 746 25.99 0.62 -39.04
N PHE A 747 25.21 1.27 -38.17
CA PHE A 747 25.76 2.17 -37.18
C PHE A 747 24.90 2.11 -35.92
N ASP A 748 25.51 2.46 -34.79
CA ASP A 748 24.84 2.46 -33.50
C ASP A 748 24.61 3.89 -33.04
N ASP A 749 23.37 4.19 -32.68
CA ASP A 749 22.97 5.52 -32.20
C ASP A 749 22.19 5.33 -30.91
N GLY A 750 22.90 5.27 -29.78
CA GLY A 750 22.26 5.09 -28.51
C GLY A 750 21.79 3.68 -28.23
N GLY A 751 22.09 2.73 -29.11
CA GLY A 751 21.68 1.35 -28.91
C GLY A 751 20.24 1.07 -29.23
N LEU A 752 19.52 2.01 -29.83
CA LEU A 752 18.11 1.77 -30.14
C LEU A 752 17.96 0.62 -31.13
N THR A 753 18.83 0.57 -32.14
CA THR A 753 18.74 -0.48 -33.15
C THR A 753 18.82 -1.86 -32.52
N LEU A 754 19.68 -2.04 -31.53
CA LEU A 754 19.79 -3.30 -30.81
C LEU A 754 18.84 -3.38 -29.61
N LEU A 755 18.42 -2.24 -29.06
CA LEU A 755 17.55 -2.27 -27.90
C LEU A 755 16.15 -2.73 -28.27
N ILE A 756 15.61 -2.19 -29.36
CA ILE A 756 14.24 -2.55 -29.77
C ILE A 756 14.10 -4.06 -29.98
N PRO A 757 14.98 -4.73 -30.72
CA PRO A 757 14.81 -6.19 -30.88
C PRO A 757 14.84 -6.96 -29.57
N TYR A 758 15.66 -6.52 -28.61
CA TYR A 758 15.71 -7.21 -27.32
C TYR A 758 14.36 -7.09 -26.60
N LEU A 759 13.78 -5.89 -26.60
CA LEU A 759 12.48 -5.70 -25.98
C LEU A 759 11.43 -6.53 -26.69
N LEU A 760 11.50 -6.61 -28.02
CA LEU A 760 10.55 -7.44 -28.76
C LEU A 760 10.69 -8.91 -28.37
N THR A 761 11.93 -9.39 -28.25
CA THR A 761 12.16 -10.79 -27.93
C THR A 761 11.70 -11.12 -26.51
N THR A 762 11.86 -10.18 -25.58
CA THR A 762 11.48 -10.46 -24.20
C THR A 762 10.01 -10.83 -24.06
N LYS A 763 9.17 -10.36 -24.98
CA LYS A 763 7.75 -10.68 -24.92
C LYS A 763 7.51 -12.16 -25.19
N LYS A 764 6.48 -12.70 -24.54
CA LYS A 764 6.28 -14.15 -24.58
C LYS A 764 5.99 -14.65 -25.99
N LYS A 765 5.21 -13.90 -26.77
CA LYS A 765 4.81 -14.37 -28.08
C LYS A 765 5.90 -14.21 -29.13
N TRP A 766 7.01 -13.55 -28.79
CA TRP A 766 8.19 -13.49 -29.64
C TRP A 766 9.31 -14.39 -29.14
N LYS A 767 9.12 -15.08 -28.02
CA LYS A 767 10.18 -15.94 -27.47
C LYS A 767 10.56 -17.06 -28.41
N ASP A 768 9.66 -17.49 -29.29
CA ASP A 768 9.91 -18.59 -30.20
C ASP A 768 10.86 -18.23 -31.32
N CYS A 769 11.22 -16.95 -31.46
CA CYS A 769 12.12 -16.47 -32.50
C CYS A 769 13.50 -16.21 -31.90
N LYS A 770 14.49 -16.13 -32.78
CA LYS A 770 15.88 -15.94 -32.39
C LYS A 770 16.44 -14.70 -33.06
N ILE A 771 17.20 -13.93 -32.30
CA ILE A 771 17.82 -12.70 -32.82
C ILE A 771 19.06 -13.09 -33.62
N ARG A 772 19.12 -12.61 -34.86
CA ARG A 772 20.24 -12.86 -35.74
C ARG A 772 20.69 -11.54 -36.35
N VAL A 773 21.94 -11.17 -36.13
CA VAL A 773 22.46 -9.91 -36.66
C VAL A 773 23.02 -10.16 -38.05
N PHE A 774 23.01 -9.11 -38.87
CA PHE A 774 23.42 -9.21 -40.27
C PHE A 774 24.08 -7.87 -40.64
N ILE A 775 25.40 -7.81 -40.49
CA ILE A 775 26.17 -6.60 -40.73
C ILE A 775 26.90 -6.71 -42.06
N GLY A 776 26.97 -5.60 -42.78
CA GLY A 776 27.80 -5.51 -43.95
C GLY A 776 28.99 -4.60 -43.71
N GLY A 777 30.19 -5.20 -43.57
CA GLY A 777 31.37 -4.45 -43.22
C GLY A 777 32.59 -4.84 -44.02
N LYS A 778 33.77 -4.40 -43.56
CA LYS A 778 35.00 -4.71 -44.26
C LYS A 778 35.22 -6.21 -44.33
N ILE A 779 35.52 -6.71 -45.53
CA ILE A 779 35.74 -8.14 -45.72
C ILE A 779 37.00 -8.60 -45.01
N ASN A 780 38.03 -7.75 -44.98
CA ASN A 780 39.30 -8.13 -44.36
C ASN A 780 39.15 -8.31 -42.86
N ARG A 781 38.33 -7.48 -42.21
CA ARG A 781 38.20 -7.46 -40.76
C ARG A 781 36.95 -8.16 -40.27
N ILE A 782 36.59 -9.28 -40.90
CA ILE A 782 35.40 -10.01 -40.48
C ILE A 782 35.53 -10.47 -39.02
N ASP A 783 36.69 -11.00 -38.65
CA ASP A 783 36.87 -11.52 -37.30
C ASP A 783 36.74 -10.42 -36.27
N HIS A 784 37.36 -9.26 -36.53
CA HIS A 784 37.26 -8.14 -35.59
C HIS A 784 35.82 -7.69 -35.43
N ASP A 785 35.09 -7.58 -36.54
CA ASP A 785 33.69 -7.19 -36.46
C ASP A 785 32.88 -8.20 -35.66
N ARG A 786 33.09 -9.48 -35.89
CA ARG A 786 32.33 -10.51 -35.18
C ARG A 786 32.60 -10.45 -33.68
N ARG A 787 33.88 -10.36 -33.29
CA ARG A 787 34.19 -10.33 -31.86
C ARG A 787 33.67 -9.06 -31.20
N ALA A 788 33.80 -7.92 -31.89
CA ALA A 788 33.29 -6.67 -31.34
C ALA A 788 31.78 -6.73 -31.15
N MET A 789 31.06 -7.28 -32.13
CA MET A 789 29.61 -7.38 -32.01
C MET A 789 29.20 -8.39 -30.94
N ALA A 790 29.98 -9.46 -30.76
CA ALA A 790 29.71 -10.38 -29.66
C ALA A 790 29.84 -9.68 -28.33
N THR A 791 30.90 -8.87 -28.16
CA THR A 791 31.04 -8.09 -26.93
C THR A 791 29.87 -7.14 -26.76
N LEU A 792 29.46 -6.48 -27.84
CA LEU A 792 28.36 -5.53 -27.77
C LEU A 792 27.07 -6.22 -27.32
N LEU A 793 26.77 -7.38 -27.91
CA LEU A 793 25.57 -8.11 -27.54
C LEU A 793 25.64 -8.59 -26.09
N SER A 794 26.82 -9.05 -25.67
CA SER A 794 26.97 -9.51 -24.28
C SER A 794 26.74 -8.38 -23.30
N LYS A 795 27.30 -7.20 -23.57
CA LYS A 795 27.09 -6.08 -22.67
C LYS A 795 25.64 -5.60 -22.70
N PHE A 796 24.99 -5.67 -23.86
CA PHE A 796 23.60 -5.30 -23.99
C PHE A 796 22.65 -6.47 -23.76
N ARG A 797 23.17 -7.67 -23.46
CA ARG A 797 22.35 -8.82 -23.10
C ARG A 797 21.42 -9.24 -24.24
N ILE A 798 22.03 -9.64 -25.36
CA ILE A 798 21.30 -10.21 -26.48
C ILE A 798 22.02 -11.48 -26.93
N ASP A 799 21.24 -12.52 -27.25
CA ASP A 799 21.79 -13.75 -27.80
C ASP A 799 21.79 -13.71 -29.32
N PHE A 800 22.82 -14.31 -29.91
CA PHE A 800 23.02 -14.28 -31.35
C PHE A 800 23.21 -15.70 -31.87
N SER A 801 22.40 -16.08 -32.86
CA SER A 801 22.55 -17.41 -33.46
C SER A 801 23.83 -17.49 -34.28
N ASP A 802 24.07 -16.50 -35.13
CA ASP A 802 25.28 -16.45 -35.93
C ASP A 802 25.37 -15.08 -36.59
N ILE A 803 26.60 -14.60 -36.74
CA ILE A 803 26.89 -13.27 -37.24
C ILE A 803 27.77 -13.40 -38.48
N MET A 804 27.34 -12.77 -39.57
CA MET A 804 28.06 -12.77 -40.82
C MET A 804 28.32 -11.34 -41.29
N VAL A 805 29.54 -11.09 -41.75
CA VAL A 805 29.97 -9.76 -42.20
C VAL A 805 30.14 -9.82 -43.72
N LEU A 806 29.52 -8.88 -44.41
CA LEU A 806 29.54 -8.82 -45.88
C LEU A 806 30.26 -7.56 -46.33
N GLY A 807 31.15 -7.70 -47.29
CA GLY A 807 31.84 -6.56 -47.87
C GLY A 807 31.44 -6.30 -49.31
N ASP A 808 30.28 -6.82 -49.72
CA ASP A 808 29.81 -6.70 -51.08
C ASP A 808 28.81 -5.55 -51.27
N ILE A 809 28.65 -4.70 -50.26
CA ILE A 809 27.74 -3.57 -50.39
C ILE A 809 28.23 -2.62 -51.48
N ASN A 810 29.54 -2.40 -51.55
CA ASN A 810 30.09 -1.46 -52.51
C ASN A 810 29.88 -1.91 -53.96
N THR A 811 29.55 -3.18 -54.18
CA THR A 811 29.35 -3.67 -55.53
C THR A 811 28.20 -2.95 -56.20
N LYS A 812 28.36 -2.67 -57.50
CA LYS A 812 27.31 -2.02 -58.25
C LYS A 812 26.07 -2.91 -58.33
N PRO A 813 24.87 -2.37 -58.19
CA PRO A 813 23.67 -3.20 -58.29
C PRO A 813 23.43 -3.67 -59.71
N LYS A 814 22.62 -4.72 -59.82
CA LYS A 814 22.32 -5.30 -61.12
C LYS A 814 21.46 -4.36 -61.95
N LYS A 815 21.48 -4.58 -63.27
CA LYS A 815 20.86 -3.63 -64.20
C LYS A 815 19.35 -3.57 -64.01
N GLU A 816 18.70 -4.72 -63.77
CA GLU A 816 17.24 -4.72 -63.71
C GLU A 816 16.72 -3.88 -62.56
N ASN A 817 17.38 -3.96 -61.40
CA ASN A 817 16.95 -3.16 -60.25
C ASN A 817 17.12 -1.68 -60.53
N ILE A 818 18.24 -1.29 -61.15
CA ILE A 818 18.47 0.11 -61.49
C ILE A 818 17.38 0.59 -62.45
N ILE A 819 17.05 -0.23 -63.45
CA ILE A 819 16.01 0.14 -64.40
C ILE A 819 14.68 0.32 -63.68
N ALA A 820 14.33 -0.63 -62.82
CA ALA A 820 13.05 -0.56 -62.11
C ALA A 820 12.97 0.70 -61.26
N PHE A 821 14.06 1.03 -60.57
CA PHE A 821 14.09 2.30 -59.85
C PHE A 821 13.94 3.48 -60.80
N GLU A 822 14.48 3.38 -62.01
CA GLU A 822 14.34 4.46 -62.97
C GLU A 822 12.87 4.69 -63.32
N GLU A 823 12.13 3.61 -63.60
CA GLU A 823 10.71 3.81 -63.88
C GLU A 823 9.96 4.27 -62.63
N ILE A 824 10.38 3.82 -61.46
CA ILE A 824 9.72 4.26 -60.23
C ILE A 824 9.85 5.78 -60.07
N ILE A 825 11.04 6.31 -60.33
CA ILE A 825 11.29 7.74 -60.15
C ILE A 825 10.91 8.58 -61.36
N GLU A 826 10.65 7.96 -62.51
CA GLU A 826 10.36 8.71 -63.74
C GLU A 826 9.24 9.73 -63.59
N PRO A 827 8.09 9.40 -62.99
CA PRO A 827 6.99 10.38 -62.95
C PRO A 827 7.39 11.70 -62.31
N TYR A 828 8.25 11.66 -61.30
CA TYR A 828 8.68 12.86 -60.59
C TYR A 828 10.05 13.34 -61.03
N ARG A 829 10.59 12.79 -62.11
CA ARG A 829 11.88 13.26 -62.62
C ARG A 829 11.75 14.72 -63.06
N LEU A 830 12.71 15.54 -62.65
CA LEU A 830 12.67 16.95 -63.00
C LEU A 830 12.99 17.18 -64.48
N HIS A 831 13.86 16.36 -65.06
CA HIS A 831 14.28 16.53 -66.44
C HIS A 831 14.94 17.89 -66.65
N GLU A 832 15.70 18.34 -65.66
CA GLU A 832 16.35 19.65 -65.76
C GLU A 832 17.31 19.70 -66.94
N ASP A 833 18.11 18.64 -67.11
CA ASP A 833 19.04 18.60 -68.24
C ASP A 833 18.31 18.36 -69.55
N ASP A 834 17.37 17.42 -69.57
CA ASP A 834 16.65 17.11 -70.80
C ASP A 834 15.81 18.29 -71.26
N LYS A 835 15.12 18.95 -70.33
CA LYS A 835 14.30 20.10 -70.67
C LYS A 835 15.16 21.37 -70.73
N GLU A 836 14.57 22.42 -71.29
CA GLU A 836 15.26 23.69 -71.38
C GLU A 836 15.43 24.31 -69.99
N GLN A 837 16.47 25.12 -69.84
CA GLN A 837 16.78 25.70 -68.52
C GLN A 837 15.65 26.60 -68.04
N ASP A 838 15.12 27.44 -68.92
CA ASP A 838 14.08 28.39 -68.51
C ASP A 838 12.80 27.66 -68.11
N ILE A 839 12.33 26.76 -68.98
CA ILE A 839 11.11 26.02 -68.68
C ILE A 839 11.32 25.12 -67.47
N ALA A 840 12.51 24.54 -67.34
CA ALA A 840 12.80 23.70 -66.18
C ALA A 840 12.75 24.51 -64.90
N ASP A 841 13.32 25.71 -64.90
CA ASP A 841 13.27 26.55 -63.71
C ASP A 841 11.86 26.97 -63.40
N LYS A 842 11.06 27.30 -64.43
CA LYS A 842 9.66 27.64 -64.19
C LYS A 842 8.92 26.47 -63.56
N MET A 843 9.15 25.26 -64.06
CA MET A 843 8.49 24.08 -63.53
C MET A 843 8.93 23.85 -62.08
N LYS A 844 10.22 24.03 -61.80
CA LYS A 844 10.71 23.90 -60.43
C LYS A 844 10.02 24.89 -59.51
N GLU A 845 9.87 26.13 -59.96
CA GLU A 845 9.14 27.11 -59.18
C GLU A 845 7.70 26.64 -58.94
N ASP A 846 7.07 26.07 -59.97
CA ASP A 846 5.72 25.56 -59.81
C ASP A 846 5.70 24.33 -58.91
N GLU A 847 6.64 23.41 -59.11
CA GLU A 847 6.70 22.16 -58.35
C GLU A 847 8.12 22.01 -57.82
N PRO A 848 8.46 22.69 -56.71
CA PRO A 848 9.82 22.59 -56.18
C PRO A 848 10.18 21.22 -55.63
N TRP A 849 9.22 20.31 -55.49
CA TRP A 849 9.48 18.99 -54.94
C TRP A 849 9.90 17.97 -56.00
N ARG A 850 9.98 18.37 -57.27
CA ARG A 850 10.35 17.44 -58.32
C ARG A 850 11.76 16.90 -58.08
N ILE A 851 11.97 15.64 -58.44
CA ILE A 851 13.26 14.98 -58.24
C ILE A 851 14.29 15.69 -59.11
N THR A 852 15.24 16.38 -58.47
CA THR A 852 16.28 17.08 -59.20
C THR A 852 17.26 16.07 -59.80
N ASP A 853 17.53 16.21 -61.09
CA ASP A 853 18.49 15.31 -61.73
C ASP A 853 19.88 15.50 -61.16
N ASN A 854 20.23 16.72 -60.77
CA ASN A 854 21.51 16.95 -60.13
C ASN A 854 21.61 16.17 -58.82
N GLU A 855 20.52 16.14 -58.04
CA GLU A 855 20.52 15.36 -56.81
C GLU A 855 20.74 13.89 -57.10
N LEU A 856 20.05 13.34 -58.11
CA LEU A 856 20.22 11.93 -58.46
C LEU A 856 21.66 11.65 -58.87
N GLU A 857 22.24 12.51 -59.70
CA GLU A 857 23.61 12.31 -60.13
C GLU A 857 24.58 12.36 -58.95
N LEU A 858 24.39 13.34 -58.06
CA LEU A 858 25.29 13.47 -56.92
C LEU A 858 25.16 12.28 -55.97
N TYR A 859 23.94 11.83 -55.71
CA TYR A 859 23.67 10.74 -54.77
C TYR A 859 23.50 9.40 -55.47
N LYS A 860 24.01 9.28 -56.70
CA LYS A 860 23.90 8.00 -57.41
C LYS A 860 24.54 6.88 -56.60
N THR A 861 25.65 7.18 -55.92
CA THR A 861 26.26 6.19 -55.05
C THR A 861 25.32 5.79 -53.93
N LYS A 862 24.61 6.76 -53.35
CA LYS A 862 23.65 6.45 -52.29
C LYS A 862 22.55 5.54 -52.81
N THR A 863 22.02 5.83 -54.00
CA THR A 863 20.97 5.00 -54.56
C THR A 863 21.49 3.58 -54.84
N TYR A 864 22.71 3.47 -55.38
CA TYR A 864 23.26 2.16 -55.68
C TYR A 864 23.48 1.34 -54.41
N ARG A 865 24.04 1.96 -53.37
CA ARG A 865 24.26 1.23 -52.12
C ARG A 865 22.93 0.84 -51.50
N GLN A 866 21.92 1.72 -51.58
CA GLN A 866 20.60 1.36 -51.08
C GLN A 866 20.03 0.17 -51.83
N ILE A 867 20.16 0.15 -53.15
CA ILE A 867 19.62 -0.96 -53.94
C ILE A 867 20.34 -2.25 -53.59
N ARG A 868 21.68 -2.18 -53.45
CA ARG A 868 22.43 -3.37 -53.07
C ARG A 868 22.01 -3.86 -51.69
N LEU A 869 21.79 -2.94 -50.76
CA LEU A 869 21.33 -3.34 -49.42
C LEU A 869 19.96 -3.99 -49.48
N ASN A 870 19.06 -3.45 -50.32
CA ASN A 870 17.76 -4.07 -50.48
C ASN A 870 17.89 -5.48 -51.04
N GLU A 871 18.76 -5.67 -52.04
CA GLU A 871 18.94 -7.00 -52.61
C GLU A 871 19.50 -7.96 -51.57
N LEU A 872 20.49 -7.52 -50.79
CA LEU A 872 21.05 -8.39 -49.76
C LEU A 872 20.01 -8.76 -48.72
N LEU A 873 19.21 -7.78 -48.29
CA LEU A 873 18.17 -8.07 -47.31
C LEU A 873 17.14 -9.04 -47.87
N LYS A 874 16.76 -8.87 -49.14
CA LYS A 874 15.81 -9.77 -49.76
C LYS A 874 16.37 -11.20 -49.82
N GLU A 875 17.65 -11.32 -50.18
CA GLU A 875 18.23 -12.65 -50.32
C GLU A 875 18.41 -13.34 -48.97
N HIS A 876 18.88 -12.60 -47.96
CA HIS A 876 19.26 -13.21 -46.69
C HIS A 876 18.09 -13.36 -45.74
N SER A 877 17.45 -12.23 -45.39
CA SER A 877 16.46 -12.20 -44.32
C SER A 877 15.04 -12.47 -44.81
N SER A 878 14.88 -13.15 -45.94
CA SER A 878 13.54 -13.46 -46.43
C SER A 878 12.79 -14.35 -45.44
N THR A 879 13.48 -15.35 -44.88
CA THR A 879 12.82 -16.28 -43.97
C THR A 879 12.31 -15.58 -42.72
N ALA A 880 13.10 -14.66 -42.16
CA ALA A 880 12.73 -14.02 -40.91
C ALA A 880 11.44 -13.23 -41.07
N ASN A 881 10.59 -13.29 -40.04
CA ASN A 881 9.32 -12.59 -40.11
C ASN A 881 9.51 -11.07 -40.12
N ILE A 882 10.46 -10.56 -39.34
CA ILE A 882 10.63 -9.13 -39.16
C ILE A 882 12.09 -8.77 -39.36
N ILE A 883 12.32 -7.68 -40.10
CA ILE A 883 13.66 -7.20 -40.42
C ILE A 883 13.78 -5.77 -39.92
N VAL A 884 14.84 -5.48 -39.18
CA VAL A 884 15.08 -4.18 -38.57
C VAL A 884 16.44 -3.69 -39.03
N MET A 885 16.51 -2.44 -39.49
CA MET A 885 17.77 -1.84 -39.91
C MET A 885 17.69 -0.33 -39.74
N SER A 886 18.79 0.34 -40.06
CA SER A 886 18.87 1.78 -39.89
C SER A 886 18.05 2.50 -40.96
N LEU A 887 17.52 3.65 -40.58
CA LEU A 887 16.73 4.48 -41.48
C LEU A 887 17.67 5.39 -42.28
N PRO A 888 17.57 5.44 -43.60
CA PRO A 888 18.37 6.41 -44.35
C PRO A 888 17.99 7.83 -43.98
N VAL A 889 18.97 8.72 -44.03
CA VAL A 889 18.77 10.12 -43.65
C VAL A 889 19.69 11.00 -44.46
N ALA A 890 19.20 12.18 -44.83
CA ALA A 890 19.97 13.16 -45.57
C ALA A 890 19.53 14.55 -45.15
N ARG A 891 20.39 15.53 -45.39
CA ARG A 891 20.10 16.90 -45.01
C ARG A 891 18.97 17.47 -45.86
N LYS A 892 18.06 18.20 -45.21
CA LYS A 892 16.92 18.78 -45.91
C LYS A 892 17.38 19.83 -46.91
N GLY A 893 16.59 20.00 -47.96
CA GLY A 893 16.93 20.95 -49.01
C GLY A 893 17.86 20.40 -50.06
N ALA A 894 18.95 19.75 -49.65
CA ALA A 894 19.87 19.12 -50.59
C ALA A 894 19.27 17.89 -51.24
N VAL A 895 18.13 17.40 -50.75
CA VAL A 895 17.49 16.20 -51.27
C VAL A 895 16.02 16.50 -51.50
N SER A 896 15.40 15.73 -52.40
CA SER A 896 14.01 15.90 -52.76
C SER A 896 13.13 14.95 -51.97
N SER A 897 11.90 15.40 -51.69
CA SER A 897 10.95 14.56 -50.98
C SER A 897 10.62 13.30 -51.77
N ALA A 898 10.43 13.45 -53.09
CA ALA A 898 10.17 12.28 -53.92
C ALA A 898 11.31 11.30 -53.87
N LEU A 899 12.55 11.80 -53.93
CA LEU A 899 13.71 10.91 -53.88
C LEU A 899 13.79 10.19 -52.54
N TYR A 900 13.56 10.91 -51.44
CA TYR A 900 13.61 10.28 -50.13
C TYR A 900 12.56 9.20 -49.99
N MET A 901 11.33 9.50 -50.41
CA MET A 901 10.26 8.52 -50.34
C MET A 901 10.54 7.34 -51.26
N ALA A 902 11.15 7.59 -52.42
CA ALA A 902 11.51 6.50 -53.31
C ALA A 902 12.57 5.59 -52.69
N TRP A 903 13.55 6.19 -52.01
CA TRP A 903 14.55 5.38 -51.30
C TRP A 903 13.86 4.51 -50.26
N LEU A 904 12.95 5.09 -49.49
CA LEU A 904 12.25 4.31 -48.47
C LEU A 904 11.44 3.18 -49.10
N GLU A 905 10.74 3.47 -50.20
CA GLU A 905 9.95 2.43 -50.86
C GLU A 905 10.84 1.32 -51.38
N ALA A 906 11.99 1.66 -51.96
CA ALA A 906 12.91 0.63 -52.44
C ALA A 906 13.39 -0.24 -51.29
N LEU A 907 13.74 0.38 -50.16
CA LEU A 907 14.23 -0.41 -49.03
C LEU A 907 13.15 -1.28 -48.41
N SER A 908 11.88 -0.97 -48.67
CA SER A 908 10.78 -1.75 -48.11
C SER A 908 9.87 -2.29 -49.20
N LYS A 909 10.46 -2.82 -50.26
CA LYS A 909 9.73 -3.30 -51.43
C LYS A 909 9.58 -4.81 -51.35
N ASP A 910 8.34 -5.29 -51.29
CA ASP A 910 8.01 -6.71 -51.31
C ASP A 910 8.87 -7.48 -50.30
N LEU A 911 8.75 -7.07 -49.04
CA LEU A 911 9.50 -7.64 -47.94
C LEU A 911 8.57 -7.96 -46.78
N PRO A 912 9.01 -8.78 -45.84
CA PRO A 912 8.20 -9.03 -44.65
C PRO A 912 8.12 -7.79 -43.78
N PRO A 913 7.51 -7.89 -42.59
CA PRO A 913 7.56 -6.76 -41.63
C PRO A 913 8.90 -6.06 -41.60
N ILE A 914 8.89 -4.75 -41.82
CA ILE A 914 10.10 -3.96 -42.05
C ILE A 914 10.10 -2.78 -41.10
N LEU A 915 11.23 -2.57 -40.41
CA LEU A 915 11.42 -1.50 -39.45
C LEU A 915 12.70 -0.74 -39.75
N LEU A 916 12.59 0.57 -39.88
CA LEU A 916 13.73 1.47 -40.08
C LEU A 916 13.84 2.35 -38.84
N VAL A 917 14.92 2.16 -38.08
CA VAL A 917 15.05 2.77 -36.77
C VAL A 917 16.30 3.63 -36.75
N ARG A 918 16.17 4.84 -36.19
CA ARG A 918 17.31 5.73 -36.02
C ARG A 918 17.10 6.50 -34.71
N GLY A 919 17.91 6.20 -33.71
CA GLY A 919 17.81 6.86 -32.42
C GLY A 919 18.05 8.35 -32.51
N ASN A 920 17.96 9.03 -31.38
CA ASN A 920 18.11 10.48 -31.32
C ASN A 920 19.57 10.91 -31.14
N HIS A 921 20.52 10.07 -31.52
CA HIS A 921 21.95 10.37 -31.42
C HIS A 921 22.38 10.67 -29.99
N GLN A 922 21.68 10.10 -29.02
CA GLN A 922 22.02 10.25 -27.61
C GLN A 922 22.23 8.87 -27.00
N SER A 923 23.30 8.73 -26.23
CA SER A 923 23.63 7.44 -25.61
C SER A 923 22.51 6.98 -24.67
N LYS B 1 32.22 -12.66 -9.61
CA LYS B 1 33.56 -13.05 -10.02
C LYS B 1 34.00 -14.33 -9.32
N PHE B 2 33.55 -14.51 -8.08
CA PHE B 2 33.99 -15.65 -7.28
C PHE B 2 33.57 -16.96 -7.92
N GLY B 3 32.35 -17.02 -8.44
CA GLY B 3 31.78 -18.25 -8.97
C GLY B 3 30.53 -18.63 -8.20
N TRP B 4 30.39 -19.92 -7.94
CA TRP B 4 29.32 -20.37 -7.05
C TRP B 4 29.80 -21.30 -5.95
N ILE B 5 30.73 -22.21 -6.23
CA ILE B 5 31.21 -23.11 -5.18
C ILE B 5 31.93 -22.31 -4.10
N LYS B 6 32.77 -21.37 -4.50
CA LYS B 6 33.48 -20.54 -3.54
C LYS B 6 32.74 -19.25 -3.21
N GLY B 7 31.57 -19.04 -3.79
CA GLY B 7 30.86 -17.79 -3.60
C GLY B 7 29.58 -17.92 -2.81
N VAL B 8 28.92 -19.06 -2.91
CA VAL B 8 27.67 -19.32 -2.21
C VAL B 8 27.77 -20.58 -1.36
N LEU B 9 28.11 -21.71 -1.99
CA LEU B 9 28.09 -22.98 -1.28
C LEU B 9 28.95 -22.93 -0.03
N VAL B 10 30.21 -22.49 -0.17
CA VAL B 10 31.07 -22.39 1.00
C VAL B 10 30.51 -21.39 2.01
N ARG B 11 30.07 -20.23 1.52
CA ARG B 11 29.56 -19.21 2.43
C ARG B 11 28.33 -19.73 3.17
N CYS B 12 27.41 -20.36 2.45
CA CYS B 12 26.19 -20.82 3.09
C CYS B 12 26.48 -21.93 4.09
N MET B 13 27.37 -22.88 3.76
CA MET B 13 27.68 -23.92 4.73
C MET B 13 28.33 -23.34 5.98
N LEU B 14 29.27 -22.41 5.83
CA LEU B 14 29.91 -21.88 7.03
C LEU B 14 28.95 -21.02 7.84
N ASN B 15 27.99 -20.37 7.21
CA ASN B 15 27.03 -19.59 7.99
C ASN B 15 26.01 -20.50 8.68
N ILE B 16 25.56 -21.55 7.98
CA ILE B 16 24.55 -22.43 8.55
C ILE B 16 25.12 -23.23 9.72
N TRP B 17 26.25 -23.89 9.51
CA TRP B 17 26.85 -24.74 10.55
C TRP B 17 27.42 -23.85 11.63
N GLY B 18 26.77 -23.82 12.79
CA GLY B 18 27.17 -22.93 13.86
C GLY B 18 27.35 -23.62 15.20
N VAL B 19 26.78 -23.04 16.25
CA VAL B 19 26.96 -23.59 17.59
C VAL B 19 26.19 -24.89 17.75
N MET B 20 24.94 -24.93 17.29
CA MET B 20 24.04 -26.02 17.63
C MET B 20 24.52 -27.38 17.14
N LEU B 21 25.42 -27.42 16.15
CA LEU B 21 25.80 -28.70 15.58
C LEU B 21 26.52 -29.57 16.60
N PHE B 22 27.46 -28.99 17.34
CA PHE B 22 28.34 -29.75 18.22
C PHE B 22 28.06 -29.52 19.70
N ILE B 23 26.99 -28.82 20.05
CA ILE B 23 26.71 -28.52 21.45
C ILE B 23 25.33 -29.04 21.85
N ARG B 24 24.28 -28.52 21.21
CA ARG B 24 22.92 -28.85 21.63
C ARG B 24 22.27 -29.95 20.80
N LEU B 25 22.90 -30.42 19.73
CA LEU B 25 22.25 -31.48 18.94
C LEU B 25 22.14 -32.76 19.75
N SER B 26 23.18 -33.11 20.51
CA SER B 26 23.07 -34.25 21.41
C SER B 26 22.02 -34.00 22.47
N TRP B 27 22.01 -32.81 23.07
CA TRP B 27 21.00 -32.48 24.06
C TRP B 27 19.61 -32.55 23.46
N ILE B 28 19.45 -32.06 22.23
CA ILE B 28 18.13 -32.05 21.60
C ILE B 28 17.65 -33.46 21.31
N VAL B 29 18.53 -34.31 20.76
CA VAL B 29 18.14 -35.69 20.50
C VAL B 29 18.02 -36.51 21.77
N GLY B 30 18.52 -35.99 22.89
CA GLY B 30 18.28 -36.60 24.18
C GLY B 30 16.91 -36.25 24.70
N GLN B 31 16.57 -34.96 24.72
CA GLN B 31 15.26 -34.54 25.21
C GLN B 31 14.18 -35.27 24.43
N ALA B 32 14.00 -34.92 23.17
CA ALA B 32 13.08 -35.67 22.34
C ALA B 32 13.77 -36.94 21.83
N GLY B 33 13.01 -37.75 21.09
CA GLY B 33 13.54 -38.98 20.55
C GLY B 33 14.17 -38.78 19.20
N ILE B 34 14.60 -39.88 18.60
CA ILE B 34 15.10 -39.83 17.24
C ILE B 34 13.99 -39.36 16.30
N GLY B 35 12.78 -39.88 16.51
CA GLY B 35 11.69 -39.54 15.62
C GLY B 35 11.34 -38.06 15.65
N LEU B 36 11.14 -37.53 16.85
CA LEU B 36 10.75 -36.12 16.92
C LEU B 36 11.92 -35.18 16.67
N SER B 37 13.16 -35.58 16.98
CA SER B 37 14.29 -34.74 16.57
C SER B 37 14.40 -34.68 15.06
N VAL B 38 14.19 -35.80 14.38
CA VAL B 38 14.18 -35.79 12.92
C VAL B 38 13.03 -34.94 12.40
N LEU B 39 11.88 -35.01 13.06
CA LEU B 39 10.77 -34.14 12.66
C LEU B 39 11.11 -32.67 12.84
N VAL B 40 11.82 -32.34 13.92
CA VAL B 40 12.26 -30.96 14.14
C VAL B 40 13.17 -30.51 13.01
N ILE B 41 14.14 -31.36 12.65
CA ILE B 41 15.08 -30.99 11.60
C ILE B 41 14.33 -30.82 10.27
N MET B 42 13.36 -31.68 10.00
CA MET B 42 12.59 -31.54 8.77
C MET B 42 11.76 -30.26 8.77
N MET B 43 11.18 -29.89 9.91
CA MET B 43 10.42 -28.65 9.98
C MET B 43 11.31 -27.44 9.69
N ALA B 44 12.47 -27.40 10.34
CA ALA B 44 13.39 -26.30 10.09
C ALA B 44 13.82 -26.27 8.63
N THR B 45 14.07 -27.44 8.04
CA THR B 45 14.49 -27.48 6.65
C THR B 45 13.37 -27.01 5.73
N VAL B 46 12.12 -27.32 6.05
CA VAL B 46 11.01 -26.87 5.22
C VAL B 46 10.92 -25.36 5.23
N VAL B 47 10.99 -24.76 6.42
CA VAL B 47 10.93 -23.30 6.50
C VAL B 47 12.08 -22.67 5.71
N THR B 48 13.29 -23.18 5.93
CA THR B 48 14.45 -22.58 5.27
C THR B 48 14.42 -22.78 3.77
N THR B 49 13.91 -23.92 3.28
CA THR B 49 13.91 -24.14 1.85
C THR B 49 12.80 -23.36 1.15
N ILE B 50 11.65 -23.17 1.80
CA ILE B 50 10.65 -22.27 1.21
C ILE B 50 11.22 -20.85 1.12
N THR B 51 11.88 -20.40 2.19
CA THR B 51 12.51 -19.08 2.12
C THR B 51 13.59 -19.03 1.05
N GLY B 52 14.30 -20.13 0.84
CA GLY B 52 15.30 -20.17 -0.21
C GLY B 52 14.68 -20.05 -1.59
N LEU B 53 13.55 -20.70 -1.81
CA LEU B 53 12.84 -20.55 -3.06
C LEU B 53 12.40 -19.10 -3.28
N SER B 54 11.85 -18.47 -2.24
CA SER B 54 11.45 -17.08 -2.38
C SER B 54 12.64 -16.17 -2.67
N THR B 55 13.77 -16.40 -2.00
CA THR B 55 14.96 -15.60 -2.27
C THR B 55 15.47 -15.81 -3.68
N SER B 56 15.47 -17.05 -4.15
CA SER B 56 15.91 -17.32 -5.52
C SER B 56 15.01 -16.62 -6.52
N ALA B 57 13.70 -16.60 -6.26
CA ALA B 57 12.80 -15.84 -7.13
C ALA B 57 13.07 -14.35 -7.06
N ILE B 58 13.43 -13.85 -5.88
CA ILE B 58 13.78 -12.44 -5.74
C ILE B 58 14.99 -12.11 -6.59
N ALA B 59 16.00 -12.97 -6.57
CA ALA B 59 17.30 -12.63 -7.15
C ALA B 59 17.39 -12.85 -8.65
N THR B 60 16.34 -13.34 -9.28
CA THR B 60 16.37 -13.60 -10.72
C THR B 60 15.80 -12.46 -11.55
N ASN B 61 15.44 -11.33 -10.95
CA ASN B 61 15.08 -10.16 -11.73
C ASN B 61 16.32 -9.53 -12.34
N GLY B 62 16.09 -8.55 -13.22
CA GLY B 62 17.18 -7.85 -13.86
C GLY B 62 17.93 -6.90 -12.95
N PHE B 63 17.37 -6.58 -11.78
CA PHE B 63 18.01 -5.70 -10.82
C PHE B 63 19.14 -6.47 -10.14
N VAL B 64 20.34 -6.37 -10.71
CA VAL B 64 21.52 -7.04 -10.17
C VAL B 64 22.61 -5.97 -10.03
N ARG B 65 22.66 -5.33 -8.88
CA ARG B 65 23.57 -4.23 -8.63
C ARG B 65 23.81 -4.09 -7.13
N GLY B 66 24.79 -3.27 -6.78
CA GLY B 66 25.05 -2.96 -5.39
C GLY B 66 25.73 -4.09 -4.65
N GLY B 67 25.05 -5.23 -4.54
CA GLY B 67 25.62 -6.37 -3.85
C GLY B 67 25.29 -6.42 -2.37
N GLY B 68 24.01 -6.48 -2.05
CA GLY B 68 23.59 -6.66 -0.66
C GLY B 68 22.18 -7.17 -0.61
N ALA B 69 21.89 -7.98 0.40
CA ALA B 69 20.56 -8.55 0.53
C ALA B 69 19.50 -7.46 0.59
N TYR B 70 19.69 -6.50 1.50
CA TYR B 70 18.76 -5.38 1.59
C TYR B 70 18.60 -4.70 0.23
N TYR B 71 19.68 -4.60 -0.54
CA TYR B 71 19.60 -3.96 -1.83
C TYR B 71 18.65 -4.71 -2.75
N LEU B 72 18.77 -6.04 -2.81
CA LEU B 72 17.87 -6.82 -3.65
C LEU B 72 16.42 -6.66 -3.21
N ILE B 73 16.16 -6.77 -1.90
CA ILE B 73 14.77 -6.67 -1.45
C ILE B 73 14.21 -5.29 -1.76
N SER B 74 15.00 -4.24 -1.52
CA SER B 74 14.49 -2.88 -1.71
C SER B 74 14.23 -2.59 -3.18
N ARG B 75 15.16 -2.97 -4.06
CA ARG B 75 15.01 -2.60 -5.47
C ARG B 75 14.00 -3.49 -6.18
N SER B 76 13.89 -4.77 -5.82
CA SER B 76 12.93 -5.63 -6.49
C SER B 76 11.51 -5.37 -6.02
N LEU B 77 11.32 -5.12 -4.72
CA LEU B 77 10.03 -4.88 -4.10
C LEU B 77 9.95 -3.42 -3.67
N GLY B 78 8.92 -3.09 -2.89
CA GLY B 78 8.73 -1.74 -2.45
C GLY B 78 9.85 -1.27 -1.55
N PRO B 79 10.05 0.05 -1.44
CA PRO B 79 10.99 0.55 -0.43
C PRO B 79 10.57 0.24 0.99
N GLU B 80 9.27 0.18 1.28
CA GLU B 80 8.83 -0.02 2.66
C GLU B 80 9.08 -1.45 3.13
N PHE B 81 8.76 -2.45 2.30
CA PHE B 81 9.12 -3.82 2.65
C PHE B 81 10.63 -3.95 2.80
N GLY B 82 11.38 -3.33 1.88
CA GLY B 82 12.82 -3.38 1.98
C GLY B 82 13.33 -2.83 3.29
N GLY B 83 12.79 -1.69 3.71
CA GLY B 83 13.22 -1.09 4.96
C GLY B 83 12.89 -1.95 6.16
N ALA B 84 11.64 -2.45 6.22
CA ALA B 84 11.24 -3.29 7.34
C ALA B 84 12.14 -4.51 7.45
N ILE B 85 12.30 -5.24 6.34
CA ILE B 85 13.10 -6.45 6.37
C ILE B 85 14.55 -6.12 6.70
N GLY B 86 15.08 -5.04 6.14
CA GLY B 86 16.45 -4.68 6.42
C GLY B 86 16.69 -4.44 7.89
N LEU B 87 15.80 -3.68 8.53
CA LEU B 87 15.99 -3.39 9.95
C LEU B 87 15.87 -4.65 10.79
N ILE B 88 14.83 -5.45 10.55
CA ILE B 88 14.64 -6.63 11.38
C ILE B 88 15.79 -7.61 11.19
N PHE B 89 16.24 -7.79 9.95
CA PHE B 89 17.36 -8.68 9.70
C PHE B 89 18.63 -8.16 10.35
N ALA B 90 18.85 -6.85 10.31
CA ALA B 90 20.02 -6.29 10.96
C ALA B 90 20.01 -6.60 12.44
N PHE B 91 18.86 -6.41 13.09
CA PHE B 91 18.80 -6.74 14.52
C PHE B 91 19.01 -8.22 14.76
N ALA B 92 18.42 -9.07 13.91
CA ALA B 92 18.55 -10.51 14.10
C ALA B 92 20.01 -10.93 14.03
N ASN B 93 20.76 -10.37 13.08
CA ASN B 93 22.19 -10.66 13.01
C ASN B 93 22.93 -10.09 14.21
N ALA B 94 22.53 -8.91 14.67
CA ALA B 94 23.19 -8.32 15.82
C ALA B 94 23.07 -9.22 17.05
N VAL B 95 21.93 -9.89 17.21
CA VAL B 95 21.80 -10.81 18.35
C VAL B 95 22.43 -12.16 18.08
N ALA B 96 22.42 -12.62 16.82
CA ALA B 96 23.07 -13.89 16.50
C ALA B 96 24.56 -13.83 16.79
N VAL B 97 25.18 -12.65 16.64
CA VAL B 97 26.58 -12.51 17.03
C VAL B 97 26.75 -12.90 18.48
N ALA B 98 25.87 -12.39 19.34
CA ALA B 98 25.94 -12.70 20.77
C ALA B 98 25.76 -14.19 21.00
N MET B 99 24.82 -14.81 20.30
CA MET B 99 24.59 -16.24 20.49
C MET B 99 25.85 -17.04 20.16
N TYR B 100 26.43 -16.80 19.00
CA TYR B 100 27.60 -17.60 18.59
C TYR B 100 28.77 -17.37 19.54
N VAL B 101 29.03 -16.12 19.91
CA VAL B 101 30.16 -15.88 20.80
C VAL B 101 29.90 -16.48 22.18
N VAL B 102 28.65 -16.47 22.65
CA VAL B 102 28.35 -17.09 23.95
C VAL B 102 28.58 -18.59 23.89
N GLY B 103 28.21 -19.23 22.78
CA GLY B 103 28.51 -20.65 22.63
C GLY B 103 30.01 -20.92 22.66
N PHE B 104 30.77 -20.10 21.94
CA PHE B 104 32.23 -20.25 21.97
C PHE B 104 32.77 -20.07 23.37
N ALA B 105 32.28 -19.07 24.09
CA ALA B 105 32.76 -18.81 25.43
C ALA B 105 32.41 -19.96 26.36
N GLU B 106 31.22 -20.55 26.20
CA GLU B 106 30.85 -21.71 27.01
C GLU B 106 31.80 -22.86 26.75
N THR B 107 32.15 -23.09 25.49
CA THR B 107 33.09 -24.15 25.18
C THR B 107 34.44 -23.90 25.84
N VAL B 108 34.94 -22.66 25.76
CA VAL B 108 36.23 -22.36 26.39
C VAL B 108 36.14 -22.50 27.90
N VAL B 109 35.00 -22.12 28.49
CA VAL B 109 34.83 -22.23 29.93
C VAL B 109 34.94 -23.69 30.35
N GLU B 110 34.21 -24.57 29.67
CA GLU B 110 34.28 -25.99 30.01
C GLU B 110 35.68 -26.53 29.78
N LEU B 111 36.32 -26.13 28.69
CA LEU B 111 37.66 -26.62 28.37
C LEU B 111 38.65 -26.23 29.46
N LEU B 112 38.55 -25.01 29.98
CA LEU B 112 39.40 -24.62 31.09
C LEU B 112 39.03 -25.37 32.36
N LYS B 113 37.73 -25.57 32.58
CA LYS B 113 37.29 -26.20 33.82
C LYS B 113 37.79 -27.62 33.95
N GLU B 114 37.76 -28.39 32.86
CA GLU B 114 38.28 -29.75 32.96
C GLU B 114 39.76 -29.76 33.30
N HIS B 115 40.47 -28.66 33.06
CA HIS B 115 41.84 -28.51 33.50
C HIS B 115 41.86 -27.85 34.88
N SER B 116 43.05 -27.59 35.41
CA SER B 116 43.16 -26.99 36.73
C SER B 116 42.75 -25.53 36.72
N ILE B 117 42.88 -24.84 35.58
CA ILE B 117 42.68 -23.40 35.55
C ILE B 117 41.20 -23.08 35.71
N LEU B 118 40.93 -21.94 36.36
CA LEU B 118 39.56 -21.51 36.62
C LEU B 118 39.60 -20.03 37.00
N MET B 119 38.44 -19.39 36.89
CA MET B 119 38.31 -17.99 37.27
C MET B 119 37.16 -17.84 38.27
N ILE B 120 36.72 -16.60 38.52
CA ILE B 120 35.84 -16.32 39.65
C ILE B 120 34.59 -17.20 39.60
N ASP B 121 33.96 -17.33 38.43
CA ASP B 121 32.77 -18.15 38.33
C ASP B 121 32.53 -18.52 36.88
N GLU B 122 31.70 -19.54 36.69
CA GLU B 122 31.35 -19.98 35.34
C GLU B 122 30.65 -18.86 34.57
N ILE B 123 29.61 -18.28 35.16
CA ILE B 123 28.83 -17.26 34.46
C ILE B 123 29.71 -16.04 34.18
N ASN B 124 30.45 -15.60 35.18
CA ASN B 124 31.30 -14.42 34.99
C ASN B 124 32.42 -14.72 34.00
N ASP B 125 32.95 -15.94 34.03
CA ASP B 125 33.97 -16.31 33.05
C ASP B 125 33.40 -16.29 31.64
N ILE B 126 32.16 -16.76 31.47
CA ILE B 126 31.51 -16.67 30.18
C ILE B 126 31.39 -15.21 29.75
N ARG B 127 31.01 -14.33 30.68
CA ARG B 127 30.87 -12.93 30.35
C ARG B 127 32.20 -12.35 29.87
N ILE B 128 33.27 -12.62 30.60
CA ILE B 128 34.58 -12.06 30.25
C ILE B 128 35.02 -12.59 28.88
N ILE B 129 34.91 -13.90 28.68
CA ILE B 129 35.35 -14.50 27.43
C ILE B 129 34.54 -13.96 26.25
N GLY B 130 33.22 -13.87 26.43
CA GLY B 130 32.39 -13.35 25.36
C GLY B 130 32.75 -11.92 25.01
N ALA B 131 32.96 -11.08 26.03
CA ALA B 131 33.29 -9.68 25.76
C ALA B 131 34.61 -9.56 25.02
N ILE B 132 35.64 -10.28 25.47
CA ILE B 132 36.94 -10.18 24.81
C ILE B 132 36.87 -10.71 23.39
N THR B 133 36.16 -11.82 23.18
CA THR B 133 36.03 -12.36 21.84
C THR B 133 35.30 -11.41 20.92
N VAL B 134 34.26 -10.73 21.43
CA VAL B 134 33.55 -9.78 20.59
C VAL B 134 34.46 -8.62 20.22
N VAL B 135 35.25 -8.14 21.17
CA VAL B 135 36.20 -7.07 20.86
C VAL B 135 37.14 -7.52 19.74
N ILE B 136 37.69 -8.74 19.86
CA ILE B 136 38.65 -9.22 18.87
C ILE B 136 37.97 -9.39 17.51
N LEU B 137 36.76 -9.96 17.49
CA LEU B 137 36.08 -10.18 16.23
C LEU B 137 35.76 -8.87 15.54
N LEU B 138 35.31 -7.87 16.29
CA LEU B 138 35.03 -6.57 15.70
C LEU B 138 36.32 -5.95 15.18
N GLY B 139 37.41 -6.06 15.94
CA GLY B 139 38.69 -5.55 15.46
C GLY B 139 39.08 -6.18 14.14
N ILE B 140 38.89 -7.50 14.01
CA ILE B 140 39.16 -8.17 12.75
C ILE B 140 38.23 -7.65 11.67
N SER B 141 36.97 -7.39 12.02
CA SER B 141 35.93 -7.13 11.03
C SER B 141 36.22 -5.91 10.15
N VAL B 142 37.09 -5.00 10.61
CA VAL B 142 37.37 -3.78 9.86
C VAL B 142 38.77 -3.76 9.27
N ALA B 143 39.62 -4.73 9.60
CA ALA B 143 40.99 -4.75 9.11
C ALA B 143 41.29 -5.98 8.26
N GLY B 144 40.90 -7.17 8.72
CA GLY B 144 41.34 -8.40 8.08
C GLY B 144 40.43 -8.93 7.00
N MET B 145 39.50 -8.10 6.52
CA MET B 145 38.59 -8.56 5.48
C MET B 145 39.33 -8.92 4.20
N GLU B 146 40.56 -8.46 4.03
CA GLU B 146 41.39 -8.84 2.90
C GLU B 146 41.95 -10.25 3.02
N TRP B 147 41.72 -10.93 4.14
CA TRP B 147 42.14 -12.31 4.33
C TRP B 147 40.99 -13.29 4.48
N GLU B 148 39.76 -12.82 4.64
CA GLU B 148 38.65 -13.72 4.96
C GLU B 148 38.43 -14.73 3.84
N ALA B 149 38.60 -14.31 2.58
CA ALA B 149 38.39 -15.23 1.47
C ALA B 149 39.39 -16.39 1.52
N LYS B 150 40.65 -16.11 1.84
CA LYS B 150 41.64 -17.17 1.93
C LYS B 150 41.33 -18.13 3.08
N ALA B 151 40.93 -17.59 4.23
CA ALA B 151 40.70 -18.42 5.40
C ALA B 151 39.35 -19.12 5.38
N GLN B 152 38.46 -18.75 4.46
CA GLN B 152 37.13 -19.34 4.43
C GLN B 152 37.20 -20.84 4.18
N ILE B 153 37.92 -21.23 3.12
CA ILE B 153 38.01 -22.64 2.77
C ILE B 153 38.77 -23.42 3.84
N VAL B 154 39.77 -22.79 4.46
CA VAL B 154 40.49 -23.44 5.55
C VAL B 154 39.53 -23.76 6.70
N LEU B 155 38.69 -22.79 7.06
CA LEU B 155 37.72 -23.04 8.12
C LEU B 155 36.78 -24.17 7.75
N LEU B 156 36.31 -24.19 6.49
CA LEU B 156 35.36 -25.24 6.10
C LEU B 156 36.01 -26.61 6.14
N VAL B 157 37.25 -26.74 5.67
CA VAL B 157 37.88 -28.05 5.70
C VAL B 157 38.14 -28.48 7.13
N ILE B 158 38.48 -27.55 8.03
CA ILE B 158 38.68 -27.93 9.42
C ILE B 158 37.37 -28.42 10.04
N LEU B 159 36.27 -27.72 9.75
CA LEU B 159 34.97 -28.16 10.26
C LEU B 159 34.62 -29.55 9.73
N LEU B 160 34.85 -29.79 8.44
CA LEU B 160 34.55 -31.11 7.89
C LEU B 160 35.44 -32.17 8.50
N LEU B 161 36.70 -31.84 8.77
CA LEU B 161 37.58 -32.80 9.43
C LEU B 161 37.07 -33.12 10.82
N ALA B 162 36.52 -32.12 11.53
CA ALA B 162 35.97 -32.40 12.84
C ALA B 162 34.77 -33.34 12.75
N ILE B 163 33.89 -33.12 11.78
CA ILE B 163 32.75 -34.03 11.63
C ILE B 163 33.23 -35.44 11.31
N GLY B 164 34.21 -35.55 10.42
CA GLY B 164 34.76 -36.86 10.10
C GLY B 164 35.39 -37.51 11.31
N ASP B 165 36.09 -36.73 12.13
CA ASP B 165 36.68 -37.27 13.35
C ASP B 165 35.61 -37.83 14.27
N PHE B 166 34.52 -37.09 14.45
CA PHE B 166 33.46 -37.61 15.31
C PHE B 166 32.91 -38.93 14.76
N VAL B 167 32.55 -38.95 13.47
CA VAL B 167 31.90 -40.14 12.95
C VAL B 167 32.85 -41.33 12.99
N ILE B 168 34.12 -41.12 12.68
CA ILE B 168 35.08 -42.22 12.73
C ILE B 168 35.22 -42.71 14.16
N GLY B 169 35.35 -41.79 15.11
CA GLY B 169 35.49 -42.20 16.50
C GLY B 169 34.26 -42.90 17.03
N THR B 170 33.10 -42.69 16.41
CA THR B 170 31.92 -43.39 16.85
C THR B 170 32.09 -44.91 16.70
N PHE B 171 32.69 -45.34 15.59
CA PHE B 171 32.79 -46.74 15.24
C PHE B 171 33.87 -47.49 16.04
N ILE B 172 34.46 -46.87 17.04
CA ILE B 172 35.58 -47.47 17.77
C ILE B 172 35.23 -47.48 19.25
N PRO B 173 34.28 -48.30 19.69
CA PRO B 173 33.93 -48.34 21.10
C PRO B 173 35.11 -48.74 21.96
N LEU B 174 35.19 -48.14 23.15
CA LEU B 174 36.24 -48.40 24.11
C LEU B 174 35.62 -48.66 25.47
N GLU B 175 36.34 -49.43 26.30
CA GLU B 175 35.89 -49.64 27.67
C GLU B 175 36.12 -48.40 28.52
N SER B 176 37.10 -47.58 28.15
CA SER B 176 37.37 -46.36 28.93
C SER B 176 36.16 -45.44 28.94
N LYS B 177 35.51 -45.28 27.79
CA LYS B 177 34.36 -44.40 27.67
C LYS B 177 33.06 -45.07 28.07
N LYS B 178 33.05 -46.39 28.20
CA LYS B 178 31.79 -47.09 28.48
C LYS B 178 31.06 -46.55 29.70
N PRO B 179 31.72 -46.22 30.82
CA PRO B 179 30.96 -45.68 31.96
C PRO B 179 30.18 -44.43 31.62
N LYS B 180 30.64 -43.67 30.65
CA LYS B 180 30.02 -42.39 30.33
C LYS B 180 28.82 -42.52 29.40
N GLY B 181 28.41 -43.74 29.05
CA GLY B 181 27.24 -43.96 28.23
C GLY B 181 27.50 -44.19 26.77
N PHE B 182 28.75 -44.30 26.34
CA PHE B 182 29.10 -44.50 24.94
C PHE B 182 29.33 -46.00 24.71
N PHE B 183 28.31 -46.67 24.19
CA PHE B 183 28.38 -48.11 23.93
C PHE B 183 28.66 -48.40 22.46
N GLY B 184 27.84 -47.90 21.56
CA GLY B 184 28.08 -48.03 20.14
C GLY B 184 27.08 -48.89 19.40
N TYR B 185 26.11 -48.25 18.75
CA TYR B 185 25.19 -48.90 17.82
C TYR B 185 24.62 -50.20 18.41
N LYS B 186 23.83 -50.04 19.46
CA LYS B 186 23.13 -51.16 20.09
C LYS B 186 21.64 -50.96 19.93
N SER B 187 20.94 -51.99 19.42
CA SER B 187 19.53 -51.85 19.11
C SER B 187 18.71 -51.57 20.38
N GLU B 188 19.16 -52.05 21.53
CA GLU B 188 18.47 -51.70 22.76
C GLU B 188 18.54 -50.19 23.02
N ILE B 189 19.71 -49.59 22.78
CA ILE B 189 19.85 -48.15 22.99
C ILE B 189 19.01 -47.40 21.98
N PHE B 190 18.99 -47.84 20.73
CA PHE B 190 18.15 -47.18 19.73
C PHE B 190 16.68 -47.26 20.13
N ASN B 191 16.24 -48.41 20.61
CA ASN B 191 14.85 -48.54 21.05
C ASN B 191 14.57 -47.61 22.23
N GLU B 192 15.50 -47.53 23.17
CA GLU B 192 15.29 -46.67 24.33
C GLU B 192 15.20 -45.21 23.93
N ASN B 193 16.06 -44.78 22.99
CA ASN B 193 16.17 -43.38 22.62
C ASN B 193 15.14 -42.94 21.60
N PHE B 194 14.42 -43.87 20.97
CA PHE B 194 13.48 -43.49 19.92
C PHE B 194 12.29 -42.71 20.45
N GLY B 195 12.06 -42.72 21.77
CA GLY B 195 10.86 -42.13 22.33
C GLY B 195 11.14 -40.82 23.05
N PRO B 196 10.19 -39.89 23.02
CA PRO B 196 10.40 -38.62 23.73
C PRO B 196 10.61 -38.84 25.22
N ASP B 197 11.51 -38.05 25.79
CA ASP B 197 11.80 -38.09 27.22
C ASP B 197 12.00 -36.67 27.77
N PHE B 198 11.11 -35.76 27.42
CA PHE B 198 11.23 -34.39 27.92
C PHE B 198 11.30 -34.41 29.44
N ARG B 199 12.46 -34.07 30.02
CA ARG B 199 12.63 -34.23 31.46
C ARG B 199 12.29 -32.95 32.21
N GLU B 200 13.00 -31.86 31.93
CA GLU B 200 12.78 -30.62 32.65
C GLU B 200 11.55 -29.93 32.10
N GLU B 201 11.40 -28.63 32.37
CA GLU B 201 10.21 -27.92 31.91
C GLU B 201 10.05 -27.95 30.39
N GLU B 202 11.12 -28.23 29.65
CA GLU B 202 11.06 -28.18 28.19
C GLU B 202 9.92 -29.00 27.60
N THR B 203 9.53 -28.67 26.38
CA THR B 203 8.52 -29.39 25.61
C THR B 203 9.01 -29.47 24.17
N PHE B 204 8.11 -29.85 23.26
CA PHE B 204 8.51 -30.03 21.88
C PHE B 204 8.96 -28.72 21.25
N PHE B 205 8.15 -27.68 21.35
CA PHE B 205 8.48 -26.44 20.67
C PHE B 205 9.58 -25.67 21.38
N SER B 206 9.85 -25.94 22.65
CA SER B 206 11.03 -25.36 23.29
C SER B 206 12.31 -25.88 22.65
N VAL B 207 12.42 -27.20 22.48
CA VAL B 207 13.61 -27.73 21.83
C VAL B 207 13.63 -27.31 20.37
N PHE B 208 12.47 -27.21 19.71
CA PHE B 208 12.48 -26.71 18.34
C PHE B 208 13.05 -25.30 18.29
N ALA B 209 12.64 -24.42 19.20
CA ALA B 209 13.15 -23.06 19.18
C ALA B 209 14.64 -23.04 19.49
N ILE B 210 15.08 -23.87 20.43
CA ILE B 210 16.51 -23.91 20.76
C ILE B 210 17.32 -24.44 19.58
N PHE B 211 16.70 -25.23 18.70
CA PHE B 211 17.44 -25.78 17.58
C PHE B 211 17.37 -24.94 16.33
N PHE B 212 16.32 -24.16 16.12
CA PHE B 212 16.15 -23.49 14.83
C PHE B 212 17.39 -22.72 14.40
N PRO B 213 18.11 -22.00 15.26
CA PRO B 213 19.35 -21.35 14.82
C PRO B 213 20.34 -22.27 14.12
N ALA B 214 20.13 -23.58 14.22
CA ALA B 214 20.95 -24.51 13.45
C ALA B 214 20.71 -24.39 11.96
N ALA B 215 19.59 -23.80 11.55
CA ALA B 215 19.20 -23.74 10.15
C ALA B 215 19.08 -22.33 9.62
N THR B 216 19.34 -21.30 10.43
CA THR B 216 19.27 -19.93 9.98
C THR B 216 20.63 -19.48 9.48
N GLY B 217 20.63 -18.74 8.38
CA GLY B 217 21.87 -18.24 7.81
C GLY B 217 21.95 -18.40 6.30
N ILE B 218 20.84 -18.77 5.66
CA ILE B 218 20.86 -18.97 4.22
C ILE B 218 21.06 -17.63 3.50
N LEU B 219 20.30 -16.61 3.88
CA LEU B 219 20.52 -15.30 3.29
C LEU B 219 21.87 -14.73 3.68
N ALA B 220 22.21 -14.83 4.97
CA ALA B 220 23.42 -14.20 5.48
C ALA B 220 24.67 -14.70 4.77
N GLY B 221 24.60 -15.86 4.13
CA GLY B 221 25.76 -16.41 3.46
C GLY B 221 26.14 -15.67 2.20
N ALA B 222 25.32 -15.79 1.17
CA ALA B 222 25.70 -15.41 -0.18
C ALA B 222 25.02 -14.15 -0.70
N ASN B 223 23.72 -14.01 -0.46
CA ASN B 223 22.99 -12.88 -1.02
C ASN B 223 23.65 -11.56 -0.69
N ILE B 224 24.25 -11.43 0.49
CA ILE B 224 24.91 -10.20 0.88
C ILE B 224 26.19 -9.95 0.10
N SER B 225 26.80 -10.99 -0.49
CA SER B 225 27.95 -10.74 -1.34
C SER B 225 27.53 -10.03 -2.62
N GLY B 226 26.69 -10.67 -3.43
CA GLY B 226 26.17 -10.05 -4.62
C GLY B 226 27.22 -9.56 -5.59
N ASP B 227 28.46 -10.04 -5.48
CA ASP B 227 29.53 -9.73 -6.43
C ASP B 227 29.98 -10.98 -7.16
N LEU B 228 29.05 -11.89 -7.42
CA LEU B 228 29.34 -13.15 -8.08
C LEU B 228 29.22 -13.00 -9.58
N ALA B 229 29.75 -13.97 -10.30
CA ALA B 229 29.54 -14.05 -11.74
C ALA B 229 28.17 -14.67 -12.00
N ASP B 230 27.32 -13.95 -12.71
CA ASP B 230 25.94 -14.37 -12.95
C ASP B 230 25.22 -14.59 -11.63
N PRO B 231 24.96 -13.54 -10.85
CA PRO B 231 24.14 -13.73 -9.65
C PRO B 231 22.77 -14.28 -9.93
N GLN B 232 22.27 -14.16 -11.16
CA GLN B 232 21.02 -14.80 -11.52
C GLN B 232 21.12 -16.32 -11.50
N SER B 233 22.35 -16.87 -11.51
CA SER B 233 22.57 -18.30 -11.59
C SER B 233 23.28 -18.90 -10.39
N ALA B 234 24.08 -18.12 -9.67
CA ALA B 234 24.82 -18.68 -8.54
C ALA B 234 23.89 -18.93 -7.35
N ILE B 235 23.01 -17.98 -7.05
CA ILE B 235 22.25 -18.05 -5.80
C ILE B 235 21.28 -19.23 -5.77
N PRO B 236 20.41 -19.43 -6.76
CA PRO B 236 19.44 -20.54 -6.65
C PRO B 236 20.08 -21.91 -6.51
N LYS B 237 21.21 -22.15 -7.18
CA LYS B 237 21.91 -23.42 -7.00
C LYS B 237 22.62 -23.48 -5.66
N GLY B 238 23.35 -22.43 -5.31
CA GLY B 238 24.18 -22.49 -4.13
C GLY B 238 23.38 -22.63 -2.85
N THR B 239 22.35 -21.80 -2.68
CA THR B 239 21.58 -21.87 -1.44
C THR B 239 20.86 -23.20 -1.33
N LEU B 240 20.27 -23.68 -2.42
CA LEU B 240 19.47 -24.90 -2.37
C LEU B 240 20.31 -26.16 -2.35
N LEU B 241 21.62 -26.08 -2.60
CA LEU B 241 22.49 -27.21 -2.30
C LEU B 241 23.08 -27.12 -0.89
N ALA B 242 23.40 -25.92 -0.42
CA ALA B 242 23.87 -25.78 0.95
C ALA B 242 22.83 -26.27 1.93
N ILE B 243 21.55 -25.93 1.70
CA ILE B 243 20.50 -26.38 2.59
C ILE B 243 20.41 -27.90 2.59
N LEU B 244 20.48 -28.52 1.41
CA LEU B 244 20.37 -29.96 1.33
C LEU B 244 21.51 -30.64 2.09
N ILE B 245 22.74 -30.20 1.85
CA ILE B 245 23.88 -30.84 2.51
C ILE B 245 23.78 -30.67 4.02
N THR B 246 23.48 -29.46 4.48
CA THR B 246 23.44 -29.23 5.91
C THR B 246 22.35 -30.05 6.58
N THR B 247 21.16 -30.11 5.97
CA THR B 247 20.09 -30.90 6.57
C THR B 247 20.44 -32.38 6.61
N LEU B 248 21.06 -32.90 5.54
CA LEU B 248 21.44 -34.31 5.56
C LEU B 248 22.44 -34.59 6.67
N VAL B 249 23.44 -33.72 6.84
CA VAL B 249 24.42 -33.93 7.88
C VAL B 249 23.76 -33.87 9.26
N TYR B 250 22.86 -32.91 9.47
CA TYR B 250 22.20 -32.80 10.75
C TYR B 250 21.42 -34.06 11.08
N VAL B 251 20.62 -34.55 10.13
CA VAL B 251 19.82 -35.74 10.43
C VAL B 251 20.73 -36.94 10.68
N GLY B 252 21.80 -37.07 9.90
CA GLY B 252 22.72 -38.17 10.11
C GLY B 252 23.31 -38.16 11.51
N ILE B 253 23.79 -37.00 11.95
CA ILE B 253 24.42 -36.92 13.26
C ILE B 253 23.38 -37.14 14.36
N ALA B 254 22.18 -36.60 14.19
CA ALA B 254 21.15 -36.77 15.21
C ALA B 254 20.84 -38.25 15.41
N VAL B 255 20.52 -38.95 14.32
CA VAL B 255 20.17 -40.37 14.45
C VAL B 255 21.35 -41.16 15.00
N SER B 256 22.56 -40.89 14.50
CA SER B 256 23.71 -41.67 14.96
C SER B 256 23.93 -41.51 16.45
N VAL B 257 24.04 -40.25 16.92
CA VAL B 257 24.39 -40.05 18.33
C VAL B 257 23.24 -40.46 19.22
N GLY B 258 22.00 -40.38 18.74
CA GLY B 258 20.89 -40.89 19.53
C GLY B 258 20.95 -42.40 19.66
N SER B 259 21.38 -43.09 18.61
CA SER B 259 21.49 -44.54 18.63
C SER B 259 22.78 -45.03 19.24
N CYS B 260 23.67 -44.14 19.64
CA CYS B 260 24.99 -44.53 20.14
C CYS B 260 25.16 -44.34 21.63
N VAL B 261 24.41 -43.44 22.27
CA VAL B 261 24.65 -43.07 23.66
C VAL B 261 23.34 -43.12 24.44
N VAL B 262 23.47 -43.40 25.74
CA VAL B 262 22.32 -43.59 26.62
C VAL B 262 21.97 -42.26 27.28
N ARG B 263 20.73 -42.16 27.76
CA ARG B 263 20.19 -40.87 28.16
C ARG B 263 21.01 -40.22 29.27
N ASP B 264 21.39 -40.98 30.28
CA ASP B 264 22.12 -40.40 31.39
C ASP B 264 22.93 -41.46 32.12
N ALA B 265 24.16 -41.13 32.47
CA ALA B 265 25.08 -42.07 33.09
C ALA B 265 26.14 -41.30 33.86
N THR B 266 26.90 -42.00 34.70
CA THR B 266 27.91 -41.40 35.57
C THR B 266 29.30 -41.89 35.17
N GLY B 267 30.31 -41.17 35.64
CA GLY B 267 31.68 -41.45 35.32
C GLY B 267 32.35 -42.48 36.20
N ASN B 268 31.62 -43.11 37.10
CA ASN B 268 32.19 -44.10 38.01
C ASN B 268 32.65 -45.32 37.21
N VAL B 269 33.97 -45.50 37.10
CA VAL B 269 34.50 -46.67 36.41
C VAL B 269 34.06 -47.96 37.07
N ASN B 270 33.71 -47.90 38.35
CA ASN B 270 33.08 -49.03 39.03
C ASN B 270 31.63 -49.10 38.61
N ASP B 271 30.81 -49.84 39.36
CA ASP B 271 29.39 -50.08 39.12
C ASP B 271 29.15 -51.19 38.12
N THR B 272 30.19 -51.76 37.50
CA THR B 272 29.98 -52.88 36.60
C THR B 272 29.31 -54.01 37.36
N ILE B 273 28.23 -54.55 36.79
CA ILE B 273 27.43 -55.57 37.46
C ILE B 273 27.05 -56.64 36.43
N VAL B 274 27.24 -57.90 36.81
CA VAL B 274 26.79 -59.04 36.02
C VAL B 274 26.00 -59.99 36.93
N THR B 275 25.77 -59.56 38.16
CA THR B 275 25.24 -60.47 39.18
C THR B 275 23.82 -60.91 38.85
N GLU B 276 22.94 -59.95 38.57
CA GLU B 276 21.51 -60.23 38.45
C GLU B 276 20.92 -59.47 37.28
N LEU B 277 19.74 -59.93 36.87
CA LEU B 277 18.94 -59.32 35.80
C LEU B 277 17.50 -59.19 36.25
N THR B 278 17.31 -58.72 37.48
CA THR B 278 15.97 -58.68 38.09
C THR B 278 15.02 -57.82 37.26
N ASN B 279 15.42 -56.58 36.97
CA ASN B 279 14.58 -55.66 36.22
C ASN B 279 15.19 -55.33 34.85
N CYS B 280 16.42 -54.82 34.83
CA CYS B 280 17.10 -54.49 33.57
C CYS B 280 16.21 -53.63 32.68
N THR B 281 15.44 -52.74 33.29
CA THR B 281 14.57 -51.87 32.52
C THR B 281 15.38 -50.93 31.63
N SER B 282 16.52 -50.46 32.14
CA SER B 282 17.31 -49.48 31.41
C SER B 282 17.85 -50.07 30.12
N ALA B 283 18.12 -49.18 29.16
CA ALA B 283 18.72 -49.59 27.90
C ALA B 283 20.15 -50.07 28.07
N ALA B 284 20.77 -49.84 29.22
CA ALA B 284 22.11 -50.34 29.52
C ALA B 284 22.07 -51.74 30.12
N CYS B 285 21.02 -52.51 29.82
CA CYS B 285 20.83 -53.80 30.48
C CYS B 285 22.04 -54.69 30.31
N LYS B 286 22.78 -54.55 29.21
CA LYS B 286 23.98 -55.36 29.01
C LYS B 286 24.89 -55.27 30.23
N LEU B 287 25.10 -54.06 30.72
CA LEU B 287 25.77 -53.85 32.00
C LEU B 287 24.83 -53.19 33.00
N ASN B 288 24.25 -52.04 32.65
CA ASN B 288 23.34 -51.29 33.50
C ASN B 288 24.09 -50.57 34.62
N PHE B 289 25.38 -50.88 34.77
CA PHE B 289 26.24 -50.32 35.80
C PHE B 289 25.45 -50.00 37.08
N ASP B 290 25.41 -48.74 37.50
CA ASP B 290 24.52 -48.31 38.57
C ASP B 290 23.86 -46.99 38.19
N PHE B 291 23.39 -46.89 36.95
CA PHE B 291 22.76 -45.67 36.49
C PHE B 291 21.38 -45.44 37.10
N SER B 292 20.90 -46.36 37.95
CA SER B 292 19.66 -46.11 38.68
C SER B 292 19.82 -44.90 39.62
N SER B 293 20.96 -44.80 40.28
CA SER B 293 21.24 -43.60 41.07
C SER B 293 21.29 -42.36 40.19
N CYS B 294 21.84 -42.50 38.98
CA CYS B 294 21.93 -41.37 38.07
C CYS B 294 20.55 -40.89 37.64
N GLU B 295 19.62 -41.82 37.37
CA GLU B 295 18.28 -41.39 36.98
C GLU B 295 17.45 -40.95 38.19
N SER B 296 17.81 -41.40 39.39
CA SER B 296 17.07 -40.99 40.58
C SER B 296 17.70 -39.79 41.29
N SER B 297 19.00 -39.59 41.15
CA SER B 297 19.73 -38.50 41.76
C SER B 297 20.60 -37.83 40.71
N PRO B 298 20.98 -36.57 40.91
CA PRO B 298 21.75 -35.87 39.87
C PRO B 298 23.04 -36.62 39.52
N CYS B 299 23.34 -36.63 38.23
CA CYS B 299 24.54 -37.29 37.72
C CYS B 299 25.17 -36.40 36.64
N SER B 300 26.49 -36.47 36.54
CA SER B 300 27.24 -35.48 35.76
C SER B 300 27.20 -35.80 34.27
N TYR B 301 27.69 -36.97 33.87
CA TYR B 301 27.77 -37.34 32.47
C TYR B 301 26.41 -37.81 31.97
N GLY B 302 26.37 -38.24 30.72
CA GLY B 302 25.16 -38.70 30.08
C GLY B 302 24.91 -37.99 28.77
N LEU B 303 23.75 -38.29 28.19
CA LEU B 303 23.33 -37.55 27.00
C LEU B 303 22.84 -36.15 27.34
N MET B 304 22.03 -36.02 28.39
CA MET B 304 21.42 -34.73 28.71
C MET B 304 22.17 -33.97 29.79
N ASN B 305 22.81 -34.66 30.72
CA ASN B 305 23.44 -33.96 31.83
C ASN B 305 24.57 -33.05 31.35
N ASN B 306 25.38 -33.51 30.41
CA ASN B 306 26.41 -32.69 29.80
C ASN B 306 26.22 -32.66 28.29
N PHE B 307 26.54 -31.52 27.68
CA PHE B 307 26.25 -31.29 26.28
C PHE B 307 27.41 -31.63 25.35
N GLN B 308 28.64 -31.67 25.86
CA GLN B 308 29.79 -32.03 25.05
C GLN B 308 29.98 -33.53 24.99
N VAL B 309 28.92 -34.27 24.63
CA VAL B 309 29.07 -35.70 24.44
C VAL B 309 29.84 -35.99 23.17
N MET B 310 29.71 -35.13 22.15
CA MET B 310 30.44 -35.34 20.92
C MET B 310 31.95 -35.23 21.14
N SER B 311 32.37 -34.37 22.08
CA SER B 311 33.79 -34.30 22.38
C SER B 311 34.29 -35.62 22.94
N MET B 312 33.52 -36.24 23.84
CA MET B 312 33.95 -37.49 24.45
C MET B 312 33.91 -38.64 23.45
N VAL B 313 32.81 -38.76 22.70
CA VAL B 313 32.66 -39.88 21.78
C VAL B 313 33.67 -39.81 20.65
N SER B 314 34.20 -38.64 20.34
CA SER B 314 35.13 -38.50 19.23
C SER B 314 36.43 -39.23 19.53
N GLY B 315 37.11 -39.65 18.46
CA GLY B 315 38.39 -40.30 18.63
C GLY B 315 39.46 -39.35 19.16
N PHE B 316 39.45 -38.11 18.69
CA PHE B 316 40.46 -37.12 19.05
C PHE B 316 39.73 -35.86 19.51
N THR B 317 39.97 -35.46 20.77
CA THR B 317 39.25 -34.34 21.36
C THR B 317 39.77 -32.98 20.91
N PRO B 318 41.09 -32.80 20.74
CA PRO B 318 41.54 -31.49 20.25
C PRO B 318 40.95 -31.12 18.91
N LEU B 319 40.81 -32.10 18.00
CA LEU B 319 40.29 -31.79 16.68
C LEU B 319 38.82 -31.39 16.75
N ILE B 320 38.02 -32.09 17.54
CA ILE B 320 36.61 -31.74 17.66
C ILE B 320 36.45 -30.39 18.36
N SER B 321 37.32 -30.08 19.32
CA SER B 321 37.28 -28.75 19.94
C SER B 321 37.60 -27.67 18.93
N ALA B 322 38.61 -27.90 18.08
CA ALA B 322 38.90 -26.93 17.02
C ALA B 322 37.72 -26.81 16.08
N GLY B 323 37.03 -27.91 15.82
CA GLY B 323 35.83 -27.84 15.00
C GLY B 323 34.77 -26.95 15.61
N ILE B 324 34.52 -27.08 16.91
CA ILE B 324 33.55 -26.23 17.58
C ILE B 324 33.97 -24.77 17.48
N PHE B 325 35.25 -24.50 17.73
CA PHE B 325 35.74 -23.12 17.66
C PHE B 325 35.49 -22.54 16.28
N SER B 326 35.86 -23.27 15.23
CA SER B 326 35.68 -22.74 13.89
C SER B 326 34.21 -22.53 13.57
N ALA B 327 33.36 -23.49 13.95
CA ALA B 327 31.95 -23.39 13.63
C ALA B 327 31.31 -22.17 14.28
N THR B 328 31.67 -21.88 15.53
CA THR B 328 31.11 -20.72 16.20
C THR B 328 31.68 -19.43 15.62
N LEU B 329 33.00 -19.36 15.47
CA LEU B 329 33.64 -18.09 15.12
C LEU B 329 33.31 -17.66 13.69
N SER B 330 33.27 -18.60 12.75
CA SER B 330 32.99 -18.20 11.37
C SER B 330 31.61 -17.55 11.26
N SER B 331 30.61 -18.15 11.89
CA SER B 331 29.27 -17.60 11.81
C SER B 331 29.16 -16.30 12.62
N ALA B 332 29.84 -16.21 13.76
CA ALA B 332 29.82 -14.95 14.50
C ALA B 332 30.39 -13.82 13.67
N LEU B 333 31.52 -14.07 13.01
CA LEU B 333 32.12 -13.05 12.16
C LEU B 333 31.21 -12.69 11.00
N ALA B 334 30.58 -13.69 10.38
CA ALA B 334 29.69 -13.41 9.25
C ALA B 334 28.55 -12.51 9.69
N SER B 335 27.94 -12.79 10.84
CA SER B 335 26.84 -11.95 11.32
C SER B 335 27.32 -10.56 11.67
N LEU B 336 28.46 -10.46 12.37
CA LEU B 336 28.98 -9.15 12.78
C LEU B 336 29.46 -8.33 11.60
N VAL B 337 29.68 -8.95 10.45
CA VAL B 337 29.99 -8.19 9.24
C VAL B 337 28.74 -7.87 8.44
N SER B 338 27.70 -8.70 8.51
CA SER B 338 26.50 -8.47 7.71
C SER B 338 25.48 -7.58 8.40
N ALA B 339 25.62 -7.33 9.70
CA ALA B 339 24.66 -6.43 10.33
C ALA B 339 24.98 -4.96 10.07
N PRO B 340 26.19 -4.49 10.39
CA PRO B 340 26.49 -3.06 10.14
C PRO B 340 26.35 -2.66 8.69
N LYS B 341 26.61 -3.57 7.75
CA LYS B 341 26.47 -3.23 6.34
C LYS B 341 25.02 -2.89 6.01
N ILE B 342 24.08 -3.70 6.49
CA ILE B 342 22.67 -3.40 6.27
C ILE B 342 22.30 -2.10 6.98
N PHE B 343 22.84 -1.88 8.18
CA PHE B 343 22.52 -0.64 8.88
C PHE B 343 22.99 0.57 8.08
N GLN B 344 24.21 0.51 7.54
CA GLN B 344 24.75 1.62 6.76
C GLN B 344 23.94 1.82 5.48
N ALA B 345 23.57 0.74 4.80
CA ALA B 345 22.77 0.89 3.59
C ALA B 345 21.44 1.54 3.91
N LEU B 346 20.82 1.13 5.01
CA LEU B 346 19.55 1.73 5.42
C LEU B 346 19.72 3.21 5.71
N CYS B 347 20.81 3.57 6.42
CA CYS B 347 21.05 4.98 6.71
C CYS B 347 21.25 5.78 5.42
N LYS B 348 22.04 5.25 4.50
CA LYS B 348 22.27 5.97 3.24
C LYS B 348 20.97 6.15 2.47
N ASP B 349 20.14 5.11 2.42
CA ASP B 349 18.84 5.28 1.78
C ASP B 349 17.94 6.23 2.55
N ASN B 350 18.22 6.44 3.83
CA ASN B 350 17.49 7.40 4.65
C ASN B 350 16.00 7.11 4.65
N ILE B 351 15.63 5.84 4.84
CA ILE B 351 14.21 5.50 4.96
C ILE B 351 13.67 6.01 6.28
N TYR B 352 14.44 5.85 7.36
CA TYR B 352 14.00 6.27 8.69
C TYR B 352 14.72 7.54 9.08
N PRO B 353 14.03 8.65 9.31
CA PRO B 353 14.74 9.91 9.61
C PRO B 353 15.60 9.85 10.86
N ALA B 354 15.20 9.07 11.86
CA ALA B 354 16.01 8.96 13.06
C ALA B 354 17.40 8.41 12.73
N PHE B 355 17.46 7.44 11.83
CA PHE B 355 18.73 6.87 11.38
C PHE B 355 19.23 7.57 10.12
N GLN B 356 19.30 8.90 10.15
CA GLN B 356 19.80 9.67 9.02
C GLN B 356 21.31 9.84 9.05
N MET B 357 21.99 9.38 10.10
CA MET B 357 23.43 9.56 10.24
C MET B 357 24.14 8.26 9.92
N PHE B 358 25.15 8.35 9.05
CA PHE B 358 26.01 7.22 8.70
C PHE B 358 27.42 7.40 9.26
N ALA B 359 27.64 8.39 10.13
CA ALA B 359 28.93 8.60 10.79
C ALA B 359 30.05 8.82 9.78
N LYS B 360 29.74 9.53 8.70
CA LYS B 360 30.75 9.93 7.71
C LYS B 360 31.47 8.71 7.13
N GLY B 361 30.79 7.58 7.05
CA GLY B 361 31.37 6.37 6.48
C GLY B 361 32.57 5.88 7.24
N PRO B 368 30.98 3.48 8.49
CA PRO B 368 29.73 3.50 9.25
C PRO B 368 29.95 3.23 10.74
N LEU B 369 30.51 4.21 11.45
CA LEU B 369 30.76 4.02 12.87
C LEU B 369 29.47 3.70 13.61
N ARG B 370 28.35 4.28 13.16
CA ARG B 370 27.08 4.04 13.83
C ARG B 370 26.71 2.56 13.78
N GLY B 371 26.85 1.94 12.60
CA GLY B 371 26.48 0.54 12.48
C GLY B 371 27.31 -0.36 13.36
N TYR B 372 28.63 -0.18 13.33
CA TYR B 372 29.50 -1.01 14.15
C TYR B 372 29.22 -0.79 15.63
N ILE B 373 28.98 0.46 16.03
CA ILE B 373 28.71 0.72 17.44
C ILE B 373 27.40 0.06 17.86
N LEU B 374 26.36 0.14 17.03
CA LEU B 374 25.10 -0.51 17.38
C LEU B 374 25.27 -2.01 17.49
N THR B 375 25.92 -2.64 16.51
CA THR B 375 26.09 -4.09 16.58
C THR B 375 26.91 -4.47 17.80
N PHE B 376 27.98 -3.73 18.08
CA PHE B 376 28.81 -4.07 19.24
C PHE B 376 28.02 -3.94 20.53
N LEU B 377 27.26 -2.85 20.68
CA LEU B 377 26.52 -2.66 21.92
C LEU B 377 25.43 -3.71 22.08
N ILE B 378 24.71 -4.05 21.01
CA ILE B 378 23.68 -5.08 21.15
C ILE B 378 24.30 -6.43 21.48
N ALA B 379 25.37 -6.79 20.77
CA ALA B 379 26.03 -8.06 21.02
C ALA B 379 26.56 -8.14 22.45
N LEU B 380 27.22 -7.08 22.92
CA LEU B 380 27.76 -7.08 24.27
C LEU B 380 26.65 -7.07 25.30
N GLY B 381 25.54 -6.37 25.01
CA GLY B 381 24.42 -6.38 25.93
C GLY B 381 23.84 -7.76 26.11
N PHE B 382 23.68 -8.50 25.01
CA PHE B 382 23.09 -9.83 25.13
C PHE B 382 24.07 -10.85 25.67
N ILE B 383 25.38 -10.63 25.47
CA ILE B 383 26.35 -11.58 26.00
C ILE B 383 26.31 -11.60 27.52
N LEU B 384 25.90 -10.49 28.14
CA LEU B 384 25.82 -10.45 29.60
C LEU B 384 24.85 -11.51 30.12
N ILE B 385 23.91 -11.96 29.30
CA ILE B 385 23.18 -13.19 29.58
C ILE B 385 24.11 -14.34 29.20
N ALA B 386 24.50 -15.16 30.18
CA ALA B 386 25.47 -16.21 29.96
C ALA B 386 24.83 -17.57 29.74
N GLU B 387 23.53 -17.63 29.51
CA GLU B 387 22.82 -18.88 29.30
C GLU B 387 22.37 -18.94 27.85
N LEU B 388 22.69 -20.04 27.17
CA LEU B 388 22.44 -20.12 25.74
C LEU B 388 21.04 -20.62 25.42
N ASN B 389 20.47 -21.48 26.27
CA ASN B 389 19.11 -21.96 26.03
C ASN B 389 18.07 -20.87 26.23
N VAL B 390 18.46 -19.70 26.76
CA VAL B 390 17.57 -18.55 26.85
C VAL B 390 17.90 -17.48 25.82
N ILE B 391 19.07 -17.52 25.20
CA ILE B 391 19.36 -16.62 24.09
C ILE B 391 18.83 -17.19 22.79
N ALA B 392 18.92 -18.50 22.60
CA ALA B 392 18.51 -19.08 21.33
C ALA B 392 17.09 -18.72 20.91
N PRO B 393 16.08 -18.76 21.78
CA PRO B 393 14.71 -18.49 21.32
C PRO B 393 14.49 -17.12 20.72
N ILE B 394 15.15 -16.07 21.22
CA ILE B 394 14.88 -14.74 20.69
C ILE B 394 15.49 -14.58 19.30
N ILE B 395 16.68 -15.15 19.07
CA ILE B 395 17.20 -15.20 17.72
C ILE B 395 16.29 -16.02 16.81
N SER B 396 15.76 -17.12 17.32
CA SER B 396 14.79 -17.87 16.54
C SER B 396 13.61 -17.01 16.14
N ASN B 397 13.10 -16.22 17.08
CA ASN B 397 11.95 -15.37 16.80
C ASN B 397 12.28 -14.31 15.75
N PHE B 398 13.42 -13.64 15.90
CA PHE B 398 13.76 -12.58 14.95
C PHE B 398 13.99 -13.14 13.55
N PHE B 399 14.65 -14.30 13.45
CA PHE B 399 14.89 -14.85 12.12
C PHE B 399 13.61 -15.40 11.50
N LEU B 400 12.69 -15.95 12.30
CA LEU B 400 11.39 -16.30 11.74
C LEU B 400 10.64 -15.05 11.29
N ALA B 401 10.79 -13.94 12.00
CA ALA B 401 10.17 -12.70 11.55
C ALA B 401 10.72 -12.27 10.20
N SER B 402 12.04 -12.30 10.05
CA SER B 402 12.65 -11.92 8.77
C SER B 402 12.18 -12.84 7.64
N TYR B 403 12.18 -14.15 7.88
CA TYR B 403 11.80 -15.08 6.82
C TYR B 403 10.32 -14.95 6.47
N ALA B 404 9.46 -14.78 7.47
CA ALA B 404 8.05 -14.58 7.20
C ALA B 404 7.83 -13.32 6.39
N LEU B 405 8.53 -12.24 6.73
CA LEU B 405 8.39 -11.01 5.97
C LEU B 405 8.81 -11.21 4.53
N ILE B 406 9.92 -11.89 4.30
CA ILE B 406 10.39 -12.10 2.93
C ILE B 406 9.36 -12.90 2.14
N ASN B 407 8.86 -13.99 2.74
CA ASN B 407 7.90 -14.84 2.04
C ASN B 407 6.62 -14.06 1.71
N PHE B 408 6.08 -13.33 2.68
CA PHE B 408 4.86 -12.59 2.41
C PHE B 408 5.11 -11.48 1.40
N SER B 409 6.27 -10.84 1.44
CA SER B 409 6.54 -9.78 0.48
C SER B 409 6.57 -10.33 -0.94
N VAL B 410 7.21 -11.48 -1.14
CA VAL B 410 7.22 -12.08 -2.47
C VAL B 410 5.82 -12.44 -2.89
N PHE B 411 5.05 -13.07 -1.99
CA PHE B 411 3.68 -13.44 -2.34
C PHE B 411 2.87 -12.22 -2.72
N HIS B 412 3.04 -11.13 -2.00
CA HIS B 412 2.25 -9.93 -2.24
C HIS B 412 2.64 -9.26 -3.54
N ALA B 413 3.94 -9.14 -3.80
CA ALA B 413 4.38 -8.55 -5.05
C ALA B 413 3.91 -9.37 -6.24
N SER B 414 3.77 -10.69 -6.07
CA SER B 414 3.20 -11.49 -7.16
C SER B 414 1.69 -11.33 -7.24
N LEU B 415 1.01 -11.21 -6.10
CA LEU B 415 -0.44 -11.13 -6.10
C LEU B 415 -0.92 -9.88 -6.82
N ALA B 416 -0.41 -8.72 -6.42
CA ALA B 416 -0.62 -7.48 -7.15
C ALA B 416 0.43 -7.40 -8.25
N LYS B 417 -0.02 -7.39 -9.49
CA LYS B 417 0.91 -7.54 -10.62
C LYS B 417 1.80 -6.31 -10.64
N SER B 418 2.77 -6.30 -9.73
CA SER B 418 3.58 -5.12 -9.51
C SER B 418 4.34 -4.78 -10.79
N PRO B 419 4.62 -3.49 -11.04
CA PRO B 419 5.20 -3.12 -12.34
C PRO B 419 6.52 -3.80 -12.64
N GLY B 420 7.38 -3.99 -11.64
CA GLY B 420 8.70 -4.53 -11.87
C GLY B 420 8.94 -5.86 -11.21
N TRP B 421 7.93 -6.74 -11.25
CA TRP B 421 8.01 -8.07 -10.64
C TRP B 421 7.77 -9.11 -11.72
N ARG B 422 8.85 -9.49 -12.41
CA ARG B 422 8.85 -10.61 -13.34
C ARG B 422 9.99 -11.53 -12.92
N PRO B 423 9.73 -12.57 -12.12
CA PRO B 423 10.82 -13.27 -11.42
C PRO B 423 11.78 -14.02 -12.34
N ALA B 424 11.26 -14.78 -13.30
CA ALA B 424 12.08 -15.56 -14.22
C ALA B 424 12.86 -16.65 -13.48
N PHE B 425 12.12 -17.48 -12.73
CA PHE B 425 12.69 -18.61 -12.01
C PHE B 425 11.70 -19.77 -12.10
N LYS B 426 12.22 -20.98 -11.93
CA LYS B 426 11.41 -22.18 -11.92
C LYS B 426 11.20 -22.65 -10.48
N TYR B 427 10.06 -23.28 -10.23
CA TYR B 427 9.71 -23.80 -8.91
C TYR B 427 9.60 -22.65 -7.90
N TYR B 428 8.62 -21.77 -8.13
CA TYR B 428 8.51 -20.55 -7.33
C TYR B 428 7.05 -20.17 -7.08
N ASN B 429 6.15 -21.13 -7.07
CA ASN B 429 4.72 -20.83 -6.98
C ASN B 429 4.42 -19.97 -5.77
N MET B 430 3.69 -18.87 -5.99
CA MET B 430 3.50 -17.89 -4.92
C MET B 430 2.64 -18.45 -3.80
N TRP B 431 1.74 -19.38 -4.10
CA TRP B 431 0.94 -19.98 -3.03
C TRP B 431 1.82 -20.73 -2.06
N ILE B 432 2.89 -21.36 -2.55
CA ILE B 432 3.85 -21.98 -1.64
C ILE B 432 4.48 -20.93 -0.75
N SER B 433 4.78 -19.75 -1.30
CA SER B 433 5.36 -18.70 -0.48
C SER B 433 4.38 -18.24 0.59
N LEU B 434 3.10 -18.14 0.25
CA LEU B 434 2.10 -17.80 1.26
C LEU B 434 2.05 -18.86 2.36
N LEU B 435 2.11 -20.13 1.97
CA LEU B 435 2.14 -21.19 2.99
C LEU B 435 3.35 -21.05 3.89
N GLY B 436 4.52 -20.76 3.31
CA GLY B 436 5.69 -20.54 4.13
C GLY B 436 5.51 -19.38 5.09
N ALA B 437 4.87 -18.31 4.63
CA ALA B 437 4.65 -17.15 5.49
C ALA B 437 3.76 -17.49 6.67
N ILE B 438 2.62 -18.14 6.42
CA ILE B 438 1.71 -18.44 7.51
C ILE B 438 2.32 -19.47 8.45
N LEU B 439 3.07 -20.42 7.91
CA LEU B 439 3.75 -21.41 8.76
C LEU B 439 4.74 -20.73 9.69
N CYS B 440 5.54 -19.81 9.14
CA CYS B 440 6.51 -19.11 9.98
C CYS B 440 5.81 -18.30 11.06
N CYS B 441 4.73 -17.60 10.70
CA CYS B 441 4.01 -16.81 11.70
C CYS B 441 3.43 -17.71 12.80
N ILE B 442 2.81 -18.82 12.41
CA ILE B 442 2.19 -19.69 13.40
C ILE B 442 3.24 -20.28 14.34
N VAL B 443 4.37 -20.72 13.80
CA VAL B 443 5.41 -21.28 14.67
C VAL B 443 5.99 -20.21 15.57
N MET B 444 6.14 -18.98 15.05
CA MET B 444 6.59 -17.87 15.88
C MET B 444 5.66 -17.67 17.06
N PHE B 445 4.36 -17.74 16.81
CA PHE B 445 3.39 -17.54 17.88
C PHE B 445 3.40 -18.70 18.87
N VAL B 446 3.49 -19.94 18.37
CA VAL B 446 3.44 -21.10 19.26
C VAL B 446 4.65 -21.12 20.18
N ILE B 447 5.83 -20.76 19.66
CA ILE B 447 7.01 -20.72 20.52
C ILE B 447 6.80 -19.72 21.65
N ASN B 448 6.28 -18.53 21.32
CA ASN B 448 6.08 -17.48 22.32
C ASN B 448 5.07 -16.50 21.74
N TRP B 449 3.86 -16.45 22.33
CA TRP B 449 2.82 -15.66 21.71
C TRP B 449 3.03 -14.15 21.91
N TRP B 450 3.47 -13.72 23.09
CA TRP B 450 3.56 -12.29 23.32
C TRP B 450 4.75 -11.66 22.61
N ALA B 451 5.89 -12.36 22.56
CA ALA B 451 7.01 -11.81 21.80
C ALA B 451 6.68 -11.71 20.32
N ALA B 452 5.98 -12.72 19.78
CA ALA B 452 5.55 -12.65 18.39
C ALA B 452 4.59 -11.50 18.17
N LEU B 453 3.64 -11.31 19.09
CA LEU B 453 2.72 -10.19 19.00
C LEU B 453 3.48 -8.86 18.98
N LEU B 454 4.45 -8.70 19.88
CA LEU B 454 5.19 -7.45 19.97
C LEU B 454 5.97 -7.20 18.68
N THR B 455 6.68 -8.21 18.19
CA THR B 455 7.43 -8.01 16.96
C THR B 455 6.50 -7.69 15.80
N TYR B 456 5.31 -8.29 15.78
CA TYR B 456 4.44 -8.04 14.64
C TYR B 456 3.77 -6.68 14.71
N VAL B 457 3.45 -6.16 15.89
CA VAL B 457 2.95 -4.79 15.94
C VAL B 457 4.05 -3.82 15.56
N ILE B 458 5.30 -4.09 15.97
CA ILE B 458 6.41 -3.27 15.51
C ILE B 458 6.50 -3.31 13.98
N VAL B 459 6.38 -4.50 13.40
CA VAL B 459 6.50 -4.63 11.96
C VAL B 459 5.40 -3.86 11.25
N LEU B 460 4.16 -4.01 11.70
CA LEU B 460 3.05 -3.33 11.06
C LEU B 460 3.19 -1.81 11.20
N GLY B 461 3.62 -1.35 12.38
CA GLY B 461 3.85 0.07 12.54
C GLY B 461 4.88 0.59 11.56
N LEU B 462 6.00 -0.13 11.42
CA LEU B 462 7.02 0.31 10.48
C LEU B 462 6.49 0.32 9.05
N TYR B 463 5.74 -0.71 8.67
CA TYR B 463 5.25 -0.80 7.30
C TYR B 463 4.30 0.37 6.99
N ILE B 464 3.32 0.60 7.86
CA ILE B 464 2.38 1.69 7.62
C ILE B 464 3.10 3.03 7.64
N TYR B 465 4.01 3.22 8.59
CA TYR B 465 4.72 4.50 8.68
C TYR B 465 5.50 4.79 7.42
N VAL B 466 6.23 3.79 6.90
CA VAL B 466 7.03 4.04 5.72
C VAL B 466 6.14 4.23 4.49
N THR B 467 5.11 3.41 4.34
CA THR B 467 4.30 3.52 3.13
C THR B 467 3.56 4.84 3.07
N TYR B 468 3.03 5.32 4.19
CA TYR B 468 2.12 6.47 4.16
C TYR B 468 2.78 7.76 4.61
N LYS B 469 3.44 7.75 5.76
CA LYS B 469 3.94 8.98 6.34
C LYS B 469 5.26 9.45 5.72
N LYS B 470 5.63 8.95 4.54
CA LYS B 470 6.83 9.42 3.84
C LYS B 470 6.62 9.31 2.34
N PRO B 471 5.72 10.13 1.78
CA PRO B 471 5.53 10.16 0.32
C PRO B 471 6.26 11.29 -0.40
N ASP B 472 7.13 12.05 0.26
CA ASP B 472 7.51 13.36 -0.26
C ASP B 472 8.61 13.28 -1.32
N VAL B 473 9.79 12.81 -0.96
CA VAL B 473 10.98 13.01 -1.78
C VAL B 473 11.57 11.71 -2.33
N ASN B 474 11.05 10.55 -1.94
CA ASN B 474 11.50 9.21 -2.34
C ASN B 474 12.80 8.80 -1.63
N TRP B 475 13.47 9.70 -0.91
CA TRP B 475 14.52 9.35 0.04
C TRP B 475 15.64 8.52 -0.62
N GLY B 476 16.33 9.15 -1.55
CA GLY B 476 17.55 8.59 -2.10
C GLY B 476 17.37 7.26 -2.78
N SER B 477 16.15 6.91 -3.17
CA SER B 477 15.89 5.63 -3.82
C SER B 477 16.58 5.61 -5.17
N SER B 478 17.64 4.81 -5.30
CA SER B 478 18.30 4.66 -6.59
C SER B 478 17.41 4.01 -7.62
N THR B 479 16.34 3.32 -7.19
CA THR B 479 15.43 2.65 -8.11
C THR B 479 14.31 3.60 -8.55
N GLN B 480 14.73 4.76 -9.07
CA GLN B 480 13.77 5.66 -9.66
C GLN B 480 13.10 5.05 -10.89
N ALA B 481 13.71 4.00 -11.46
CA ALA B 481 13.06 3.27 -12.54
C ALA B 481 11.77 2.61 -12.06
N LEU B 482 11.79 2.02 -10.87
CA LEU B 482 10.57 1.45 -10.32
C LEU B 482 9.53 2.53 -10.10
N THR B 483 9.96 3.74 -9.70
CA THR B 483 9.04 4.86 -9.57
C THR B 483 8.43 5.22 -10.92
N TYR B 484 9.25 5.23 -11.97
CA TYR B 484 8.72 5.50 -13.31
C TYR B 484 7.68 4.46 -13.68
N LEU B 485 7.98 3.19 -13.43
CA LEU B 485 7.06 2.12 -13.77
C LEU B 485 5.74 2.27 -13.02
N ASN B 486 5.83 2.57 -11.72
CA ASN B 486 4.62 2.72 -10.92
C ASN B 486 3.80 3.92 -11.39
N ALA B 487 4.46 5.02 -11.71
CA ALA B 487 3.75 6.20 -12.20
C ALA B 487 3.08 5.90 -13.54
N LEU B 488 3.77 5.17 -14.42
CA LEU B 488 3.17 4.79 -15.69
C LEU B 488 1.93 3.93 -15.47
N GLN B 489 2.02 2.97 -14.55
CA GLN B 489 0.86 2.12 -14.27
C GLN B 489 -0.29 2.93 -13.72
N HIS B 490 0.00 3.86 -12.81
CA HIS B 490 -1.05 4.69 -12.24
C HIS B 490 -1.72 5.55 -13.31
N SER B 491 -0.93 6.16 -14.19
CA SER B 491 -1.49 6.98 -15.24
C SER B 491 -2.32 6.14 -16.21
N ILE B 492 -1.86 4.93 -16.51
CA ILE B 492 -2.62 4.05 -17.39
C ILE B 492 -3.95 3.70 -16.74
N ARG B 493 -3.94 3.40 -15.44
CA ARG B 493 -5.19 3.08 -14.75
C ARG B 493 -6.14 4.27 -14.77
N LEU B 494 -5.62 5.47 -14.54
CA LEU B 494 -6.47 6.65 -14.56
C LEU B 494 -7.08 6.86 -15.95
N SER B 495 -6.27 6.69 -16.99
CA SER B 495 -6.78 6.84 -18.35
C SER B 495 -7.85 5.80 -18.64
N GLY B 496 -7.66 4.57 -18.19
CA GLY B 496 -8.67 3.54 -18.39
C GLY B 496 -9.99 3.89 -17.74
N VAL B 497 -9.94 4.46 -16.53
CA VAL B 497 -11.15 4.88 -15.83
C VAL B 497 -11.76 6.04 -16.60
N GLU B 498 -12.89 5.79 -17.25
CA GLU B 498 -13.58 6.81 -18.02
C GLU B 498 -14.65 7.45 -17.14
N ASP B 499 -14.57 8.77 -16.98
CA ASP B 499 -15.51 9.51 -16.13
C ASP B 499 -16.69 9.94 -16.99
N HIS B 500 -17.78 9.17 -16.92
CA HIS B 500 -18.99 9.55 -17.64
C HIS B 500 -19.49 10.91 -17.18
N VAL B 501 -19.49 11.14 -15.87
CA VAL B 501 -19.65 12.47 -15.31
C VAL B 501 -18.25 13.06 -15.17
N LYS B 502 -18.05 14.25 -15.75
CA LYS B 502 -16.69 14.78 -15.88
C LYS B 502 -16.03 14.98 -14.52
N ASN B 503 -16.80 15.29 -13.48
CA ASN B 503 -16.25 15.60 -12.16
C ASN B 503 -15.17 16.68 -12.29
N PHE B 504 -15.60 17.85 -12.75
CA PHE B 504 -14.67 18.94 -13.06
C PHE B 504 -13.83 19.27 -11.84
N ARG B 505 -12.52 19.04 -11.96
CA ARG B 505 -11.56 19.40 -10.94
C ARG B 505 -10.62 20.49 -11.46
N PRO B 506 -10.06 21.32 -10.57
CA PRO B 506 -9.22 22.42 -11.06
C PRO B 506 -7.89 21.93 -11.58
N GLN B 507 -7.75 21.88 -12.91
CA GLN B 507 -6.53 21.45 -13.59
C GLN B 507 -5.99 22.68 -14.31
N CYS B 508 -5.12 23.43 -13.63
CA CYS B 508 -4.73 24.75 -14.07
C CYS B 508 -3.57 24.69 -15.06
N LEU B 509 -3.54 25.68 -15.94
CA LEU B 509 -2.43 25.91 -16.87
C LEU B 509 -2.02 27.36 -16.68
N VAL B 510 -1.15 27.61 -15.71
CA VAL B 510 -0.78 28.97 -15.35
C VAL B 510 0.30 29.47 -16.29
N MET B 511 -0.02 30.48 -17.08
CA MET B 511 0.91 31.10 -18.02
C MET B 511 1.19 32.53 -17.57
N THR B 512 2.47 32.87 -17.39
CA THR B 512 2.85 34.19 -16.91
C THR B 512 4.00 34.83 -17.68
N GLY B 513 4.84 34.06 -18.37
CA GLY B 513 6.04 34.59 -18.98
C GLY B 513 7.27 34.24 -18.17
N ALA B 514 7.78 35.19 -17.38
CA ALA B 514 8.90 34.91 -16.49
C ALA B 514 8.39 34.22 -15.23
N PRO B 515 8.75 32.95 -15.00
CA PRO B 515 8.12 32.22 -13.88
C PRO B 515 8.37 32.83 -12.52
N ASN B 516 9.54 33.41 -12.29
CA ASN B 516 9.91 33.92 -10.99
C ASN B 516 9.55 35.39 -10.79
N SER B 517 8.87 36.01 -11.76
CA SER B 517 8.53 37.42 -11.62
C SER B 517 7.37 37.62 -10.65
N ARG B 518 6.37 36.74 -10.69
CA ARG B 518 5.16 36.87 -9.86
C ARG B 518 4.90 35.56 -9.12
N PRO B 519 5.68 35.26 -8.08
CA PRO B 519 5.40 34.06 -7.28
C PRO B 519 4.07 34.11 -6.55
N ALA B 520 3.49 35.30 -6.35
CA ALA B 520 2.24 35.39 -5.61
C ALA B 520 1.11 34.65 -6.31
N LEU B 521 1.02 34.78 -7.63
CA LEU B 521 0.02 34.05 -8.37
C LEU B 521 0.22 32.55 -8.22
N LEU B 522 1.47 32.10 -8.26
CA LEU B 522 1.75 30.67 -8.09
C LEU B 522 1.31 30.19 -6.72
N HIS B 523 1.58 30.99 -5.67
CA HIS B 523 1.18 30.58 -4.33
C HIS B 523 -0.34 30.54 -4.21
N LEU B 524 -1.04 31.54 -4.74
CA LEU B 524 -2.50 31.52 -4.69
C LEU B 524 -3.04 30.31 -5.44
N VAL B 525 -2.46 29.98 -6.59
CA VAL B 525 -2.87 28.79 -7.32
C VAL B 525 -2.62 27.55 -6.48
N HIS B 526 -1.48 27.48 -5.82
CA HIS B 526 -1.21 26.39 -4.89
C HIS B 526 -2.30 26.26 -3.86
N ASP B 527 -2.84 27.40 -3.40
CA ASP B 527 -3.80 27.36 -2.31
C ASP B 527 -5.06 26.58 -2.68
N PHE B 528 -5.51 26.71 -3.93
CA PHE B 528 -6.72 26.02 -4.38
C PHE B 528 -6.41 24.89 -5.37
N THR B 529 -5.21 24.33 -5.34
CA THR B 529 -4.85 23.19 -6.17
C THR B 529 -4.20 22.09 -5.35
N LYS B 530 -4.61 21.94 -4.09
CA LYS B 530 -4.04 20.97 -3.17
C LYS B 530 -4.84 19.67 -3.26
N ASN B 531 -4.25 18.65 -3.89
CA ASN B 531 -4.82 17.31 -3.94
C ASN B 531 -6.18 17.29 -4.62
N VAL B 532 -6.49 18.30 -5.43
CA VAL B 532 -7.76 18.38 -6.13
C VAL B 532 -7.60 18.24 -7.64
N GLY B 533 -6.52 18.77 -8.19
CA GLY B 533 -6.29 18.67 -9.61
C GLY B 533 -4.87 19.04 -9.97
N LEU B 534 -4.61 19.07 -11.28
CA LEU B 534 -3.29 19.33 -11.80
C LEU B 534 -2.99 20.82 -11.82
N MET B 535 -1.70 21.15 -11.94
CA MET B 535 -1.28 22.55 -12.04
C MET B 535 0.03 22.58 -12.82
N ILE B 536 -0.04 23.02 -14.07
CA ILE B 536 1.10 23.04 -14.98
C ILE B 536 1.49 24.49 -15.21
N CYS B 537 2.77 24.79 -15.05
CA CYS B 537 3.29 26.12 -15.36
C CYS B 537 3.35 26.27 -16.87
N GLY B 538 3.98 27.34 -17.35
CA GLY B 538 4.16 27.53 -18.77
C GLY B 538 5.24 28.56 -19.03
N HIS B 539 5.92 28.42 -20.16
CA HIS B 539 6.94 29.37 -20.55
C HIS B 539 7.29 29.16 -22.01
N VAL B 540 7.12 30.19 -22.83
CA VAL B 540 7.48 30.16 -24.24
C VAL B 540 8.84 30.82 -24.39
N HIS B 541 9.76 30.14 -25.06
CA HIS B 541 11.14 30.59 -25.19
C HIS B 541 11.41 31.00 -26.64
N MET B 542 11.87 32.24 -26.82
CA MET B 542 12.10 32.82 -28.13
C MET B 542 13.58 32.80 -28.45
N GLY B 543 13.90 32.48 -29.70
CA GLY B 543 15.27 32.50 -30.16
C GLY B 543 15.62 31.30 -31.01
N PRO B 544 16.88 31.23 -31.45
CA PRO B 544 17.32 30.07 -32.24
C PRO B 544 17.17 28.78 -31.46
N ARG B 545 16.78 27.72 -32.16
CA ARG B 545 16.53 26.44 -31.51
C ARG B 545 17.81 25.80 -30.99
N ARG B 546 18.95 26.06 -31.65
CA ARG B 546 20.19 25.39 -31.28
C ARG B 546 20.56 25.67 -29.83
N GLN B 547 20.61 26.94 -29.45
CA GLN B 547 20.83 27.27 -28.04
C GLN B 547 19.60 27.01 -27.20
N ALA B 548 18.41 27.13 -27.78
CA ALA B 548 17.18 26.95 -27.01
C ALA B 548 17.08 25.54 -26.44
N MET B 549 17.59 24.53 -27.13
CA MET B 549 17.52 23.18 -26.60
C MET B 549 18.22 23.09 -25.25
N LYS B 550 19.44 23.64 -25.16
CA LYS B 550 20.13 23.67 -23.88
C LYS B 550 19.40 24.58 -22.90
N GLU B 551 18.80 25.66 -23.41
CA GLU B 551 18.11 26.60 -22.53
C GLU B 551 16.96 25.94 -21.78
N MET B 552 16.05 25.27 -22.51
CA MET B 552 14.99 24.56 -21.77
C MET B 552 15.56 23.37 -21.00
N SER B 553 16.62 22.73 -21.51
CA SER B 553 17.22 21.62 -20.77
C SER B 553 17.61 22.06 -19.35
N ILE B 554 18.22 23.24 -19.23
CA ILE B 554 18.57 23.77 -17.92
C ILE B 554 17.35 24.30 -17.18
N ASP B 555 16.48 25.04 -17.88
CA ASP B 555 15.40 25.76 -17.22
C ASP B 555 14.39 24.81 -16.61
N GLN B 556 14.07 23.71 -17.30
CA GLN B 556 13.11 22.76 -16.76
C GLN B 556 13.58 22.26 -15.40
N ALA B 557 14.82 21.79 -15.31
CA ALA B 557 15.36 21.33 -14.05
C ALA B 557 15.33 22.44 -13.01
N LYS B 558 15.85 23.63 -13.36
CA LYS B 558 16.00 24.68 -12.37
C LYS B 558 14.65 25.09 -11.80
N TYR B 559 13.67 25.29 -12.66
CA TYR B 559 12.36 25.74 -12.17
C TYR B 559 11.62 24.62 -11.47
N GLN B 560 11.78 23.37 -11.91
CA GLN B 560 11.04 22.30 -11.25
C GLN B 560 11.54 22.09 -9.83
N ARG B 561 12.86 22.11 -9.59
CA ARG B 561 13.25 21.91 -8.19
C ARG B 561 13.12 23.21 -7.39
N TRP B 562 13.19 24.39 -8.03
CA TRP B 562 12.85 25.61 -7.30
C TRP B 562 11.41 25.58 -6.84
N LEU B 563 10.51 25.02 -7.65
CA LEU B 563 9.13 24.85 -7.23
C LEU B 563 9.02 23.81 -6.13
N ILE B 564 9.71 22.68 -6.29
CA ILE B 564 9.58 21.59 -5.32
C ILE B 564 10.05 22.04 -3.93
N LYS B 565 11.16 22.76 -3.86
CA LYS B 565 11.65 23.21 -2.56
C LYS B 565 10.64 24.10 -1.85
N ASN B 566 9.70 24.70 -2.59
CA ASN B 566 8.64 25.50 -1.99
C ASN B 566 7.37 24.69 -1.74
N LYS B 567 7.49 23.37 -1.59
CA LYS B 567 6.35 22.49 -1.37
C LYS B 567 5.30 22.68 -2.46
N MET B 568 5.77 22.80 -3.70
CA MET B 568 4.93 23.09 -4.85
C MET B 568 4.75 21.84 -5.70
N LYS B 569 3.50 21.48 -5.97
CA LYS B 569 3.19 20.44 -6.95
C LYS B 569 3.08 21.06 -8.35
N ALA B 570 4.24 21.51 -8.84
CA ALA B 570 4.34 22.22 -10.10
C ALA B 570 5.08 21.36 -11.13
N PHE B 571 4.49 21.25 -12.31
CA PHE B 571 5.12 20.64 -13.47
C PHE B 571 5.48 21.74 -14.45
N TYR B 572 6.76 21.85 -14.78
CA TYR B 572 7.19 22.84 -15.75
C TYR B 572 6.98 22.29 -17.16
N ALA B 573 6.42 23.12 -18.03
CA ALA B 573 6.07 22.73 -19.40
C ALA B 573 6.61 23.78 -20.36
N PRO B 574 7.92 23.86 -20.54
CA PRO B 574 8.48 24.85 -21.47
C PRO B 574 8.18 24.47 -22.91
N VAL B 575 8.12 25.49 -23.76
CA VAL B 575 7.81 25.28 -25.17
C VAL B 575 8.54 26.35 -25.98
N HIS B 576 8.84 26.04 -27.23
CA HIS B 576 9.42 26.98 -28.17
C HIS B 576 8.40 27.31 -29.24
N ALA B 577 8.23 28.60 -29.52
CA ALA B 577 7.24 29.05 -30.49
C ALA B 577 7.70 30.37 -31.09
N ASP B 578 7.09 30.72 -32.23
CA ASP B 578 7.43 31.98 -32.88
C ASP B 578 6.82 33.19 -32.18
N ASP B 579 5.78 32.99 -31.38
CA ASP B 579 5.10 34.09 -30.70
C ASP B 579 4.41 33.52 -29.47
N LEU B 580 3.98 34.42 -28.57
CA LEU B 580 3.36 33.97 -27.35
C LEU B 580 2.09 33.17 -27.62
N ARG B 581 1.31 33.59 -28.62
CA ARG B 581 0.05 32.90 -28.90
C ARG B 581 0.31 31.47 -29.36
N GLU B 582 1.34 31.25 -30.18
CA GLU B 582 1.63 29.90 -30.64
C GLU B 582 2.03 29.00 -29.49
N GLY B 583 2.85 29.51 -28.57
CA GLY B 583 3.19 28.73 -27.39
C GLY B 583 1.98 28.43 -26.54
N ALA B 584 1.09 29.40 -26.40
CA ALA B 584 -0.16 29.16 -25.69
C ALA B 584 -0.92 28.03 -26.33
N GLN B 585 -1.02 28.03 -27.66
CA GLN B 585 -1.74 26.97 -28.37
C GLN B 585 -1.08 25.61 -28.14
N TYR B 586 0.26 25.55 -28.26
CA TYR B 586 0.95 24.29 -28.04
C TYR B 586 0.65 23.73 -26.67
N LEU B 587 0.84 24.55 -25.63
CA LEU B 587 0.49 24.09 -24.28
C LEU B 587 -0.97 23.72 -24.18
N MET B 588 -1.82 24.41 -24.93
CA MET B 588 -3.26 24.33 -24.72
C MET B 588 -3.83 23.02 -25.25
N GLN B 589 -3.38 22.59 -26.44
CA GLN B 589 -4.00 21.46 -27.10
C GLN B 589 -3.30 20.13 -26.84
N ALA B 590 -1.99 20.14 -26.65
CA ALA B 590 -1.22 18.90 -26.55
C ALA B 590 -0.92 18.47 -25.12
N ALA B 591 -0.48 19.37 -24.26
CA ALA B 591 0.00 18.98 -22.94
C ALA B 591 -1.10 18.31 -22.14
N GLY B 592 -0.71 17.32 -21.33
CA GLY B 592 -1.64 16.55 -20.52
C GLY B 592 -1.86 15.15 -21.05
N LEU B 593 -1.68 14.15 -20.19
CA LEU B 593 -1.76 12.74 -20.57
C LEU B 593 -3.01 12.12 -19.96
N GLY B 594 -3.81 11.46 -20.80
CA GLY B 594 -4.99 10.78 -20.29
C GLY B 594 -5.96 11.76 -19.67
N ARG B 595 -6.42 11.44 -18.45
CA ARG B 595 -7.38 12.28 -17.77
C ARG B 595 -6.77 13.50 -17.12
N MET B 596 -5.44 13.62 -17.11
CA MET B 596 -4.76 14.77 -16.51
C MET B 596 -4.60 15.90 -17.52
N LYS B 597 -5.70 16.24 -18.19
CA LYS B 597 -5.71 17.28 -19.21
C LYS B 597 -6.07 18.60 -18.56
N PRO B 598 -5.25 19.65 -18.66
CA PRO B 598 -5.62 20.92 -18.05
C PRO B 598 -6.94 21.43 -18.61
N ASN B 599 -7.76 21.99 -17.72
CA ASN B 599 -9.08 22.51 -18.08
C ASN B 599 -9.27 23.96 -17.71
N THR B 600 -8.28 24.60 -17.07
CA THR B 600 -8.35 25.99 -16.67
C THR B 600 -7.10 26.72 -17.15
N LEU B 601 -7.28 27.96 -17.59
CA LEU B 601 -6.18 28.84 -17.99
C LEU B 601 -6.13 29.99 -17.02
N VAL B 602 -5.04 30.09 -16.25
CA VAL B 602 -4.85 31.15 -15.28
C VAL B 602 -3.76 32.06 -15.84
N LEU B 603 -4.16 33.25 -16.31
CA LEU B 603 -3.25 34.17 -16.96
C LEU B 603 -2.93 35.33 -16.01
N GLY B 604 -1.65 35.62 -15.84
CA GLY B 604 -1.25 36.73 -15.00
C GLY B 604 -1.57 38.06 -15.66
N PHE B 605 -2.26 38.93 -14.94
CA PHE B 605 -2.68 40.20 -15.49
C PHE B 605 -1.48 41.09 -15.79
N LYS B 606 -1.60 41.90 -16.84
CA LYS B 606 -0.54 42.83 -17.23
C LYS B 606 -0.53 44.02 -16.27
N LYS B 607 0.59 44.20 -15.57
CA LYS B 607 0.67 45.26 -14.57
C LYS B 607 0.81 46.63 -15.22
N ASP B 608 1.64 46.75 -16.26
CA ASP B 608 2.03 48.03 -16.81
C ASP B 608 1.83 48.05 -18.33
N TRP B 609 0.65 47.63 -18.77
CA TRP B 609 0.34 47.65 -20.20
C TRP B 609 0.33 49.07 -20.77
N LEU B 610 0.25 50.09 -19.92
CA LEU B 610 0.21 51.47 -20.42
C LEU B 610 1.47 51.80 -21.20
N GLN B 611 2.63 51.38 -20.70
CA GLN B 611 3.91 51.78 -21.28
C GLN B 611 4.36 50.86 -22.41
N ALA B 612 4.18 49.56 -22.26
CA ALA B 612 4.63 48.62 -23.28
C ALA B 612 3.84 48.81 -24.57
N ASP B 613 4.51 48.53 -25.69
CA ASP B 613 3.85 48.61 -26.99
C ASP B 613 2.63 47.69 -27.00
N MET B 614 1.53 48.19 -27.55
CA MET B 614 0.24 47.55 -27.35
C MET B 614 -0.09 46.49 -28.39
N ARG B 615 0.82 46.20 -29.33
CA ARG B 615 0.66 44.99 -30.13
C ARG B 615 0.82 43.75 -29.26
N ASP B 616 1.79 43.78 -28.34
CA ASP B 616 1.87 42.75 -27.33
C ASP B 616 0.57 42.68 -26.54
N VAL B 617 0.00 43.84 -26.20
CA VAL B 617 -1.30 43.86 -25.54
C VAL B 617 -2.33 43.14 -26.39
N ASP B 618 -2.29 43.37 -27.70
CA ASP B 618 -3.28 42.76 -28.59
C ASP B 618 -3.18 41.23 -28.52
N MET B 619 -1.96 40.69 -28.55
CA MET B 619 -1.84 39.24 -28.55
C MET B 619 -2.17 38.66 -27.17
N TYR B 620 -1.71 39.32 -26.10
CA TYR B 620 -2.09 38.90 -24.76
C TYR B 620 -3.61 38.85 -24.61
N ILE B 621 -4.32 39.80 -25.21
CA ILE B 621 -5.78 39.76 -25.11
C ILE B 621 -6.36 38.69 -26.02
N ASN B 622 -5.80 38.51 -27.21
CA ASN B 622 -6.29 37.47 -28.11
C ASN B 622 -6.14 36.09 -27.47
N LEU B 623 -5.22 35.94 -26.53
CA LEU B 623 -5.13 34.68 -25.79
C LEU B 623 -6.46 34.34 -25.14
N PHE B 624 -7.21 35.35 -24.68
CA PHE B 624 -8.52 35.09 -24.08
C PHE B 624 -9.45 34.42 -25.09
N HIS B 625 -9.51 34.96 -26.31
CA HIS B 625 -10.36 34.35 -27.33
C HIS B 625 -9.87 32.96 -27.69
N ASP B 626 -8.56 32.78 -27.80
CA ASP B 626 -8.03 31.46 -28.13
C ASP B 626 -8.42 30.43 -27.07
N ALA B 627 -8.33 30.81 -25.80
CA ALA B 627 -8.73 29.89 -24.74
C ALA B 627 -10.23 29.63 -24.75
N PHE B 628 -11.03 30.68 -24.98
CA PHE B 628 -12.48 30.50 -24.97
C PHE B 628 -12.93 29.59 -26.10
N ASP B 629 -12.30 29.72 -27.27
CA ASP B 629 -12.73 28.94 -28.43
C ASP B 629 -12.59 27.44 -28.19
N ILE B 630 -11.73 27.03 -27.27
CA ILE B 630 -11.57 25.63 -26.91
C ILE B 630 -12.34 25.27 -25.64
N GLN B 631 -13.18 26.18 -25.14
CA GLN B 631 -13.99 25.95 -23.95
C GLN B 631 -13.11 25.69 -22.73
N TYR B 632 -12.29 26.70 -22.42
CA TYR B 632 -11.45 26.73 -21.24
C TYR B 632 -11.98 27.74 -20.23
N GLY B 633 -12.13 27.30 -18.98
CA GLY B 633 -12.41 28.22 -17.90
C GLY B 633 -11.27 29.21 -17.75
N VAL B 634 -11.59 30.50 -17.67
CA VAL B 634 -10.59 31.56 -17.70
C VAL B 634 -10.55 32.24 -16.34
N VAL B 635 -9.35 32.34 -15.78
CA VAL B 635 -9.12 32.97 -14.50
C VAL B 635 -8.03 34.02 -14.67
N VAL B 636 -8.27 35.22 -14.14
CA VAL B 636 -7.29 36.31 -14.16
C VAL B 636 -7.12 36.83 -12.75
N ILE B 637 -5.88 37.04 -12.34
CA ILE B 637 -5.54 37.44 -10.98
C ILE B 637 -4.78 38.76 -11.03
N ARG B 638 -5.12 39.67 -10.13
CA ARG B 638 -4.40 40.93 -9.98
C ARG B 638 -4.21 41.22 -8.50
N LEU B 639 -3.09 41.85 -8.18
CA LEU B 639 -2.74 42.16 -6.79
C LEU B 639 -2.36 43.63 -6.65
N GLY B 737 -5.95 35.09 6.36
CA GLY B 737 -6.32 34.63 7.69
C GLY B 737 -6.69 35.75 8.63
N LYS B 738 -6.12 36.93 8.38
CA LYS B 738 -6.37 38.07 9.26
C LYS B 738 -7.76 38.66 9.02
N ASN B 739 -8.22 38.64 7.76
CA ASN B 739 -9.50 39.25 7.41
C ASN B 739 -10.39 38.25 6.69
N THR B 740 -11.49 38.72 6.10
CA THR B 740 -12.45 37.89 5.42
C THR B 740 -12.23 37.93 3.90
N ILE B 741 -13.07 37.19 3.18
CA ILE B 741 -13.03 37.12 1.73
C ILE B 741 -14.39 37.52 1.19
N ASP B 742 -14.40 38.06 -0.02
CA ASP B 742 -15.63 38.45 -0.70
C ASP B 742 -15.69 37.77 -2.05
N VAL B 743 -16.85 37.18 -2.37
CA VAL B 743 -17.09 36.52 -3.65
C VAL B 743 -18.28 37.20 -4.31
N TRP B 744 -18.12 37.55 -5.58
CA TRP B 744 -19.15 38.25 -6.33
C TRP B 744 -19.32 37.60 -7.69
N TRP B 745 -20.48 37.83 -8.30
CA TRP B 745 -20.74 37.34 -9.64
C TRP B 745 -22.05 37.92 -10.14
N LEU B 746 -22.24 37.87 -11.45
CA LEU B 746 -23.49 38.21 -12.09
C LEU B 746 -24.17 37.01 -12.72
N PHE B 747 -23.48 35.88 -12.84
CA PHE B 747 -24.04 34.67 -13.43
C PHE B 747 -23.23 33.48 -12.93
N ASP B 748 -23.81 32.29 -13.09
CA ASP B 748 -23.16 31.06 -12.69
C ASP B 748 -23.17 30.09 -13.86
N ASP B 749 -21.98 29.72 -14.33
CA ASP B 749 -21.81 28.79 -15.45
C ASP B 749 -20.83 27.71 -14.98
N GLY B 750 -21.37 26.66 -14.35
CA GLY B 750 -20.57 25.61 -13.78
C GLY B 750 -20.17 25.81 -12.34
N GLY B 751 -20.37 27.02 -11.80
CA GLY B 751 -20.09 27.26 -10.40
C GLY B 751 -18.63 27.35 -10.04
N LEU B 752 -17.74 27.46 -11.03
CA LEU B 752 -16.31 27.54 -10.73
C LEU B 752 -16.00 28.78 -9.91
N THR B 753 -16.61 29.92 -10.26
CA THR B 753 -16.36 31.14 -9.52
C THR B 753 -16.74 30.99 -8.05
N LEU B 754 -17.86 30.31 -7.78
CA LEU B 754 -18.26 30.05 -6.41
C LEU B 754 -17.44 28.93 -5.78
N LEU B 755 -17.02 27.94 -6.58
CA LEU B 755 -16.32 26.79 -6.03
C LEU B 755 -14.91 27.15 -5.57
N ILE B 756 -14.23 28.06 -6.31
CA ILE B 756 -12.85 28.39 -5.98
C ILE B 756 -12.70 28.92 -4.56
N PRO B 757 -13.46 29.92 -4.12
CA PRO B 757 -13.31 30.39 -2.74
C PRO B 757 -13.59 29.31 -1.71
N TYR B 758 -14.52 28.40 -2.00
CA TYR B 758 -14.76 27.28 -1.08
C TYR B 758 -13.51 26.44 -0.93
N LEU B 759 -12.83 26.16 -2.04
CA LEU B 759 -11.58 25.42 -1.97
C LEU B 759 -10.53 26.20 -1.19
N LEU B 760 -10.47 27.51 -1.40
CA LEU B 760 -9.49 28.34 -0.69
C LEU B 760 -9.70 28.27 0.81
N THR B 761 -10.95 28.43 1.26
CA THR B 761 -11.22 28.51 2.69
C THR B 761 -10.90 27.20 3.40
N THR B 762 -11.04 26.06 2.71
CA THR B 762 -10.83 24.77 3.36
C THR B 762 -9.40 24.62 3.88
N LYS B 763 -8.45 25.37 3.33
CA LYS B 763 -7.06 25.23 3.74
C LYS B 763 -6.82 25.91 5.08
N LYS B 764 -5.74 25.48 5.74
CA LYS B 764 -5.44 25.98 7.08
C LYS B 764 -5.16 27.48 7.07
N LYS B 765 -4.40 27.95 6.08
CA LYS B 765 -4.04 29.37 6.05
C LYS B 765 -5.28 30.24 5.96
N TRP B 766 -6.23 29.87 5.11
CA TRP B 766 -7.44 30.64 4.90
C TRP B 766 -8.60 30.15 5.77
N LYS B 767 -8.32 29.31 6.76
CA LYS B 767 -9.39 28.80 7.62
C LYS B 767 -10.08 29.93 8.38
N ASP B 768 -9.30 30.88 8.88
CA ASP B 768 -9.89 32.01 9.61
C ASP B 768 -10.78 32.84 8.71
N CYS B 769 -10.39 33.01 7.45
CA CYS B 769 -11.13 33.85 6.53
C CYS B 769 -12.52 33.29 6.25
N LYS B 770 -13.45 34.19 5.94
CA LYS B 770 -14.84 33.84 5.66
C LYS B 770 -15.30 34.53 4.37
N ILE B 771 -16.23 33.88 3.68
CA ILE B 771 -16.68 34.29 2.36
C ILE B 771 -18.00 35.06 2.50
N ARG B 772 -18.06 36.25 1.91
CA ARG B 772 -19.27 37.07 1.89
C ARG B 772 -19.73 37.21 0.45
N VAL B 773 -21.01 36.93 0.22
CA VAL B 773 -21.57 36.99 -1.13
C VAL B 773 -21.95 38.44 -1.45
N PHE B 774 -21.60 38.87 -2.66
CA PHE B 774 -21.75 40.26 -3.09
C PHE B 774 -22.28 40.27 -4.51
N ILE B 775 -23.53 40.68 -4.70
CA ILE B 775 -24.16 40.67 -6.02
C ILE B 775 -25.00 41.94 -6.19
N GLY B 776 -25.64 42.04 -7.35
CA GLY B 776 -26.65 43.06 -7.61
C GLY B 776 -27.78 42.51 -8.45
N GLY B 777 -29.01 42.60 -7.93
CA GLY B 777 -30.16 42.02 -8.60
C GLY B 777 -31.34 42.97 -8.69
N LYS B 778 -32.48 42.45 -9.12
CA LYS B 778 -33.68 43.28 -9.24
C LYS B 778 -34.04 43.87 -7.89
N ILE B 779 -34.35 45.18 -7.88
CA ILE B 779 -34.69 45.86 -6.63
C ILE B 779 -35.95 45.27 -6.03
N ASN B 780 -36.96 44.99 -6.87
CA ASN B 780 -38.20 44.45 -6.36
C ASN B 780 -38.00 43.03 -5.82
N ARG B 781 -37.22 42.21 -6.52
CA ARG B 781 -37.04 40.80 -6.17
C ARG B 781 -35.78 40.55 -5.36
N ILE B 782 -35.37 41.52 -4.54
CA ILE B 782 -34.16 41.33 -3.73
C ILE B 782 -34.35 40.17 -2.77
N ASP B 783 -35.50 40.09 -2.10
CA ASP B 783 -35.71 39.05 -1.11
C ASP B 783 -35.79 37.67 -1.76
N HIS B 784 -36.54 37.57 -2.86
CA HIS B 784 -36.68 36.29 -3.54
C HIS B 784 -35.33 35.80 -4.07
N ASP B 785 -34.59 36.69 -4.73
CA ASP B 785 -33.27 36.31 -5.24
C ASP B 785 -32.33 35.91 -4.11
N ARG B 786 -32.33 36.68 -3.01
CA ARG B 786 -31.45 36.38 -1.90
C ARG B 786 -31.77 35.00 -1.31
N ARG B 787 -33.06 34.72 -1.11
CA ARG B 787 -33.44 33.42 -0.56
C ARG B 787 -33.06 32.29 -1.51
N ALA B 788 -33.33 32.46 -2.81
CA ALA B 788 -33.04 31.42 -3.77
C ALA B 788 -31.54 31.13 -3.83
N MET B 789 -30.72 32.19 -3.85
CA MET B 789 -29.27 31.98 -3.93
C MET B 789 -28.72 31.44 -2.62
N ALA B 790 -29.29 31.84 -1.47
CA ALA B 790 -28.87 31.25 -0.22
C ALA B 790 -29.15 29.76 -0.19
N THR B 791 -30.34 29.35 -0.66
CA THR B 791 -30.65 27.93 -0.76
C THR B 791 -29.70 27.22 -1.72
N LEU B 792 -29.40 27.86 -2.85
CA LEU B 792 -28.48 27.26 -3.81
C LEU B 792 -27.10 27.04 -3.20
N LEU B 793 -26.59 28.04 -2.48
CA LEU B 793 -25.29 27.90 -1.83
C LEU B 793 -25.33 26.82 -0.75
N SER B 794 -26.42 26.77 0.03
CA SER B 794 -26.54 25.75 1.06
C SER B 794 -26.57 24.35 0.46
N LYS B 795 -27.16 24.21 -0.73
CA LYS B 795 -27.21 22.90 -1.37
C LYS B 795 -25.81 22.36 -1.64
N PHE B 796 -24.90 23.21 -2.09
CA PHE B 796 -23.53 22.80 -2.35
C PHE B 796 -22.78 22.52 -1.06
N ILE B 798 -21.62 24.46 1.85
CA ILE B 798 -20.87 25.70 1.92
C ILE B 798 -21.64 26.71 2.77
N ASP B 799 -21.13 26.97 3.97
CA ASP B 799 -21.80 27.87 4.89
C ASP B 799 -21.66 29.32 4.44
N PHE B 800 -22.61 30.14 4.90
CA PHE B 800 -22.61 31.57 4.59
C PHE B 800 -23.31 32.30 5.72
N SER B 801 -23.04 33.60 5.82
CA SER B 801 -23.60 34.45 6.86
C SER B 801 -24.37 35.64 6.32
N ASP B 802 -23.86 36.30 5.27
CA ASP B 802 -24.50 37.49 4.74
C ASP B 802 -24.45 37.47 3.22
N ILE B 803 -25.41 38.14 2.61
CA ILE B 803 -25.51 38.25 1.15
C ILE B 803 -25.87 39.69 0.79
N MET B 804 -24.87 40.48 0.42
CA MET B 804 -25.12 41.85 0.00
C MET B 804 -25.65 41.85 -1.43
N VAL B 805 -26.73 42.60 -1.65
CA VAL B 805 -27.34 42.76 -2.97
C VAL B 805 -27.38 44.26 -3.28
N LEU B 806 -26.81 44.63 -4.43
CA LEU B 806 -26.75 46.02 -4.87
C LEU B 806 -27.45 46.11 -6.22
N GLY B 807 -28.76 46.33 -6.20
CA GLY B 807 -29.56 46.37 -7.41
C GLY B 807 -29.53 47.67 -8.18
N ASP B 808 -28.78 48.67 -7.68
CA ASP B 808 -28.73 49.98 -8.31
C ASP B 808 -27.70 50.08 -9.43
N ILE B 809 -27.01 48.98 -9.74
CA ILE B 809 -25.91 49.01 -10.70
C ILE B 809 -26.34 49.55 -12.06
N ASN B 810 -27.63 49.46 -12.39
CA ASN B 810 -28.07 49.81 -13.74
C ASN B 810 -27.86 51.29 -14.04
N THR B 811 -27.98 52.17 -13.04
CA THR B 811 -27.93 53.60 -13.30
C THR B 811 -26.50 54.04 -13.57
N LYS B 812 -26.37 55.27 -14.08
CA LYS B 812 -25.07 55.80 -14.47
C LYS B 812 -24.19 55.98 -13.24
N PRO B 813 -22.89 55.71 -13.34
CA PRO B 813 -22.00 55.93 -12.19
C PRO B 813 -21.63 57.39 -12.01
N LYS B 814 -20.72 57.67 -11.07
CA LYS B 814 -20.30 59.04 -10.80
C LYS B 814 -19.51 59.60 -11.98
N LYS B 815 -19.39 60.93 -12.00
CA LYS B 815 -18.70 61.60 -13.10
C LYS B 815 -17.20 61.31 -13.08
N GLU B 816 -16.61 61.22 -11.88
CA GLU B 816 -15.17 61.11 -11.79
C GLU B 816 -14.65 59.84 -12.45
N ASN B 817 -15.32 58.70 -12.19
CA ASN B 817 -14.85 57.44 -12.75
C ASN B 817 -15.00 57.43 -14.26
N ILE B 818 -16.13 57.91 -14.77
CA ILE B 818 -16.32 57.98 -16.21
C ILE B 818 -15.23 58.85 -16.84
N ILE B 819 -15.01 60.04 -16.27
CA ILE B 819 -13.97 60.94 -16.78
C ILE B 819 -12.64 60.19 -16.84
N ALA B 820 -12.21 59.63 -15.71
CA ALA B 820 -10.97 58.88 -15.69
C ALA B 820 -10.95 57.82 -16.78
N PHE B 821 -12.10 57.23 -17.09
CA PHE B 821 -12.16 56.29 -18.20
C PHE B 821 -11.80 56.95 -19.52
N GLU B 822 -12.35 58.15 -19.79
CA GLU B 822 -12.00 58.80 -21.06
C GLU B 822 -10.53 59.21 -21.10
N GLU B 823 -10.01 59.79 -20.01
CA GLU B 823 -8.58 60.09 -20.01
C GLU B 823 -7.71 58.82 -19.96
N ILE B 824 -8.30 57.65 -19.75
CA ILE B 824 -7.56 56.42 -19.97
C ILE B 824 -7.58 56.01 -21.43
N ILE B 825 -8.74 56.10 -22.09
CA ILE B 825 -8.93 55.47 -23.41
C ILE B 825 -8.72 56.42 -24.58
N GLU B 826 -8.51 57.71 -24.33
CA GLU B 826 -8.42 58.66 -25.45
C GLU B 826 -7.33 58.34 -26.48
N PRO B 827 -6.11 57.91 -26.11
CA PRO B 827 -5.03 57.93 -27.11
C PRO B 827 -5.32 57.11 -28.36
N TYR B 828 -6.02 55.99 -28.24
CA TYR B 828 -6.28 55.10 -29.35
C TYR B 828 -7.73 55.21 -29.86
N ARG B 829 -8.45 56.24 -29.43
CA ARG B 829 -9.78 56.47 -29.96
C ARG B 829 -9.70 56.75 -31.46
N LEU B 830 -10.64 56.19 -32.22
CA LEU B 830 -10.57 56.32 -33.67
C LEU B 830 -10.65 57.77 -34.13
N HIS B 831 -11.38 58.60 -33.40
CA HIS B 831 -11.66 59.98 -33.81
C HIS B 831 -12.44 60.00 -35.12
N GLU B 832 -13.24 58.96 -35.36
CA GLU B 832 -14.00 58.90 -36.59
C GLU B 832 -14.98 60.06 -36.70
N ASP B 833 -15.64 60.41 -35.59
CA ASP B 833 -16.51 61.58 -35.60
C ASP B 833 -15.71 62.87 -35.79
N ASP B 834 -14.60 63.00 -35.07
CA ASP B 834 -13.81 64.23 -35.17
C ASP B 834 -13.08 64.31 -36.49
N LYS B 835 -12.47 63.21 -36.93
CA LYS B 835 -11.73 63.18 -38.18
C LYS B 835 -12.65 62.80 -39.34
N GLU B 836 -12.11 62.90 -40.55
CA GLU B 836 -12.85 62.51 -41.74
C GLU B 836 -12.66 61.03 -42.01
N GLN B 837 -13.71 60.40 -42.55
CA GLN B 837 -13.72 58.95 -42.69
C GLN B 837 -12.57 58.46 -43.57
N ASP B 838 -12.47 59.01 -44.79
CA ASP B 838 -11.40 58.59 -45.69
C ASP B 838 -10.04 58.95 -45.13
N ILE B 839 -9.91 60.14 -44.54
CA ILE B 839 -8.65 60.52 -43.92
C ILE B 839 -8.30 59.57 -42.79
N ALA B 840 -9.30 59.20 -41.98
CA ALA B 840 -9.07 58.27 -40.88
C ALA B 840 -8.64 56.89 -41.39
N ASP B 841 -9.15 56.47 -42.56
CA ASP B 841 -8.88 55.12 -43.03
C ASP B 841 -7.38 54.86 -43.16
N LYS B 842 -6.64 55.85 -43.67
CA LYS B 842 -5.19 55.66 -43.83
C LYS B 842 -4.54 55.23 -42.52
N MET B 843 -5.16 55.56 -41.38
CA MET B 843 -4.77 55.00 -40.10
C MET B 843 -5.50 53.72 -39.75
N LYS B 844 -6.77 53.59 -40.17
CA LYS B 844 -7.54 52.41 -39.75
C LYS B 844 -6.98 51.12 -40.33
N GLU B 845 -6.78 51.06 -41.65
CA GLU B 845 -6.30 49.81 -42.23
C GLU B 845 -4.90 49.45 -41.73
N ASP B 846 -3.99 50.42 -41.65
CA ASP B 846 -2.65 50.09 -41.15
C ASP B 846 -2.58 50.08 -39.63
N GLU B 847 -3.59 50.61 -38.94
CA GLU B 847 -3.68 50.53 -37.48
C GLU B 847 -5.10 50.11 -37.10
N PRO B 848 -5.50 48.88 -37.44
CA PRO B 848 -6.87 48.43 -37.14
C PRO B 848 -7.12 48.11 -35.68
N TRP B 849 -6.11 48.15 -34.83
CA TRP B 849 -6.24 47.80 -33.42
C TRP B 849 -6.63 48.99 -32.55
N ARG B 850 -6.86 50.15 -33.12
CA ARG B 850 -7.25 51.31 -32.33
C ARG B 850 -8.59 51.05 -31.64
N ILE B 851 -8.78 51.71 -30.50
CA ILE B 851 -10.02 51.54 -29.75
C ILE B 851 -11.17 52.01 -30.62
N THR B 852 -12.07 51.07 -30.96
CA THR B 852 -13.17 51.37 -31.87
C THR B 852 -14.14 52.34 -31.22
N ASP B 853 -14.25 53.54 -31.78
CA ASP B 853 -15.14 54.54 -31.21
C ASP B 853 -16.59 54.11 -31.31
N ASN B 854 -17.01 53.60 -32.47
CA ASN B 854 -18.39 53.15 -32.63
C ASN B 854 -18.76 52.15 -31.56
N GLU B 855 -17.80 51.31 -31.15
CA GLU B 855 -18.04 50.43 -30.02
C GLU B 855 -18.21 51.22 -28.73
N LEU B 856 -17.43 52.28 -28.56
CA LEU B 856 -17.58 53.11 -27.36
C LEU B 856 -18.99 53.65 -27.25
N GLU B 857 -19.51 54.23 -28.33
CA GLU B 857 -20.88 54.72 -28.29
C GLU B 857 -21.88 53.58 -28.13
N LEU B 858 -21.63 52.45 -28.80
CA LEU B 858 -22.54 51.31 -28.70
C LEU B 858 -22.47 50.66 -27.33
N TYR B 859 -21.29 50.62 -26.73
CA TYR B 859 -21.07 49.96 -25.44
C TYR B 859 -20.94 50.96 -24.30
N LYS B 860 -21.67 52.08 -24.36
CA LYS B 860 -21.68 53.01 -23.23
C LYS B 860 -22.25 52.35 -21.99
N THR B 861 -23.32 51.56 -22.16
CA THR B 861 -23.97 50.93 -21.02
C THR B 861 -23.03 49.96 -20.31
N LYS B 862 -22.29 49.16 -21.08
CA LYS B 862 -21.35 48.22 -20.48
C LYS B 862 -20.28 48.95 -19.69
N THR B 863 -19.73 50.02 -20.28
CA THR B 863 -18.70 50.79 -19.59
C THR B 863 -19.24 51.37 -18.30
N TYR B 864 -20.44 51.96 -18.35
CA TYR B 864 -21.01 52.59 -17.16
C TYR B 864 -21.26 51.56 -16.07
N ARG B 865 -21.89 50.43 -16.42
CA ARG B 865 -22.23 49.45 -15.40
C ARG B 865 -20.98 48.82 -14.80
N GLN B 866 -19.96 48.55 -15.61
CA GLN B 866 -18.73 47.98 -15.07
C GLN B 866 -17.99 48.98 -14.19
N ILE B 867 -18.01 50.27 -14.57
CA ILE B 867 -17.40 51.28 -13.72
C ILE B 867 -18.12 51.35 -12.38
N ARG B 868 -19.46 51.30 -12.41
CA ARG B 868 -20.21 51.31 -11.16
C ARG B 868 -19.92 50.07 -10.33
N LEU B 869 -19.75 48.92 -10.98
CA LEU B 869 -19.39 47.71 -10.26
C LEU B 869 -18.05 47.88 -9.55
N ASN B 870 -17.07 48.45 -10.25
CA ASN B 870 -15.78 48.73 -9.62
C ASN B 870 -15.95 49.67 -8.43
N GLU B 871 -16.75 50.72 -8.59
CA GLU B 871 -16.98 51.62 -7.48
C GLU B 871 -17.55 50.88 -6.28
N LEU B 872 -18.63 50.13 -6.49
CA LEU B 872 -19.29 49.43 -5.39
C LEU B 872 -18.34 48.46 -4.72
N LEU B 873 -17.51 47.78 -5.50
CA LEU B 873 -16.43 47.00 -4.89
C LEU B 873 -15.58 47.89 -4.00
N LYS B 874 -15.26 49.09 -4.47
CA LYS B 874 -14.38 49.98 -3.70
C LYS B 874 -14.99 50.32 -2.34
N GLU B 875 -16.27 50.70 -2.33
CA GLU B 875 -16.89 51.04 -1.04
C GLU B 875 -17.04 49.81 -0.16
N HIS B 876 -17.50 48.70 -0.73
CA HIS B 876 -17.92 47.56 0.08
C HIS B 876 -16.77 46.62 0.42
N SER B 877 -16.09 46.07 -0.59
CA SER B 877 -15.13 45.00 -0.39
C SER B 877 -13.71 45.50 -0.18
N SER B 878 -13.54 46.75 0.28
CA SER B 878 -12.20 47.27 0.51
C SER B 878 -11.46 46.45 1.57
N THR B 879 -12.16 46.08 2.64
CA THR B 879 -11.53 45.38 3.75
C THR B 879 -11.33 43.89 3.48
N ALA B 880 -11.95 43.33 2.45
CA ALA B 880 -11.82 41.91 2.17
C ALA B 880 -10.40 41.57 1.75
N ASN B 881 -9.93 40.40 2.17
CA ASN B 881 -8.59 39.96 1.77
C ASN B 881 -8.50 39.78 0.27
N ILE B 882 -9.52 39.18 -0.34
CA ILE B 882 -9.54 38.94 -1.78
C ILE B 882 -10.97 39.03 -2.27
N ILE B 883 -11.12 39.51 -3.51
CA ILE B 883 -12.43 39.67 -4.14
C ILE B 883 -12.47 38.79 -5.37
N VAL B 884 -13.66 38.31 -5.71
CA VAL B 884 -13.85 37.44 -6.86
C VAL B 884 -15.08 37.89 -7.61
N MET B 885 -14.97 37.99 -8.95
CA MET B 885 -16.07 38.35 -9.81
C MET B 885 -16.07 37.44 -11.03
N SER B 886 -17.08 37.62 -11.89
CA SER B 886 -17.17 36.91 -13.14
C SER B 886 -16.49 37.72 -14.24
N LEU B 887 -15.56 37.09 -14.95
CA LEU B 887 -14.79 37.81 -15.96
C LEU B 887 -15.70 38.19 -17.12
N PRO B 888 -15.84 39.48 -17.45
CA PRO B 888 -16.71 39.85 -18.57
C PRO B 888 -16.18 39.32 -19.89
N VAL B 889 -17.11 39.03 -20.79
CA VAL B 889 -16.80 38.47 -22.10
C VAL B 889 -17.08 39.51 -23.16
N ALA B 890 -16.08 39.78 -24.00
CA ALA B 890 -16.22 40.66 -25.15
C ALA B 890 -16.12 39.81 -26.40
N ARG B 891 -17.16 39.82 -27.22
CA ARG B 891 -17.21 38.95 -28.38
C ARG B 891 -16.10 39.29 -29.36
N LYS B 892 -15.53 38.26 -29.98
CA LYS B 892 -14.47 38.46 -30.95
C LYS B 892 -15.00 39.23 -32.17
N GLY B 893 -14.17 40.09 -32.72
CA GLY B 893 -14.55 40.88 -33.89
C GLY B 893 -15.50 42.03 -33.58
N ALA B 894 -16.59 41.75 -32.87
CA ALA B 894 -17.52 42.81 -32.49
C ALA B 894 -16.86 43.82 -31.57
N VAL B 895 -15.99 43.35 -30.68
CA VAL B 895 -15.35 44.19 -29.67
C VAL B 895 -13.84 44.14 -29.89
N SER B 896 -13.19 45.29 -29.87
CA SER B 896 -11.74 45.36 -30.00
C SER B 896 -11.07 44.99 -28.68
N SER B 897 -9.84 44.49 -28.79
CA SER B 897 -9.11 44.05 -27.60
C SER B 897 -8.80 45.23 -26.67
N ALA B 898 -8.43 46.38 -27.24
CA ALA B 898 -8.04 47.51 -26.42
C ALA B 898 -9.21 47.97 -25.55
N LEU B 899 -10.42 48.03 -26.13
CA LEU B 899 -11.58 48.41 -25.34
C LEU B 899 -11.84 47.42 -24.22
N TYR B 900 -11.72 46.12 -24.51
CA TYR B 900 -11.97 45.11 -23.50
C TYR B 900 -10.99 45.24 -22.34
N MET B 901 -9.70 45.45 -22.64
CA MET B 901 -8.74 45.55 -21.56
C MET B 901 -8.86 46.88 -20.82
N ALA B 902 -9.29 47.95 -21.50
CA ALA B 902 -9.62 49.17 -20.78
C ALA B 902 -10.75 48.93 -19.79
N TRP B 903 -11.76 48.17 -20.21
CA TRP B 903 -12.83 47.78 -19.30
C TRP B 903 -12.27 47.01 -18.12
N LEU B 904 -11.37 46.06 -18.39
CA LEU B 904 -10.79 45.28 -17.30
C LEU B 904 -10.05 46.18 -16.32
N GLU B 905 -9.24 47.11 -16.83
CA GLU B 905 -8.49 48.01 -15.99
C GLU B 905 -9.42 48.85 -15.13
N ALA B 906 -10.48 49.39 -15.74
CA ALA B 906 -11.45 50.15 -14.96
C ALA B 906 -12.12 49.28 -13.91
N LEU B 907 -12.34 48.01 -14.22
CA LEU B 907 -12.94 47.10 -13.25
C LEU B 907 -12.01 46.87 -12.06
N SER B 908 -10.70 46.83 -12.31
CA SER B 908 -9.71 46.50 -11.29
C SER B 908 -8.81 47.69 -10.98
N LYS B 909 -9.40 48.88 -10.84
CA LYS B 909 -8.63 50.09 -10.56
C LYS B 909 -8.47 50.26 -9.06
N ASP B 910 -7.23 50.12 -8.57
CA ASP B 910 -6.87 50.46 -7.20
C ASP B 910 -7.72 49.66 -6.20
N LEU B 911 -7.52 48.35 -6.20
CA LEU B 911 -8.26 47.44 -5.35
C LEU B 911 -7.33 46.42 -4.72
N PRO B 912 -7.75 45.75 -3.65
CA PRO B 912 -6.95 44.66 -3.09
C PRO B 912 -6.92 43.48 -4.05
N PRO B 913 -6.35 42.35 -3.65
CA PRO B 913 -6.32 41.18 -4.54
C PRO B 913 -7.68 40.88 -5.14
N ILE B 914 -7.71 40.77 -6.47
CA ILE B 914 -8.95 40.63 -7.22
C ILE B 914 -8.79 39.53 -8.25
N LEU B 915 -9.82 38.69 -8.36
CA LEU B 915 -9.84 37.57 -9.30
C LEU B 915 -11.09 37.67 -10.17
N LEU B 916 -10.93 37.35 -11.45
CA LEU B 916 -12.03 37.30 -12.40
C LEU B 916 -12.08 35.89 -12.98
N VAL B 917 -13.16 35.18 -12.71
CA VAL B 917 -13.28 33.76 -13.03
C VAL B 917 -14.53 33.54 -13.87
N ARG B 918 -14.37 32.88 -15.01
CA ARG B 918 -15.49 32.45 -15.84
C ARG B 918 -15.35 30.98 -16.15
N GLY B 919 -16.42 30.21 -15.94
CA GLY B 919 -16.41 28.80 -16.20
C GLY B 919 -16.53 28.49 -17.69
N ASN B 920 -16.57 27.19 -17.98
CA ASN B 920 -16.62 26.71 -19.35
C ASN B 920 -18.04 26.40 -19.82
N HIS B 921 -19.05 26.80 -19.05
CA HIS B 921 -20.45 26.56 -19.38
C HIS B 921 -20.79 25.06 -19.38
N GLN B 922 -19.96 24.24 -18.75
CA GLN B 922 -20.20 22.81 -18.63
C GLN B 922 -20.32 22.45 -17.16
N SER B 923 -21.36 21.67 -16.83
CA SER B 923 -21.63 21.29 -15.45
C SER B 923 -20.45 20.56 -14.84
#